data_1LHS
# 
_entry.id   1LHS 
# 
_audit_conform.dict_name       mmcif_pdbx.dic 
_audit_conform.dict_version    5.386 
_audit_conform.dict_location   http://mmcif.pdb.org/dictionaries/ascii/mmcif_pdbx.dic 
# 
loop_
_database_2.database_id 
_database_2.database_code 
_database_2.pdbx_database_accession 
_database_2.pdbx_DOI 
PDB   1LHS         pdb_00001lhs 10.2210/pdb1lhs/pdb 
WWPDB D_1000174726 ?            ?                   
# 
loop_
_pdbx_audit_revision_history.ordinal 
_pdbx_audit_revision_history.data_content_type 
_pdbx_audit_revision_history.major_revision 
_pdbx_audit_revision_history.minor_revision 
_pdbx_audit_revision_history.revision_date 
1 'Structure model' 1 0 1995-06-03 
2 'Structure model' 1 1 2008-03-24 
3 'Structure model' 1 2 2011-07-13 
4 'Structure model' 1 3 2012-02-22 
5 'Structure model' 1 4 2024-02-14 
# 
_pdbx_audit_revision_details.ordinal             1 
_pdbx_audit_revision_details.revision_ordinal    1 
_pdbx_audit_revision_details.data_content_type   'Structure model' 
_pdbx_audit_revision_details.provider            repository 
_pdbx_audit_revision_details.type                'Initial release' 
_pdbx_audit_revision_details.description         ? 
_pdbx_audit_revision_details.details             ? 
# 
loop_
_pdbx_audit_revision_group.ordinal 
_pdbx_audit_revision_group.revision_ordinal 
_pdbx_audit_revision_group.data_content_type 
_pdbx_audit_revision_group.group 
1 2 'Structure model' 'Version format compliance' 
2 3 'Structure model' 'Version format compliance' 
3 4 'Structure model' 'Database references'       
4 5 'Structure model' 'Data collection'           
5 5 'Structure model' 'Database references'       
6 5 'Structure model' 'Derived calculations'      
7 5 'Structure model' Other                       
# 
loop_
_pdbx_audit_revision_category.ordinal 
_pdbx_audit_revision_category.revision_ordinal 
_pdbx_audit_revision_category.data_content_type 
_pdbx_audit_revision_category.category 
1 5 'Structure model' chem_comp_atom       
2 5 'Structure model' chem_comp_bond       
3 5 'Structure model' database_2           
4 5 'Structure model' pdbx_database_status 
5 5 'Structure model' struct_conn          
6 5 'Structure model' struct_site          
# 
loop_
_pdbx_audit_revision_item.ordinal 
_pdbx_audit_revision_item.revision_ordinal 
_pdbx_audit_revision_item.data_content_type 
_pdbx_audit_revision_item.item 
1  5 'Structure model' '_database_2.pdbx_DOI'                
2  5 'Structure model' '_database_2.pdbx_database_accession' 
3  5 'Structure model' '_pdbx_database_status.process_site'  
4  5 'Structure model' '_struct_conn.ptnr1_auth_comp_id'     
5  5 'Structure model' '_struct_conn.ptnr1_auth_seq_id'      
6  5 'Structure model' '_struct_conn.ptnr1_label_asym_id'    
7  5 'Structure model' '_struct_conn.ptnr1_label_atom_id'    
8  5 'Structure model' '_struct_conn.ptnr1_label_comp_id'    
9  5 'Structure model' '_struct_conn.ptnr1_label_seq_id'     
10 5 'Structure model' '_struct_conn.ptnr2_auth_comp_id'     
11 5 'Structure model' '_struct_conn.ptnr2_auth_seq_id'      
12 5 'Structure model' '_struct_conn.ptnr2_label_asym_id'    
13 5 'Structure model' '_struct_conn.ptnr2_label_atom_id'    
14 5 'Structure model' '_struct_conn.ptnr2_label_comp_id'    
15 5 'Structure model' '_struct_conn.ptnr2_label_seq_id'     
16 5 'Structure model' '_struct_site.pdbx_auth_asym_id'      
17 5 'Structure model' '_struct_site.pdbx_auth_comp_id'      
18 5 'Structure model' '_struct_site.pdbx_auth_seq_id'       
# 
_pdbx_database_status.status_code                     REL 
_pdbx_database_status.entry_id                        1LHS 
_pdbx_database_status.recvd_initial_deposition_date   1995-02-01 
_pdbx_database_status.deposit_site                    ? 
_pdbx_database_status.process_site                    BNL 
_pdbx_database_status.SG_entry                        . 
_pdbx_database_status.status_code_sf                  ? 
_pdbx_database_status.status_code_mr                  ? 
_pdbx_database_status.status_code_cs                  ? 
_pdbx_database_status.methods_development_category    ? 
_pdbx_database_status.pdb_format_compatible           Y 
_pdbx_database_status.status_code_nmr_data            ? 
# 
loop_
_audit_author.name 
_audit_author.pdbx_ordinal 
'Nardini, M.'     1  
'Tarricone, C.'   2  
'Lania, A.'       3  
'Desideri, A.'    4  
'De Sanctis, G.'  5  
'Coletta, M.'     6  
'Petruzzelli, R.' 7  
'Ascenzi, P.'     8  
'Coda, A.'        9  
'Bolognesi, M.'   10 
# 
loop_
_citation.id 
_citation.title 
_citation.journal_abbrev 
_citation.journal_volume 
_citation.page_first 
_citation.page_last 
_citation.year 
_citation.journal_id_ASTM 
_citation.country 
_citation.journal_id_ISSN 
_citation.journal_id_CSD 
_citation.book_publisher 
_citation.pdbx_database_id_PubMed 
_citation.pdbx_database_id_DOI 
primary 
;Reptile heme protein structure: X-ray crystallographic study of the aquo-met and cyano-met derivatives of the loggerhead sea turtle (Caretta caretta) myoglobin at 2.0 A resolution.
;
J.Mol.Biol.           247 459 465 1995 JMOBAK UK 0022-2836 0070 ? 7714901 10.1006/jmbi.1994.0153 
1       'X-Ray Crystal Structure of Aplysia Limacina Myoglobin in Different Liganded States' J.Mol.Biol.           233 498 ?   
1993 JMOBAK UK 0022-2836 0070 ? ?       ?                      
2       'Structural Studies on the Loggerhead Sea Turtle (Caretta Caretta) Myoglobin' Biochem.Mol.Biol.Int. 31  19  ?   1993 
BMBIES AT 1039-9712 2062 ? ?       ?                      
# 
loop_
_citation_author.citation_id 
_citation_author.name 
_citation_author.ordinal 
_citation_author.identifier_ORCID 
primary 'Nardini, M.'     1  ? 
primary 'Tarricone, C.'   2  ? 
primary 'Rizzi, M.'       3  ? 
primary 'Lania, A.'       4  ? 
primary 'Desideri, A.'    5  ? 
primary 'De Sanctis, G.'  6  ? 
primary 'Coletta, M.'     7  ? 
primary 'Petruzzelli, R.' 8  ? 
primary 'Ascenzi, P.'     9  ? 
primary 'Coda, A.'        10 ? 
primary 'Bolognesi, M.'   11 ? 
1       'Conti, E.'       12 ? 
1       'Moser, C.'       13 ? 
1       'Rizzi, M.'       14 ? 
1       'Mattevi, A.'     15 ? 
1       'Lionetti, C.'    16 ? 
1       'Coda, A.'        17 ? 
1       'Ascenzi, P.'     18 ? 
1       'Brunori, M.'     19 ? 
1       'Bolognesi, M.'   20 ? 
2       'Petruzzelli, R.' 21 ? 
2       'Aureli, G.'      22 ? 
2       'Casale, E.'      23 ? 
2       'Nardini, M.'     24 ? 
2       'Rizzi, M.'       25 ? 
2       'Ascenzi, P.'     26 ? 
2       'Coletta, M.'     27 ? 
2       'De Sanctis, G.'  28 ? 
2       'Desideri, A.'    29 ? 
2       'Galtieri, A.'    30 ? 
2       'Bolognesi, M.'   31 ? 
# 
loop_
_entity.id 
_entity.type 
_entity.src_method 
_entity.pdbx_description 
_entity.formula_weight 
_entity.pdbx_number_of_molecules 
_entity.pdbx_ec 
_entity.pdbx_mutation 
_entity.pdbx_fragment 
_entity.details 
1 polymer     man MYOGLOBIN                         17420.980 1  ? ? ? ? 
2 non-polymer syn 'PROTOPORPHYRIN IX CONTAINING FE' 616.487   1  ? ? ? ? 
3 water       nat water                             18.015    63 ? ? ? ? 
# 
_entity_poly.entity_id                      1 
_entity_poly.type                           'polypeptide(L)' 
_entity_poly.nstd_linkage                   no 
_entity_poly.nstd_monomer                   no 
_entity_poly.pdbx_seq_one_letter_code       
;GLSDDEWNHVLGIWAKVEPDLSAHGQEVIIRLFQLHPETQERFAKFKNLTTIDALKSSEEVKKHGTTVLTALGRILKQKN
NHEQELKPLAESHATKHKIPVKYLEFICEIIVKVIAEKHPSDFGADSQAAMKKALELFRNDMASKYKEFGFQG
;
_entity_poly.pdbx_seq_one_letter_code_can   
;GLSDDEWNHVLGIWAKVEPDLSAHGQEVIIRLFQLHPETQERFAKFKNLTTIDALKSSEEVKKHGTTVLTALGRILKQKN
NHEQELKPLAESHATKHKIPVKYLEFICEIIVKVIAEKHPSDFGADSQAAMKKALELFRNDMASKYKEFGFQG
;
_entity_poly.pdbx_strand_id                 A 
_entity_poly.pdbx_target_identifier         ? 
# 
loop_
_pdbx_entity_nonpoly.entity_id 
_pdbx_entity_nonpoly.name 
_pdbx_entity_nonpoly.comp_id 
2 'PROTOPORPHYRIN IX CONTAINING FE' HEM 
3 water                             HOH 
# 
loop_
_entity_poly_seq.entity_id 
_entity_poly_seq.num 
_entity_poly_seq.mon_id 
_entity_poly_seq.hetero 
1 1   GLY n 
1 2   LEU n 
1 3   SER n 
1 4   ASP n 
1 5   ASP n 
1 6   GLU n 
1 7   TRP n 
1 8   ASN n 
1 9   HIS n 
1 10  VAL n 
1 11  LEU n 
1 12  GLY n 
1 13  ILE n 
1 14  TRP n 
1 15  ALA n 
1 16  LYS n 
1 17  VAL n 
1 18  GLU n 
1 19  PRO n 
1 20  ASP n 
1 21  LEU n 
1 22  SER n 
1 23  ALA n 
1 24  HIS n 
1 25  GLY n 
1 26  GLN n 
1 27  GLU n 
1 28  VAL n 
1 29  ILE n 
1 30  ILE n 
1 31  ARG n 
1 32  LEU n 
1 33  PHE n 
1 34  GLN n 
1 35  LEU n 
1 36  HIS n 
1 37  PRO n 
1 38  GLU n 
1 39  THR n 
1 40  GLN n 
1 41  GLU n 
1 42  ARG n 
1 43  PHE n 
1 44  ALA n 
1 45  LYS n 
1 46  PHE n 
1 47  LYS n 
1 48  ASN n 
1 49  LEU n 
1 50  THR n 
1 51  THR n 
1 52  ILE n 
1 53  ASP n 
1 54  ALA n 
1 55  LEU n 
1 56  LYS n 
1 57  SER n 
1 58  SER n 
1 59  GLU n 
1 60  GLU n 
1 61  VAL n 
1 62  LYS n 
1 63  LYS n 
1 64  HIS n 
1 65  GLY n 
1 66  THR n 
1 67  THR n 
1 68  VAL n 
1 69  LEU n 
1 70  THR n 
1 71  ALA n 
1 72  LEU n 
1 73  GLY n 
1 74  ARG n 
1 75  ILE n 
1 76  LEU n 
1 77  LYS n 
1 78  GLN n 
1 79  LYS n 
1 80  ASN n 
1 81  ASN n 
1 82  HIS n 
1 83  GLU n 
1 84  GLN n 
1 85  GLU n 
1 86  LEU n 
1 87  LYS n 
1 88  PRO n 
1 89  LEU n 
1 90  ALA n 
1 91  GLU n 
1 92  SER n 
1 93  HIS n 
1 94  ALA n 
1 95  THR n 
1 96  LYS n 
1 97  HIS n 
1 98  LYS n 
1 99  ILE n 
1 100 PRO n 
1 101 VAL n 
1 102 LYS n 
1 103 TYR n 
1 104 LEU n 
1 105 GLU n 
1 106 PHE n 
1 107 ILE n 
1 108 CYS n 
1 109 GLU n 
1 110 ILE n 
1 111 ILE n 
1 112 VAL n 
1 113 LYS n 
1 114 VAL n 
1 115 ILE n 
1 116 ALA n 
1 117 GLU n 
1 118 LYS n 
1 119 HIS n 
1 120 PRO n 
1 121 SER n 
1 122 ASP n 
1 123 PHE n 
1 124 GLY n 
1 125 ALA n 
1 126 ASP n 
1 127 SER n 
1 128 GLN n 
1 129 ALA n 
1 130 ALA n 
1 131 MET n 
1 132 LYS n 
1 133 LYS n 
1 134 ALA n 
1 135 LEU n 
1 136 GLU n 
1 137 LEU n 
1 138 PHE n 
1 139 ARG n 
1 140 ASN n 
1 141 ASP n 
1 142 MET n 
1 143 ALA n 
1 144 SER n 
1 145 LYS n 
1 146 TYR n 
1 147 LYS n 
1 148 GLU n 
1 149 PHE n 
1 150 GLY n 
1 151 PHE n 
1 152 GLN n 
1 153 GLY n 
# 
_entity_src_gen.entity_id                          1 
_entity_src_gen.pdbx_src_id                        1 
_entity_src_gen.pdbx_alt_source_flag               sample 
_entity_src_gen.pdbx_seq_type                      ? 
_entity_src_gen.pdbx_beg_seq_num                   ? 
_entity_src_gen.pdbx_end_seq_num                   ? 
_entity_src_gen.gene_src_common_name               'Loggerhead turtle' 
_entity_src_gen.gene_src_genus                     Caretta 
_entity_src_gen.pdbx_gene_src_gene                 ? 
_entity_src_gen.gene_src_species                   ? 
_entity_src_gen.gene_src_strain                    ? 
_entity_src_gen.gene_src_tissue                    ? 
_entity_src_gen.gene_src_tissue_fraction           ? 
_entity_src_gen.gene_src_details                   ? 
_entity_src_gen.pdbx_gene_src_fragment             ? 
_entity_src_gen.pdbx_gene_src_scientific_name      'Caretta caretta' 
_entity_src_gen.pdbx_gene_src_ncbi_taxonomy_id     8467 
_entity_src_gen.pdbx_gene_src_variant              ? 
_entity_src_gen.pdbx_gene_src_cell_line            ? 
_entity_src_gen.pdbx_gene_src_atcc                 ? 
_entity_src_gen.pdbx_gene_src_organ                ? 
_entity_src_gen.pdbx_gene_src_organelle            ? 
_entity_src_gen.pdbx_gene_src_cell                 ? 
_entity_src_gen.pdbx_gene_src_cellular_location    ? 
_entity_src_gen.host_org_common_name               ? 
_entity_src_gen.pdbx_host_org_scientific_name      ? 
_entity_src_gen.pdbx_host_org_ncbi_taxonomy_id     ? 
_entity_src_gen.host_org_genus                     ? 
_entity_src_gen.pdbx_host_org_gene                 ? 
_entity_src_gen.pdbx_host_org_organ                ? 
_entity_src_gen.host_org_species                   ? 
_entity_src_gen.pdbx_host_org_tissue               ? 
_entity_src_gen.pdbx_host_org_tissue_fraction      ? 
_entity_src_gen.pdbx_host_org_strain               ? 
_entity_src_gen.pdbx_host_org_variant              ? 
_entity_src_gen.pdbx_host_org_cell_line            ? 
_entity_src_gen.pdbx_host_org_atcc                 ? 
_entity_src_gen.pdbx_host_org_culture_collection   ? 
_entity_src_gen.pdbx_host_org_cell                 ? 
_entity_src_gen.pdbx_host_org_organelle            ? 
_entity_src_gen.pdbx_host_org_cellular_location    ? 
_entity_src_gen.pdbx_host_org_vector_type          ? 
_entity_src_gen.pdbx_host_org_vector               ? 
_entity_src_gen.host_org_details                   ? 
_entity_src_gen.expression_system_id               ? 
_entity_src_gen.plasmid_name                       ? 
_entity_src_gen.plasmid_details                    ? 
_entity_src_gen.pdbx_description                   ? 
# 
loop_
_chem_comp.id 
_chem_comp.type 
_chem_comp.mon_nstd_flag 
_chem_comp.name 
_chem_comp.pdbx_synonyms 
_chem_comp.formula 
_chem_comp.formula_weight 
ALA 'L-peptide linking' y ALANINE                           ?    'C3 H7 N O2'       89.093  
ARG 'L-peptide linking' y ARGININE                          ?    'C6 H15 N4 O2 1'   175.209 
ASN 'L-peptide linking' y ASPARAGINE                        ?    'C4 H8 N2 O3'      132.118 
ASP 'L-peptide linking' y 'ASPARTIC ACID'                   ?    'C4 H7 N O4'       133.103 
CYS 'L-peptide linking' y CYSTEINE                          ?    'C3 H7 N O2 S'     121.158 
GLN 'L-peptide linking' y GLUTAMINE                         ?    'C5 H10 N2 O3'     146.144 
GLU 'L-peptide linking' y 'GLUTAMIC ACID'                   ?    'C5 H9 N O4'       147.129 
GLY 'peptide linking'   y GLYCINE                           ?    'C2 H5 N O2'       75.067  
HEM non-polymer         . 'PROTOPORPHYRIN IX CONTAINING FE' HEME 'C34 H32 Fe N4 O4' 616.487 
HIS 'L-peptide linking' y HISTIDINE                         ?    'C6 H10 N3 O2 1'   156.162 
HOH non-polymer         . WATER                             ?    'H2 O'             18.015  
ILE 'L-peptide linking' y ISOLEUCINE                        ?    'C6 H13 N O2'      131.173 
LEU 'L-peptide linking' y LEUCINE                           ?    'C6 H13 N O2'      131.173 
LYS 'L-peptide linking' y LYSINE                            ?    'C6 H15 N2 O2 1'   147.195 
MET 'L-peptide linking' y METHIONINE                        ?    'C5 H11 N O2 S'    149.211 
PHE 'L-peptide linking' y PHENYLALANINE                     ?    'C9 H11 N O2'      165.189 
PRO 'L-peptide linking' y PROLINE                           ?    'C5 H9 N O2'       115.130 
SER 'L-peptide linking' y SERINE                            ?    'C3 H7 N O3'       105.093 
THR 'L-peptide linking' y THREONINE                         ?    'C4 H9 N O3'       119.119 
TRP 'L-peptide linking' y TRYPTOPHAN                        ?    'C11 H12 N2 O2'    204.225 
TYR 'L-peptide linking' y TYROSINE                          ?    'C9 H11 N O3'      181.189 
VAL 'L-peptide linking' y VALINE                            ?    'C5 H11 N O2'      117.146 
# 
loop_
_pdbx_poly_seq_scheme.asym_id 
_pdbx_poly_seq_scheme.entity_id 
_pdbx_poly_seq_scheme.seq_id 
_pdbx_poly_seq_scheme.mon_id 
_pdbx_poly_seq_scheme.ndb_seq_num 
_pdbx_poly_seq_scheme.pdb_seq_num 
_pdbx_poly_seq_scheme.auth_seq_num 
_pdbx_poly_seq_scheme.pdb_mon_id 
_pdbx_poly_seq_scheme.auth_mon_id 
_pdbx_poly_seq_scheme.pdb_strand_id 
_pdbx_poly_seq_scheme.pdb_ins_code 
_pdbx_poly_seq_scheme.hetero 
A 1 1   GLY 1   1   1   GLY GLY A . n 
A 1 2   LEU 2   2   2   LEU LEU A . n 
A 1 3   SER 3   3   3   SER SER A . n 
A 1 4   ASP 4   4   4   ASP ASP A . n 
A 1 5   ASP 5   5   5   ASP ASP A . n 
A 1 6   GLU 6   6   6   GLU GLU A . n 
A 1 7   TRP 7   7   7   TRP TRP A . n 
A 1 8   ASN 8   8   8   ASN ASN A . n 
A 1 9   HIS 9   9   9   HIS HIS A . n 
A 1 10  VAL 10  10  10  VAL VAL A . n 
A 1 11  LEU 11  11  11  LEU LEU A . n 
A 1 12  GLY 12  12  12  GLY GLY A . n 
A 1 13  ILE 13  13  13  ILE ILE A . n 
A 1 14  TRP 14  14  14  TRP TRP A . n 
A 1 15  ALA 15  15  15  ALA ALA A . n 
A 1 16  LYS 16  16  16  LYS LYS A . n 
A 1 17  VAL 17  17  17  VAL VAL A . n 
A 1 18  GLU 18  18  18  GLU GLU A . n 
A 1 19  PRO 19  19  19  PRO PRO A . n 
A 1 20  ASP 20  20  20  ASP ASP A . n 
A 1 21  LEU 21  21  21  LEU LEU A . n 
A 1 22  SER 22  22  22  SER SER A . n 
A 1 23  ALA 23  23  23  ALA ALA A . n 
A 1 24  HIS 24  24  24  HIS HIS A . n 
A 1 25  GLY 25  25  25  GLY GLY A . n 
A 1 26  GLN 26  26  26  GLN GLN A . n 
A 1 27  GLU 27  27  27  GLU GLU A . n 
A 1 28  VAL 28  28  28  VAL VAL A . n 
A 1 29  ILE 29  29  29  ILE ILE A . n 
A 1 30  ILE 30  30  30  ILE ILE A . n 
A 1 31  ARG 31  31  31  ARG ARG A . n 
A 1 32  LEU 32  32  32  LEU LEU A . n 
A 1 33  PHE 33  33  33  PHE PHE A . n 
A 1 34  GLN 34  34  34  GLN GLN A . n 
A 1 35  LEU 35  35  35  LEU LEU A . n 
A 1 36  HIS 36  36  36  HIS HIS A . n 
A 1 37  PRO 37  37  37  PRO PRO A . n 
A 1 38  GLU 38  38  38  GLU GLU A . n 
A 1 39  THR 39  39  39  THR THR A . n 
A 1 40  GLN 40  40  40  GLN GLN A . n 
A 1 41  GLU 41  41  41  GLU GLU A . n 
A 1 42  ARG 42  42  42  ARG ARG A . n 
A 1 43  PHE 43  43  43  PHE PHE A . n 
A 1 44  ALA 44  44  44  ALA ALA A . n 
A 1 45  LYS 45  45  45  LYS LYS A . n 
A 1 46  PHE 46  46  46  PHE PHE A . n 
A 1 47  LYS 47  47  47  LYS LYS A . n 
A 1 48  ASN 48  48  48  ASN ASN A . n 
A 1 49  LEU 49  49  49  LEU LEU A . n 
A 1 50  THR 50  50  50  THR THR A . n 
A 1 51  THR 51  51  51  THR THR A . n 
A 1 52  ILE 52  52  52  ILE ILE A . n 
A 1 53  ASP 53  53  53  ASP ASP A . n 
A 1 54  ALA 54  54  54  ALA ALA A . n 
A 1 55  LEU 55  55  55  LEU LEU A . n 
A 1 56  LYS 56  56  56  LYS LYS A . n 
A 1 57  SER 57  57  57  SER SER A . n 
A 1 58  SER 58  58  58  SER SER A . n 
A 1 59  GLU 59  59  59  GLU GLU A . n 
A 1 60  GLU 60  60  60  GLU GLU A . n 
A 1 61  VAL 61  61  61  VAL VAL A . n 
A 1 62  LYS 62  62  62  LYS LYS A . n 
A 1 63  LYS 63  63  63  LYS LYS A . n 
A 1 64  HIS 64  64  64  HIS HIS A . n 
A 1 65  GLY 65  65  65  GLY GLY A . n 
A 1 66  THR 66  66  66  THR THR A . n 
A 1 67  THR 67  67  67  THR THR A . n 
A 1 68  VAL 68  68  68  VAL VAL A . n 
A 1 69  LEU 69  69  69  LEU LEU A . n 
A 1 70  THR 70  70  70  THR THR A . n 
A 1 71  ALA 71  71  71  ALA ALA A . n 
A 1 72  LEU 72  72  72  LEU LEU A . n 
A 1 73  GLY 73  73  73  GLY GLY A . n 
A 1 74  ARG 74  74  74  ARG ARG A . n 
A 1 75  ILE 75  75  75  ILE ILE A . n 
A 1 76  LEU 76  76  76  LEU LEU A . n 
A 1 77  LYS 77  77  77  LYS LYS A . n 
A 1 78  GLN 78  78  78  GLN GLN A . n 
A 1 79  LYS 79  79  79  LYS LYS A . n 
A 1 80  ASN 80  80  80  ASN ASN A . n 
A 1 81  ASN 81  81  81  ASN ASN A . n 
A 1 82  HIS 82  82  82  HIS HIS A . n 
A 1 83  GLU 83  83  83  GLU GLU A . n 
A 1 84  GLN 84  84  84  GLN GLN A . n 
A 1 85  GLU 85  85  85  GLU GLU A . n 
A 1 86  LEU 86  86  86  LEU LEU A . n 
A 1 87  LYS 87  87  87  LYS LYS A . n 
A 1 88  PRO 88  88  88  PRO PRO A . n 
A 1 89  LEU 89  89  89  LEU LEU A . n 
A 1 90  ALA 90  90  90  ALA ALA A . n 
A 1 91  GLU 91  91  91  GLU GLU A . n 
A 1 92  SER 92  92  92  SER SER A . n 
A 1 93  HIS 93  93  93  HIS HIS A . n 
A 1 94  ALA 94  94  94  ALA ALA A . n 
A 1 95  THR 95  95  95  THR THR A . n 
A 1 96  LYS 96  96  96  LYS LYS A . n 
A 1 97  HIS 97  97  97  HIS HIS A . n 
A 1 98  LYS 98  98  98  LYS LYS A . n 
A 1 99  ILE 99  99  99  ILE ILE A . n 
A 1 100 PRO 100 100 100 PRO PRO A . n 
A 1 101 VAL 101 101 101 VAL VAL A . n 
A 1 102 LYS 102 102 102 LYS LYS A . n 
A 1 103 TYR 103 103 103 TYR TYR A . n 
A 1 104 LEU 104 104 104 LEU LEU A . n 
A 1 105 GLU 105 105 105 GLU GLU A . n 
A 1 106 PHE 106 106 106 PHE PHE A . n 
A 1 107 ILE 107 107 107 ILE ILE A . n 
A 1 108 CYS 108 108 108 CYS CYS A . n 
A 1 109 GLU 109 109 109 GLU GLU A . n 
A 1 110 ILE 110 110 110 ILE ILE A . n 
A 1 111 ILE 111 111 111 ILE ILE A . n 
A 1 112 VAL 112 112 112 VAL VAL A . n 
A 1 113 LYS 113 113 113 LYS LYS A . n 
A 1 114 VAL 114 114 114 VAL VAL A . n 
A 1 115 ILE 115 115 115 ILE ILE A . n 
A 1 116 ALA 116 116 116 ALA ALA A . n 
A 1 117 GLU 117 117 117 GLU GLU A . n 
A 1 118 LYS 118 118 118 LYS LYS A . n 
A 1 119 HIS 119 119 119 HIS HIS A . n 
A 1 120 PRO 120 120 120 PRO PRO A . n 
A 1 121 SER 121 121 121 SER SER A . n 
A 1 122 ASP 122 122 122 ASP ASP A . n 
A 1 123 PHE 123 123 123 PHE PHE A . n 
A 1 124 GLY 124 124 124 GLY GLY A . n 
A 1 125 ALA 125 125 125 ALA ALA A . n 
A 1 126 ASP 126 126 126 ASP ASP A . n 
A 1 127 SER 127 127 127 SER SER A . n 
A 1 128 GLN 128 128 128 GLN GLN A . n 
A 1 129 ALA 129 129 129 ALA ALA A . n 
A 1 130 ALA 130 130 130 ALA ALA A . n 
A 1 131 MET 131 131 131 MET MET A . n 
A 1 132 LYS 132 132 132 LYS LYS A . n 
A 1 133 LYS 133 133 133 LYS LYS A . n 
A 1 134 ALA 134 134 134 ALA ALA A . n 
A 1 135 LEU 135 135 135 LEU LEU A . n 
A 1 136 GLU 136 136 136 GLU GLU A . n 
A 1 137 LEU 137 137 137 LEU LEU A . n 
A 1 138 PHE 138 138 138 PHE PHE A . n 
A 1 139 ARG 139 139 139 ARG ARG A . n 
A 1 140 ASN 140 140 140 ASN ASN A . n 
A 1 141 ASP 141 141 141 ASP ASP A . n 
A 1 142 MET 142 142 142 MET MET A . n 
A 1 143 ALA 143 143 143 ALA ALA A . n 
A 1 144 SER 144 144 144 SER SER A . n 
A 1 145 LYS 145 145 145 LYS LYS A . n 
A 1 146 TYR 146 146 146 TYR TYR A . n 
A 1 147 LYS 147 147 147 LYS LYS A . n 
A 1 148 GLU 148 148 148 GLU GLU A . n 
A 1 149 PHE 149 149 149 PHE PHE A . n 
A 1 150 GLY 150 150 150 GLY GLY A . n 
A 1 151 PHE 151 151 151 PHE PHE A . n 
A 1 152 GLN 152 152 152 GLN GLN A . n 
A 1 153 GLY 153 153 153 GLY GLY A . n 
# 
loop_
_pdbx_nonpoly_scheme.asym_id 
_pdbx_nonpoly_scheme.entity_id 
_pdbx_nonpoly_scheme.mon_id 
_pdbx_nonpoly_scheme.ndb_seq_num 
_pdbx_nonpoly_scheme.pdb_seq_num 
_pdbx_nonpoly_scheme.auth_seq_num 
_pdbx_nonpoly_scheme.pdb_mon_id 
_pdbx_nonpoly_scheme.auth_mon_id 
_pdbx_nonpoly_scheme.pdb_strand_id 
_pdbx_nonpoly_scheme.pdb_ins_code 
B 2 HEM 1  155 155 HEM HEM A . 
C 3 HOH 1  201 201 HOH HOH A . 
C 3 HOH 2  202 202 HOH HOH A . 
C 3 HOH 3  203 203 HOH HOH A . 
C 3 HOH 4  204 204 HOH HOH A . 
C 3 HOH 5  205 205 HOH HOH A . 
C 3 HOH 6  206 206 HOH HOH A . 
C 3 HOH 7  209 209 HOH HOH A . 
C 3 HOH 8  213 213 HOH HOH A . 
C 3 HOH 9  214 214 HOH HOH A . 
C 3 HOH 10 216 216 HOH HOH A . 
C 3 HOH 11 218 218 HOH HOH A . 
C 3 HOH 12 221 221 HOH HOH A . 
C 3 HOH 13 224 224 HOH HOH A . 
C 3 HOH 14 225 225 HOH HOH A . 
C 3 HOH 15 226 226 HOH HOH A . 
C 3 HOH 16 227 227 HOH HOH A . 
C 3 HOH 17 228 228 HOH HOH A . 
C 3 HOH 18 229 229 HOH HOH A . 
C 3 HOH 19 230 230 HOH HOH A . 
C 3 HOH 20 231 231 HOH HOH A . 
C 3 HOH 21 232 232 HOH HOH A . 
C 3 HOH 22 234 234 HOH HOH A . 
C 3 HOH 23 237 237 HOH HOH A . 
C 3 HOH 24 238 238 HOH HOH A . 
C 3 HOH 25 240 240 HOH HOH A . 
C 3 HOH 26 245 245 HOH HOH A . 
C 3 HOH 27 249 249 HOH HOH A . 
C 3 HOH 28 250 250 HOH HOH A . 
C 3 HOH 29 251 251 HOH HOH A . 
C 3 HOH 30 259 259 HOH HOH A . 
C 3 HOH 31 261 261 HOH HOH A . 
C 3 HOH 32 263 263 HOH HOH A . 
C 3 HOH 33 267 267 HOH HOH A . 
C 3 HOH 34 269 269 HOH HOH A . 
C 3 HOH 35 271 271 HOH HOH A . 
C 3 HOH 36 282 282 HOH HOH A . 
C 3 HOH 37 283 283 HOH HOH A . 
C 3 HOH 38 285 285 HOH HOH A . 
C 3 HOH 39 287 287 HOH HOH A . 
C 3 HOH 40 289 289 HOH HOH A . 
C 3 HOH 41 291 291 HOH HOH A . 
C 3 HOH 42 297 297 HOH HOH A . 
C 3 HOH 43 299 299 HOH HOH A . 
C 3 HOH 44 301 301 HOH HOH A . 
C 3 HOH 45 302 302 HOH HOH A . 
C 3 HOH 46 307 307 HOH HOH A . 
C 3 HOH 47 312 312 HOH HOH A . 
C 3 HOH 48 315 315 HOH HOH A . 
C 3 HOH 49 316 316 HOH HOH A . 
C 3 HOH 50 318 318 HOH HOH A . 
C 3 HOH 51 323 323 HOH HOH A . 
C 3 HOH 52 325 325 HOH HOH A . 
C 3 HOH 53 326 326 HOH HOH A . 
C 3 HOH 54 328 328 HOH HOH A . 
C 3 HOH 55 329 329 HOH HOH A . 
C 3 HOH 56 330 330 HOH HOH A . 
C 3 HOH 57 331 331 HOH HOH A . 
C 3 HOH 58 332 332 HOH HOH A . 
C 3 HOH 59 333 333 HOH HOH A . 
C 3 HOH 60 334 334 HOH HOH A . 
C 3 HOH 61 335 335 HOH HOH A . 
C 3 HOH 62 336 336 HOH HOH A . 
C 3 HOH 63 337 337 HOH HOH A . 
# 
loop_
_pdbx_unobs_or_zero_occ_atoms.id 
_pdbx_unobs_or_zero_occ_atoms.PDB_model_num 
_pdbx_unobs_or_zero_occ_atoms.polymer_flag 
_pdbx_unobs_or_zero_occ_atoms.occupancy_flag 
_pdbx_unobs_or_zero_occ_atoms.auth_asym_id 
_pdbx_unobs_or_zero_occ_atoms.auth_comp_id 
_pdbx_unobs_or_zero_occ_atoms.auth_seq_id 
_pdbx_unobs_or_zero_occ_atoms.PDB_ins_code 
_pdbx_unobs_or_zero_occ_atoms.auth_atom_id 
_pdbx_unobs_or_zero_occ_atoms.label_alt_id 
_pdbx_unobs_or_zero_occ_atoms.label_asym_id 
_pdbx_unobs_or_zero_occ_atoms.label_comp_id 
_pdbx_unobs_or_zero_occ_atoms.label_seq_id 
_pdbx_unobs_or_zero_occ_atoms.label_atom_id 
1  1 Y 1 A ASP 5   ? OD1 ? A ASP 5   OD1 
2  1 Y 1 A ASP 5   ? OD2 ? A ASP 5   OD2 
3  1 Y 1 A ARG 31  ? CD  ? A ARG 31  CD  
4  1 Y 1 A ARG 31  ? NE  ? A ARG 31  NE  
5  1 Y 1 A ARG 31  ? CZ  ? A ARG 31  CZ  
6  1 Y 1 A ARG 31  ? NH1 ? A ARG 31  NH1 
7  1 Y 1 A ARG 31  ? NH2 ? A ARG 31  NH2 
8  1 Y 1 A GLU 41  ? CG  ? A GLU 41  CG  
9  1 Y 1 A GLU 41  ? CD  ? A GLU 41  CD  
10 1 Y 1 A GLU 41  ? OE1 ? A GLU 41  OE1 
11 1 Y 1 A GLU 41  ? OE2 ? A GLU 41  OE2 
12 1 Y 1 A ARG 42  ? NH2 ? A ARG 42  NH2 
13 1 Y 1 A LYS 45  ? CG  ? A LYS 45  CG  
14 1 Y 1 A LYS 45  ? CD  ? A LYS 45  CD  
15 1 Y 1 A LYS 45  ? CE  ? A LYS 45  CE  
16 1 Y 1 A LYS 45  ? NZ  ? A LYS 45  NZ  
17 1 Y 1 A LYS 47  ? CB  ? A LYS 47  CB  
18 1 Y 1 A LYS 47  ? CG  ? A LYS 47  CG  
19 1 Y 1 A LYS 47  ? CD  ? A LYS 47  CD  
20 1 Y 1 A LYS 47  ? CE  ? A LYS 47  CE  
21 1 Y 1 A LYS 47  ? NZ  ? A LYS 47  NZ  
22 1 Y 1 A ASN 48  ? CB  ? A ASN 48  CB  
23 1 Y 1 A ASN 48  ? CG  ? A ASN 48  CG  
24 1 Y 1 A ASN 48  ? OD1 ? A ASN 48  OD1 
25 1 Y 1 A ASN 48  ? ND2 ? A ASN 48  ND2 
26 1 Y 1 A THR 51  ? OG1 ? A THR 51  OG1 
27 1 Y 1 A THR 51  ? CG2 ? A THR 51  CG2 
28 1 Y 1 A ILE 52  ? CG1 ? A ILE 52  CG1 
29 1 Y 1 A ILE 52  ? CD1 ? A ILE 52  CD1 
30 1 Y 1 A ASP 53  ? CG  ? A ASP 53  CG  
31 1 Y 1 A ASP 53  ? OD1 ? A ASP 53  OD1 
32 1 Y 1 A ASP 53  ? OD2 ? A ASP 53  OD2 
33 1 Y 1 A LYS 56  ? CB  ? A LYS 56  CB  
34 1 Y 1 A LYS 56  ? CG  ? A LYS 56  CG  
35 1 Y 1 A LYS 56  ? CD  ? A LYS 56  CD  
36 1 Y 1 A LYS 56  ? CE  ? A LYS 56  CE  
37 1 Y 1 A LYS 56  ? NZ  ? A LYS 56  NZ  
38 1 Y 1 A GLU 59  ? CG  ? A GLU 59  CG  
39 1 Y 1 A GLU 59  ? CD  ? A GLU 59  CD  
40 1 Y 1 A GLU 59  ? OE1 ? A GLU 59  OE1 
41 1 Y 1 A GLU 59  ? OE2 ? A GLU 59  OE2 
42 1 Y 1 A LYS 62  ? NZ  ? A LYS 62  NZ  
43 1 Y 1 A LYS 63  ? CE  ? A LYS 63  CE  
44 1 Y 1 A LYS 63  ? NZ  ? A LYS 63  NZ  
45 1 Y 1 A GLN 78  ? CD  ? A GLN 78  CD  
46 1 Y 1 A GLN 78  ? OE1 ? A GLN 78  OE1 
47 1 Y 1 A GLN 78  ? NE2 ? A GLN 78  NE2 
48 1 Y 1 A GLU 83  ? CD  ? A GLU 83  CD  
49 1 Y 1 A GLU 83  ? OE1 ? A GLU 83  OE1 
50 1 Y 1 A GLU 83  ? OE2 ? A GLU 83  OE2 
51 1 Y 1 A GLN 84  ? CG  ? A GLN 84  CG  
52 1 Y 1 A GLN 84  ? CD  ? A GLN 84  CD  
53 1 Y 1 A GLN 84  ? OE1 ? A GLN 84  OE1 
54 1 Y 1 A GLN 84  ? NE2 ? A GLN 84  NE2 
55 1 Y 1 A LYS 87  ? CG  ? A LYS 87  CG  
56 1 Y 1 A LYS 87  ? CD  ? A LYS 87  CD  
57 1 Y 1 A LYS 87  ? CE  ? A LYS 87  CE  
58 1 Y 1 A LYS 87  ? NZ  ? A LYS 87  NZ  
59 1 Y 1 A LYS 96  ? CE  ? A LYS 96  CE  
60 1 Y 1 A LYS 96  ? NZ  ? A LYS 96  NZ  
61 1 Y 1 A LYS 98  ? CD  ? A LYS 98  CD  
62 1 Y 1 A LYS 98  ? CE  ? A LYS 98  CE  
63 1 Y 1 A LYS 98  ? NZ  ? A LYS 98  NZ  
64 1 Y 1 A LYS 102 ? CD  ? A LYS 102 CD  
65 1 Y 1 A LYS 102 ? CE  ? A LYS 102 CE  
66 1 Y 1 A LYS 102 ? NZ  ? A LYS 102 NZ  
67 1 Y 1 A GLU 109 ? CG  ? A GLU 109 CG  
68 1 Y 1 A GLU 109 ? CD  ? A GLU 109 CD  
69 1 Y 1 A GLU 109 ? OE1 ? A GLU 109 OE1 
70 1 Y 1 A GLU 109 ? OE2 ? A GLU 109 OE2 
71 1 Y 1 A LYS 113 ? CG  ? A LYS 113 CG  
72 1 Y 1 A LYS 113 ? CD  ? A LYS 113 CD  
73 1 Y 1 A LYS 113 ? CE  ? A LYS 113 CE  
74 1 Y 1 A LYS 113 ? NZ  ? A LYS 113 NZ  
75 1 Y 1 A LYS 132 ? NZ  ? A LYS 132 NZ  
76 1 Y 1 A LYS 133 ? NZ  ? A LYS 133 NZ  
77 1 Y 1 A ARG 139 ? NH2 ? A ARG 139 NH2 
78 1 Y 1 A LYS 145 ? CD  ? A LYS 145 CD  
79 1 Y 1 A LYS 145 ? CE  ? A LYS 145 CE  
80 1 Y 1 A LYS 145 ? NZ  ? A LYS 145 NZ  
81 1 Y 1 A LYS 147 ? CG  ? A LYS 147 CG  
82 1 Y 1 A LYS 147 ? CD  ? A LYS 147 CD  
83 1 Y 1 A LYS 147 ? CE  ? A LYS 147 CE  
84 1 Y 1 A LYS 147 ? NZ  ? A LYS 147 NZ  
85 1 Y 1 A GLN 152 ? CB  ? A GLN 152 CB  
86 1 Y 1 A GLN 152 ? CG  ? A GLN 152 CG  
87 1 Y 1 A GLN 152 ? CD  ? A GLN 152 CD  
88 1 Y 1 A GLN 152 ? OE1 ? A GLN 152 OE1 
89 1 Y 1 A GLN 152 ? NE2 ? A GLN 152 NE2 
# 
loop_
_software.name 
_software.classification 
_software.version 
_software.citation_id 
_software.pdbx_ordinal 
X-PLOR 'model building' 3.1 ? 1 
TNT    refinement       .   ? 2 
X-PLOR refinement       3.1 ? 3 
MOSFLM 'data reduction' .   ? 4 
X-PLOR phasing          3.1 ? 5 
# 
_cell.entry_id           1LHS 
_cell.length_a           37.500 
_cell.length_b           61.100 
_cell.length_c           75.200 
_cell.angle_alpha        90.00 
_cell.angle_beta         90.00 
_cell.angle_gamma        90.00 
_cell.Z_PDB              4 
_cell.pdbx_unique_axis   ? 
_cell.length_a_esd       ? 
_cell.length_b_esd       ? 
_cell.length_c_esd       ? 
_cell.angle_alpha_esd    ? 
_cell.angle_beta_esd     ? 
_cell.angle_gamma_esd    ? 
# 
_symmetry.entry_id                         1LHS 
_symmetry.space_group_name_H-M             'P 21 21 21' 
_symmetry.pdbx_full_space_group_name_H-M   ? 
_symmetry.cell_setting                     ? 
_symmetry.Int_Tables_number                19 
_symmetry.space_group_name_Hall            ? 
# 
_exptl.entry_id          1LHS 
_exptl.method            'X-RAY DIFFRACTION' 
_exptl.crystals_number   ? 
# 
_exptl_crystal.id                    1 
_exptl_crystal.density_meas          ? 
_exptl_crystal.density_Matthews      2.47 
_exptl_crystal.density_percent_sol   50.24 
_exptl_crystal.description           ? 
_exptl_crystal.F_000                 ? 
_exptl_crystal.preparation           ? 
# 
_diffrn.id                     1 
_diffrn.ambient_temp           ? 
_diffrn.ambient_temp_details   ? 
_diffrn.crystal_id             1 
# 
_diffrn_detector.diffrn_id              1 
_diffrn_detector.detector               'IMAGE PLATE' 
_diffrn_detector.type                   RIGAKU 
_diffrn_detector.pdbx_collection_date   1994-10-02 
_diffrn_detector.details                ? 
# 
_diffrn_radiation.diffrn_id                        1 
_diffrn_radiation.wavelength_id                    1 
_diffrn_radiation.pdbx_monochromatic_or_laue_m_l   ? 
_diffrn_radiation.monochromator                    ? 
_diffrn_radiation.pdbx_diffrn_protocol             ? 
_diffrn_radiation.pdbx_scattering_type             x-ray 
# 
_diffrn_radiation_wavelength.id           1 
_diffrn_radiation_wavelength.wavelength   1.5418 
_diffrn_radiation_wavelength.wt           1.0 
# 
_diffrn_source.diffrn_id                   1 
_diffrn_source.source                      ? 
_diffrn_source.type                        ? 
_diffrn_source.pdbx_synchrotron_site       ? 
_diffrn_source.pdbx_synchrotron_beamline   ? 
_diffrn_source.pdbx_wavelength             ? 
_diffrn_source.pdbx_wavelength_list        1.5418 
# 
_reflns.entry_id                     1LHS 
_reflns.observed_criterion_sigma_I   3. 
_reflns.observed_criterion_sigma_F   ? 
_reflns.d_resolution_low             ? 
_reflns.d_resolution_high            ? 
_reflns.number_obs                   13820 
_reflns.number_all                   ? 
_reflns.percent_possible_obs         97.7 
_reflns.pdbx_Rmerge_I_obs            ? 
_reflns.pdbx_Rsym_value              ? 
_reflns.pdbx_netI_over_sigmaI        ? 
_reflns.B_iso_Wilson_estimate        ? 
_reflns.pdbx_redundancy              4.0 
_reflns.pdbx_ordinal                 1 
_reflns.pdbx_diffrn_id               1 
_reflns.R_free_details               ? 
_reflns.limit_h_max                  ? 
_reflns.limit_h_min                  ? 
_reflns.limit_k_max                  ? 
_reflns.limit_k_min                  ? 
_reflns.limit_l_max                  ? 
_reflns.limit_l_min                  ? 
_reflns.observed_criterion_F_max     ? 
_reflns.observed_criterion_F_min     ? 
_reflns.pdbx_chi_squared             ? 
_reflns.pdbx_scaling_rejects         ? 
# 
_refine.entry_id                                 1LHS 
_refine.ls_number_reflns_obs                     13820 
_refine.ls_number_reflns_all                     ? 
_refine.pdbx_ls_sigma_I                          ? 
_refine.pdbx_ls_sigma_F                          3. 
_refine.pdbx_data_cutoff_high_absF               ? 
_refine.pdbx_data_cutoff_low_absF                ? 
_refine.pdbx_data_cutoff_high_rms_absF           ? 
_refine.ls_d_res_low                             15. 
_refine.ls_d_res_high                            2.0 
_refine.ls_percent_reflns_obs                    ? 
_refine.ls_R_factor_obs                          0.1820000 
_refine.ls_R_factor_all                          ? 
_refine.ls_R_factor_R_work                       ? 
_refine.ls_R_factor_R_free                       ? 
_refine.ls_R_factor_R_free_error                 ? 
_refine.ls_R_factor_R_free_error_details         ? 
_refine.ls_percent_reflns_R_free                 ? 
_refine.ls_number_reflns_R_free                  ? 
_refine.ls_number_parameters                     ? 
_refine.ls_number_restraints                     ? 
_refine.occupancy_min                            ? 
_refine.occupancy_max                            ? 
_refine.B_iso_mean                               ? 
_refine.aniso_B[1][1]                            ? 
_refine.aniso_B[2][2]                            ? 
_refine.aniso_B[3][3]                            ? 
_refine.aniso_B[1][2]                            ? 
_refine.aniso_B[1][3]                            ? 
_refine.aniso_B[2][3]                            ? 
_refine.solvent_model_details                    ? 
_refine.solvent_model_param_ksol                 ? 
_refine.solvent_model_param_bsol                 ? 
_refine.pdbx_ls_cross_valid_method               ? 
_refine.details                                  ? 
_refine.pdbx_starting_model                      ? 
_refine.pdbx_method_to_determine_struct          ? 
_refine.pdbx_isotropic_thermal_model             ? 
_refine.pdbx_stereochemistry_target_values       ? 
_refine.pdbx_stereochem_target_val_spec_case     ? 
_refine.pdbx_R_Free_selection_details            ? 
_refine.pdbx_overall_ESU_R                       ? 
_refine.pdbx_overall_ESU_R_Free                  ? 
_refine.overall_SU_ML                            ? 
_refine.overall_SU_B                             ? 
_refine.pdbx_refine_id                           'X-RAY DIFFRACTION' 
_refine.pdbx_diffrn_id                           1 
_refine.ls_redundancy_reflns_obs                 ? 
_refine.pdbx_overall_phase_error                 ? 
_refine.B_iso_min                                ? 
_refine.B_iso_max                                ? 
_refine.correlation_coeff_Fo_to_Fc               ? 
_refine.correlation_coeff_Fo_to_Fc_free          ? 
_refine.pdbx_solvent_vdw_probe_radii             ? 
_refine.pdbx_solvent_ion_probe_radii             ? 
_refine.pdbx_solvent_shrinkage_radii             ? 
_refine.overall_SU_R_Cruickshank_DPI             ? 
_refine.overall_SU_R_free                        ? 
_refine.ls_wR_factor_R_free                      ? 
_refine.ls_wR_factor_R_work                      ? 
_refine.overall_FOM_free_R_set                   ? 
_refine.overall_FOM_work_R_set                   ? 
_refine.pdbx_TLS_residual_ADP_flag               ? 
_refine.pdbx_overall_SU_R_free_Cruickshank_DPI   ? 
_refine.pdbx_overall_SU_R_Blow_DPI               ? 
_refine.pdbx_overall_SU_R_free_Blow_DPI          ? 
# 
_refine_hist.pdbx_refine_id                   'X-RAY DIFFRACTION' 
_refine_hist.cycle_id                         LAST 
_refine_hist.pdbx_number_atoms_protein        1139 
_refine_hist.pdbx_number_atoms_nucleic_acid   0 
_refine_hist.pdbx_number_atoms_ligand         43 
_refine_hist.number_atoms_solvent             63 
_refine_hist.number_atoms_total               1245 
_refine_hist.d_res_high                       2.0 
_refine_hist.d_res_low                        15. 
# 
_struct.entry_id                  1LHS 
_struct.title                     'LOGGERHEAD SEA TURTLE MYOGLOBIN (AQUO-MET)' 
_struct.pdbx_model_details        ? 
_struct.pdbx_CASP_flag            ? 
_struct.pdbx_model_type_details   ? 
# 
_struct_keywords.entry_id        1LHS 
_struct_keywords.pdbx_keywords   'OXYGEN STORAGE' 
_struct_keywords.text            'OXYGEN STORAGE' 
# 
loop_
_struct_asym.id 
_struct_asym.pdbx_blank_PDB_chainid_flag 
_struct_asym.pdbx_modified 
_struct_asym.entity_id 
_struct_asym.details 
A N N 1 ? 
B N N 2 ? 
C N N 3 ? 
# 
_struct_ref.id                         1 
_struct_ref.db_name                    UNP 
_struct_ref.db_code                    MYG_CARCR 
_struct_ref.entity_id                  1 
_struct_ref.pdbx_db_accession          P56208 
_struct_ref.pdbx_align_begin           1 
_struct_ref.pdbx_seq_one_letter_code   
;GLSDDEWNHVLGIWAKVEPDLSAHGQEVIIRLFQLHPETQERFAKFKNLTTIDALKSSEEVKKHGTTVLTALGRILKQKN
NHEQELKPLAESHATKHKIPVKYLEFICEIIVKVIAEKHPSDFGADSQAAMKKALELFRNDMASKYKEFGFQG
;
_struct_ref.pdbx_db_isoform            ? 
# 
_struct_ref_seq.align_id                      1 
_struct_ref_seq.ref_id                        1 
_struct_ref_seq.pdbx_PDB_id_code              1LHS 
_struct_ref_seq.pdbx_strand_id                A 
_struct_ref_seq.seq_align_beg                 1 
_struct_ref_seq.pdbx_seq_align_beg_ins_code   ? 
_struct_ref_seq.seq_align_end                 153 
_struct_ref_seq.pdbx_seq_align_end_ins_code   ? 
_struct_ref_seq.pdbx_db_accession             P56208 
_struct_ref_seq.db_align_beg                  1 
_struct_ref_seq.pdbx_db_align_beg_ins_code    ? 
_struct_ref_seq.db_align_end                  153 
_struct_ref_seq.pdbx_db_align_end_ins_code    ? 
_struct_ref_seq.pdbx_auth_seq_align_beg       1 
_struct_ref_seq.pdbx_auth_seq_align_end       153 
# 
_pdbx_struct_assembly.id                   1 
_pdbx_struct_assembly.details              author_defined_assembly 
_pdbx_struct_assembly.method_details       ? 
_pdbx_struct_assembly.oligomeric_details   monomeric 
_pdbx_struct_assembly.oligomeric_count     1 
# 
_pdbx_struct_assembly_gen.assembly_id       1 
_pdbx_struct_assembly_gen.oper_expression   1 
_pdbx_struct_assembly_gen.asym_id_list      A,B,C 
# 
_pdbx_struct_oper_list.id                   1 
_pdbx_struct_oper_list.type                 'identity operation' 
_pdbx_struct_oper_list.name                 1_555 
_pdbx_struct_oper_list.symmetry_operation   x,y,z 
_pdbx_struct_oper_list.matrix[1][1]         1.0000000000 
_pdbx_struct_oper_list.matrix[1][2]         0.0000000000 
_pdbx_struct_oper_list.matrix[1][3]         0.0000000000 
_pdbx_struct_oper_list.vector[1]            0.0000000000 
_pdbx_struct_oper_list.matrix[2][1]         0.0000000000 
_pdbx_struct_oper_list.matrix[2][2]         1.0000000000 
_pdbx_struct_oper_list.matrix[2][3]         0.0000000000 
_pdbx_struct_oper_list.vector[2]            0.0000000000 
_pdbx_struct_oper_list.matrix[3][1]         0.0000000000 
_pdbx_struct_oper_list.matrix[3][2]         0.0000000000 
_pdbx_struct_oper_list.matrix[3][3]         1.0000000000 
_pdbx_struct_oper_list.vector[3]            0.0000000000 
# 
_struct_biol.id        1 
_struct_biol.details   ? 
# 
loop_
_struct_conf.conf_type_id 
_struct_conf.id 
_struct_conf.pdbx_PDB_helix_id 
_struct_conf.beg_label_comp_id 
_struct_conf.beg_label_asym_id 
_struct_conf.beg_label_seq_id 
_struct_conf.pdbx_beg_PDB_ins_code 
_struct_conf.end_label_comp_id 
_struct_conf.end_label_asym_id 
_struct_conf.end_label_seq_id 
_struct_conf.pdbx_end_PDB_ins_code 
_struct_conf.beg_auth_comp_id 
_struct_conf.beg_auth_asym_id 
_struct_conf.beg_auth_seq_id 
_struct_conf.end_auth_comp_id 
_struct_conf.end_auth_asym_id 
_struct_conf.end_auth_seq_id 
_struct_conf.pdbx_PDB_helix_class 
_struct_conf.details 
_struct_conf.pdbx_PDB_helix_length 
HELX_P HELX_P1 1 ASP A 4   ? LEU A 35  ? ASP A 4   LEU A 35  1 ? 32 
HELX_P HELX_P2 2 PRO A 37  ? ARG A 42  ? PRO A 37  ARG A 42  1 ? 6  
HELX_P HELX_P3 3 ALA A 44  ? PHE A 46  ? ALA A 44  PHE A 46  5 ? 3  
HELX_P HELX_P4 4 ILE A 52  ? LYS A 56  ? ILE A 52  LYS A 56  1 ? 5  
HELX_P HELX_P5 5 GLU A 59  ? GLN A 78  ? GLU A 59  GLN A 78  1 ? 20 
HELX_P HELX_P6 6 GLU A 83  ? THR A 95  ? GLU A 83  THR A 95  1 ? 13 
HELX_P HELX_P7 7 VAL A 101 ? LYS A 118 ? VAL A 101 LYS A 118 1 ? 18 
HELX_P HELX_P8 8 ALA A 125 ? PHE A 149 ? ALA A 125 PHE A 149 1 ? 25 
# 
_struct_conf_type.id          HELX_P 
_struct_conf_type.criteria    ? 
_struct_conf_type.reference   ? 
# 
loop_
_struct_conn.id 
_struct_conn.conn_type_id 
_struct_conn.pdbx_leaving_atom_flag 
_struct_conn.pdbx_PDB_id 
_struct_conn.ptnr1_label_asym_id 
_struct_conn.ptnr1_label_comp_id 
_struct_conn.ptnr1_label_seq_id 
_struct_conn.ptnr1_label_atom_id 
_struct_conn.pdbx_ptnr1_label_alt_id 
_struct_conn.pdbx_ptnr1_PDB_ins_code 
_struct_conn.pdbx_ptnr1_standard_comp_id 
_struct_conn.ptnr1_symmetry 
_struct_conn.ptnr2_label_asym_id 
_struct_conn.ptnr2_label_comp_id 
_struct_conn.ptnr2_label_seq_id 
_struct_conn.ptnr2_label_atom_id 
_struct_conn.pdbx_ptnr2_label_alt_id 
_struct_conn.pdbx_ptnr2_PDB_ins_code 
_struct_conn.ptnr1_auth_asym_id 
_struct_conn.ptnr1_auth_comp_id 
_struct_conn.ptnr1_auth_seq_id 
_struct_conn.ptnr2_auth_asym_id 
_struct_conn.ptnr2_auth_comp_id 
_struct_conn.ptnr2_auth_seq_id 
_struct_conn.ptnr2_symmetry 
_struct_conn.pdbx_ptnr3_label_atom_id 
_struct_conn.pdbx_ptnr3_label_seq_id 
_struct_conn.pdbx_ptnr3_label_comp_id 
_struct_conn.pdbx_ptnr3_label_asym_id 
_struct_conn.pdbx_ptnr3_label_alt_id 
_struct_conn.pdbx_ptnr3_PDB_ins_code 
_struct_conn.details 
_struct_conn.pdbx_dist_value 
_struct_conn.pdbx_value_order 
_struct_conn.pdbx_role 
metalc1 metalc ? ? A HIS 93 NE2 ? ? ? 1_555 B HEM . FE ? ? A HIS 93  A HEM 155 1_555 ? ? ? ? ? ? ? 2.321 ? ? 
metalc2 metalc ? ? B HEM .  FE  ? ? ? 1_555 C HOH . O  ? ? A HEM 155 A HOH 328 1_555 ? ? ? ? ? ? ? 2.007 ? ? 
# 
_struct_conn_type.id          metalc 
_struct_conn_type.criteria    ? 
_struct_conn_type.reference   ? 
# 
loop_
_pdbx_struct_conn_angle.id 
_pdbx_struct_conn_angle.ptnr1_label_atom_id 
_pdbx_struct_conn_angle.ptnr1_label_alt_id 
_pdbx_struct_conn_angle.ptnr1_label_asym_id 
_pdbx_struct_conn_angle.ptnr1_label_comp_id 
_pdbx_struct_conn_angle.ptnr1_label_seq_id 
_pdbx_struct_conn_angle.ptnr1_auth_atom_id 
_pdbx_struct_conn_angle.ptnr1_auth_asym_id 
_pdbx_struct_conn_angle.ptnr1_auth_comp_id 
_pdbx_struct_conn_angle.ptnr1_auth_seq_id 
_pdbx_struct_conn_angle.ptnr1_PDB_ins_code 
_pdbx_struct_conn_angle.ptnr1_symmetry 
_pdbx_struct_conn_angle.ptnr2_label_atom_id 
_pdbx_struct_conn_angle.ptnr2_label_alt_id 
_pdbx_struct_conn_angle.ptnr2_label_asym_id 
_pdbx_struct_conn_angle.ptnr2_label_comp_id 
_pdbx_struct_conn_angle.ptnr2_label_seq_id 
_pdbx_struct_conn_angle.ptnr2_auth_atom_id 
_pdbx_struct_conn_angle.ptnr2_auth_asym_id 
_pdbx_struct_conn_angle.ptnr2_auth_comp_id 
_pdbx_struct_conn_angle.ptnr2_auth_seq_id 
_pdbx_struct_conn_angle.ptnr2_PDB_ins_code 
_pdbx_struct_conn_angle.ptnr2_symmetry 
_pdbx_struct_conn_angle.ptnr3_label_atom_id 
_pdbx_struct_conn_angle.ptnr3_label_alt_id 
_pdbx_struct_conn_angle.ptnr3_label_asym_id 
_pdbx_struct_conn_angle.ptnr3_label_comp_id 
_pdbx_struct_conn_angle.ptnr3_label_seq_id 
_pdbx_struct_conn_angle.ptnr3_auth_atom_id 
_pdbx_struct_conn_angle.ptnr3_auth_asym_id 
_pdbx_struct_conn_angle.ptnr3_auth_comp_id 
_pdbx_struct_conn_angle.ptnr3_auth_seq_id 
_pdbx_struct_conn_angle.ptnr3_PDB_ins_code 
_pdbx_struct_conn_angle.ptnr3_symmetry 
_pdbx_struct_conn_angle.value 
_pdbx_struct_conn_angle.value_esd 
1  NE2 ? A HIS 93 ? A HIS 93  ? 1_555 FE ? B HEM . ? A HEM 155 ? 1_555 NA ? B HEM . ? A HEM 155 ? 1_555 79.6  ? 
2  NE2 ? A HIS 93 ? A HIS 93  ? 1_555 FE ? B HEM . ? A HEM 155 ? 1_555 NB ? B HEM . ? A HEM 155 ? 1_555 88.8  ? 
3  NA  ? B HEM .  ? A HEM 155 ? 1_555 FE ? B HEM . ? A HEM 155 ? 1_555 NB ? B HEM . ? A HEM 155 ? 1_555 88.0  ? 
4  NE2 ? A HIS 93 ? A HIS 93  ? 1_555 FE ? B HEM . ? A HEM 155 ? 1_555 NC ? B HEM . ? A HEM 155 ? 1_555 99.7  ? 
5  NA  ? B HEM .  ? A HEM 155 ? 1_555 FE ? B HEM . ? A HEM 155 ? 1_555 NC ? B HEM . ? A HEM 155 ? 1_555 176.9 ? 
6  NB  ? B HEM .  ? A HEM 155 ? 1_555 FE ? B HEM . ? A HEM 155 ? 1_555 NC ? B HEM . ? A HEM 155 ? 1_555 89.0  ? 
7  NE2 ? A HIS 93 ? A HIS 93  ? 1_555 FE ? B HEM . ? A HEM 155 ? 1_555 ND ? B HEM . ? A HEM 155 ? 1_555 89.0  ? 
8  NA  ? B HEM .  ? A HEM 155 ? 1_555 FE ? B HEM . ? A HEM 155 ? 1_555 ND ? B HEM . ? A HEM 155 ? 1_555 89.4  ? 
9  NB  ? B HEM .  ? A HEM 155 ? 1_555 FE ? B HEM . ? A HEM 155 ? 1_555 ND ? B HEM . ? A HEM 155 ? 1_555 176.8 ? 
10 NC  ? B HEM .  ? A HEM 155 ? 1_555 FE ? B HEM . ? A HEM 155 ? 1_555 ND ? B HEM . ? A HEM 155 ? 1_555 93.7  ? 
11 NE2 ? A HIS 93 ? A HIS 93  ? 1_555 FE ? B HEM . ? A HEM 155 ? 1_555 O  ? C HOH . ? A HOH 328 ? 1_555 175.3 ? 
12 NA  ? B HEM .  ? A HEM 155 ? 1_555 FE ? B HEM . ? A HEM 155 ? 1_555 O  ? C HOH . ? A HOH 328 ? 1_555 104.7 ? 
13 NB  ? B HEM .  ? A HEM 155 ? 1_555 FE ? B HEM . ? A HEM 155 ? 1_555 O  ? C HOH . ? A HOH 328 ? 1_555 93.2  ? 
14 NC  ? B HEM .  ? A HEM 155 ? 1_555 FE ? B HEM . ? A HEM 155 ? 1_555 O  ? C HOH . ? A HOH 328 ? 1_555 76.1  ? 
15 ND  ? B HEM .  ? A HEM 155 ? 1_555 FE ? B HEM . ? A HEM 155 ? 1_555 O  ? C HOH . ? A HOH 328 ? 1_555 89.2  ? 
# 
_struct_site.id                   AC1 
_struct_site.pdbx_evidence_code   Software 
_struct_site.pdbx_auth_asym_id    A 
_struct_site.pdbx_auth_comp_id    HEM 
_struct_site.pdbx_auth_seq_id     155 
_struct_site.pdbx_auth_ins_code   ? 
_struct_site.pdbx_num_residues    15 
_struct_site.details              'BINDING SITE FOR RESIDUE HEM A 155' 
# 
loop_
_struct_site_gen.id 
_struct_site_gen.site_id 
_struct_site_gen.pdbx_num_res 
_struct_site_gen.label_comp_id 
_struct_site_gen.label_asym_id 
_struct_site_gen.label_seq_id 
_struct_site_gen.pdbx_auth_ins_code 
_struct_site_gen.auth_comp_id 
_struct_site_gen.auth_asym_id 
_struct_site_gen.auth_seq_id 
_struct_site_gen.label_atom_id 
_struct_site_gen.label_alt_id 
_struct_site_gen.symmetry 
_struct_site_gen.details 
1  AC1 15 THR A 39  ? THR A 39  . ? 1_555 ? 
2  AC1 15 ARG A 42  ? ARG A 42  . ? 1_555 ? 
3  AC1 15 PHE A 43  ? PHE A 43  . ? 1_555 ? 
4  AC1 15 HIS A 64  ? HIS A 64  . ? 1_555 ? 
5  AC1 15 THR A 67  ? THR A 67  . ? 1_555 ? 
6  AC1 15 VAL A 68  ? VAL A 68  . ? 1_555 ? 
7  AC1 15 LEU A 89  ? LEU A 89  . ? 1_555 ? 
8  AC1 15 SER A 92  ? SER A 92  . ? 1_555 ? 
9  AC1 15 HIS A 93  ? HIS A 93  . ? 1_555 ? 
10 AC1 15 HIS A 97  ? HIS A 97  . ? 1_555 ? 
11 AC1 15 ILE A 99  ? ILE A 99  . ? 1_555 ? 
12 AC1 15 TYR A 103 ? TYR A 103 . ? 1_555 ? 
13 AC1 15 PHE A 138 ? PHE A 138 . ? 1_555 ? 
14 AC1 15 HOH C .   ? HOH A 204 . ? 1_555 ? 
15 AC1 15 HOH C .   ? HOH A 328 . ? 1_555 ? 
# 
_pdbx_validate_symm_contact.id                1 
_pdbx_validate_symm_contact.PDB_model_num     1 
_pdbx_validate_symm_contact.auth_atom_id_1    O 
_pdbx_validate_symm_contact.auth_asym_id_1    A 
_pdbx_validate_symm_contact.auth_comp_id_1    GLU 
_pdbx_validate_symm_contact.auth_seq_id_1     105 
_pdbx_validate_symm_contact.PDB_ins_code_1    ? 
_pdbx_validate_symm_contact.label_alt_id_1    ? 
_pdbx_validate_symm_contact.site_symmetry_1   1_555 
_pdbx_validate_symm_contact.auth_atom_id_2    O 
_pdbx_validate_symm_contact.auth_asym_id_2    A 
_pdbx_validate_symm_contact.auth_comp_id_2    HOH 
_pdbx_validate_symm_contact.auth_seq_id_2     312 
_pdbx_validate_symm_contact.PDB_ins_code_2    ? 
_pdbx_validate_symm_contact.label_alt_id_2    ? 
_pdbx_validate_symm_contact.site_symmetry_2   1_545 
_pdbx_validate_symm_contact.dist              2.19 
# 
_pdbx_validate_rmsd_bond.id                        1 
_pdbx_validate_rmsd_bond.PDB_model_num             1 
_pdbx_validate_rmsd_bond.auth_atom_id_1            C 
_pdbx_validate_rmsd_bond.auth_asym_id_1            A 
_pdbx_validate_rmsd_bond.auth_comp_id_1            LEU 
_pdbx_validate_rmsd_bond.auth_seq_id_1             21 
_pdbx_validate_rmsd_bond.PDB_ins_code_1            ? 
_pdbx_validate_rmsd_bond.label_alt_id_1            ? 
_pdbx_validate_rmsd_bond.auth_atom_id_2            N 
_pdbx_validate_rmsd_bond.auth_asym_id_2            A 
_pdbx_validate_rmsd_bond.auth_comp_id_2            SER 
_pdbx_validate_rmsd_bond.auth_seq_id_2             22 
_pdbx_validate_rmsd_bond.PDB_ins_code_2            ? 
_pdbx_validate_rmsd_bond.label_alt_id_2            ? 
_pdbx_validate_rmsd_bond.bond_value                1.161 
_pdbx_validate_rmsd_bond.bond_target_value         1.336 
_pdbx_validate_rmsd_bond.bond_deviation            -0.175 
_pdbx_validate_rmsd_bond.bond_standard_deviation   0.023 
_pdbx_validate_rmsd_bond.linker_flag               Y 
# 
loop_
_pdbx_validate_rmsd_angle.id 
_pdbx_validate_rmsd_angle.PDB_model_num 
_pdbx_validate_rmsd_angle.auth_atom_id_1 
_pdbx_validate_rmsd_angle.auth_asym_id_1 
_pdbx_validate_rmsd_angle.auth_comp_id_1 
_pdbx_validate_rmsd_angle.auth_seq_id_1 
_pdbx_validate_rmsd_angle.PDB_ins_code_1 
_pdbx_validate_rmsd_angle.label_alt_id_1 
_pdbx_validate_rmsd_angle.auth_atom_id_2 
_pdbx_validate_rmsd_angle.auth_asym_id_2 
_pdbx_validate_rmsd_angle.auth_comp_id_2 
_pdbx_validate_rmsd_angle.auth_seq_id_2 
_pdbx_validate_rmsd_angle.PDB_ins_code_2 
_pdbx_validate_rmsd_angle.label_alt_id_2 
_pdbx_validate_rmsd_angle.auth_atom_id_3 
_pdbx_validate_rmsd_angle.auth_asym_id_3 
_pdbx_validate_rmsd_angle.auth_comp_id_3 
_pdbx_validate_rmsd_angle.auth_seq_id_3 
_pdbx_validate_rmsd_angle.PDB_ins_code_3 
_pdbx_validate_rmsd_angle.label_alt_id_3 
_pdbx_validate_rmsd_angle.angle_value 
_pdbx_validate_rmsd_angle.angle_target_value 
_pdbx_validate_rmsd_angle.angle_deviation 
_pdbx_validate_rmsd_angle.angle_standard_deviation 
_pdbx_validate_rmsd_angle.linker_flag 
1 1 O   A ASP 5   ? ? C  A ASP 5   ? ? N   A GLU 6   ? ? 106.41 122.70 -16.29 1.60 Y 
2 1 CG1 A VAL 28  ? ? CB A VAL 28  ? ? CG2 A VAL 28  ? ? 99.96  110.90 -10.94 1.60 N 
3 1 N   A THR 50  ? ? CA A THR 50  ? ? CB  A THR 50  ? ? 91.70  110.30 -18.60 1.90 N 
4 1 CB  A ILE 52  ? ? CA A ILE 52  ? ? C   A ILE 52  ? ? 92.62  111.60 -18.98 2.00 N 
5 1 NE  A ARG 74  ? ? CZ A ARG 74  ? ? NH1 A ARG 74  ? ? 123.93 120.30 3.63   0.50 N 
6 1 CB  A TYR 103 ? ? CG A TYR 103 ? ? CD1 A TYR 103 ? ? 116.92 121.00 -4.08  0.60 N 
7 1 CB  A TYR 146 ? ? CG A TYR 146 ? ? CD2 A TYR 146 ? ? 115.77 121.00 -5.23  0.60 N 
8 1 CB  A TYR 146 ? ? CG A TYR 146 ? ? CD1 A TYR 146 ? ? 124.89 121.00 3.89   0.60 N 
# 
loop_
_pdbx_validate_torsion.id 
_pdbx_validate_torsion.PDB_model_num 
_pdbx_validate_torsion.auth_comp_id 
_pdbx_validate_torsion.auth_asym_id 
_pdbx_validate_torsion.auth_seq_id 
_pdbx_validate_torsion.PDB_ins_code 
_pdbx_validate_torsion.label_alt_id 
_pdbx_validate_torsion.phi 
_pdbx_validate_torsion.psi 
1 1 LEU A 49 ? ? -66.49  78.10   
2 1 LYS A 79 ? ? 55.25   -125.21 
3 1 LYS A 96 ? ? -103.22 -70.72  
4 1 LYS A 98 ? ? 60.04   60.62   
# 
loop_
_pdbx_validate_main_chain_plane.id 
_pdbx_validate_main_chain_plane.PDB_model_num 
_pdbx_validate_main_chain_plane.auth_comp_id 
_pdbx_validate_main_chain_plane.auth_asym_id 
_pdbx_validate_main_chain_plane.auth_seq_id 
_pdbx_validate_main_chain_plane.PDB_ins_code 
_pdbx_validate_main_chain_plane.label_alt_id 
_pdbx_validate_main_chain_plane.improper_torsion_angle 
1 1 ASP A 5  ? ? -23.13 
2 1 ILE A 13 ? ? 14.80  
3 1 GLN A 34 ? ? -11.74 
4 1 ALA A 54 ? ? -12.55 
# 
_pdbx_validate_polymer_linkage.id               1 
_pdbx_validate_polymer_linkage.PDB_model_num    1 
_pdbx_validate_polymer_linkage.auth_atom_id_1   C 
_pdbx_validate_polymer_linkage.auth_asym_id_1   A 
_pdbx_validate_polymer_linkage.auth_comp_id_1   LEU 
_pdbx_validate_polymer_linkage.auth_seq_id_1    21 
_pdbx_validate_polymer_linkage.PDB_ins_code_1   ? 
_pdbx_validate_polymer_linkage.label_alt_id_1   ? 
_pdbx_validate_polymer_linkage.auth_atom_id_2   N 
_pdbx_validate_polymer_linkage.auth_asym_id_2   A 
_pdbx_validate_polymer_linkage.auth_comp_id_2   SER 
_pdbx_validate_polymer_linkage.auth_seq_id_2    22 
_pdbx_validate_polymer_linkage.PDB_ins_code_2   ? 
_pdbx_validate_polymer_linkage.label_alt_id_2   ? 
_pdbx_validate_polymer_linkage.dist             1.16 
# 
loop_
_chem_comp_atom.comp_id 
_chem_comp_atom.atom_id 
_chem_comp_atom.type_symbol 
_chem_comp_atom.pdbx_aromatic_flag 
_chem_comp_atom.pdbx_stereo_config 
_chem_comp_atom.pdbx_ordinal 
ALA N    N  N N 1   
ALA CA   C  N S 2   
ALA C    C  N N 3   
ALA O    O  N N 4   
ALA CB   C  N N 5   
ALA OXT  O  N N 6   
ALA H    H  N N 7   
ALA H2   H  N N 8   
ALA HA   H  N N 9   
ALA HB1  H  N N 10  
ALA HB2  H  N N 11  
ALA HB3  H  N N 12  
ALA HXT  H  N N 13  
ARG N    N  N N 14  
ARG CA   C  N S 15  
ARG C    C  N N 16  
ARG O    O  N N 17  
ARG CB   C  N N 18  
ARG CG   C  N N 19  
ARG CD   C  N N 20  
ARG NE   N  N N 21  
ARG CZ   C  N N 22  
ARG NH1  N  N N 23  
ARG NH2  N  N N 24  
ARG OXT  O  N N 25  
ARG H    H  N N 26  
ARG H2   H  N N 27  
ARG HA   H  N N 28  
ARG HB2  H  N N 29  
ARG HB3  H  N N 30  
ARG HG2  H  N N 31  
ARG HG3  H  N N 32  
ARG HD2  H  N N 33  
ARG HD3  H  N N 34  
ARG HE   H  N N 35  
ARG HH11 H  N N 36  
ARG HH12 H  N N 37  
ARG HH21 H  N N 38  
ARG HH22 H  N N 39  
ARG HXT  H  N N 40  
ASN N    N  N N 41  
ASN CA   C  N S 42  
ASN C    C  N N 43  
ASN O    O  N N 44  
ASN CB   C  N N 45  
ASN CG   C  N N 46  
ASN OD1  O  N N 47  
ASN ND2  N  N N 48  
ASN OXT  O  N N 49  
ASN H    H  N N 50  
ASN H2   H  N N 51  
ASN HA   H  N N 52  
ASN HB2  H  N N 53  
ASN HB3  H  N N 54  
ASN HD21 H  N N 55  
ASN HD22 H  N N 56  
ASN HXT  H  N N 57  
ASP N    N  N N 58  
ASP CA   C  N S 59  
ASP C    C  N N 60  
ASP O    O  N N 61  
ASP CB   C  N N 62  
ASP CG   C  N N 63  
ASP OD1  O  N N 64  
ASP OD2  O  N N 65  
ASP OXT  O  N N 66  
ASP H    H  N N 67  
ASP H2   H  N N 68  
ASP HA   H  N N 69  
ASP HB2  H  N N 70  
ASP HB3  H  N N 71  
ASP HD2  H  N N 72  
ASP HXT  H  N N 73  
CYS N    N  N N 74  
CYS CA   C  N R 75  
CYS C    C  N N 76  
CYS O    O  N N 77  
CYS CB   C  N N 78  
CYS SG   S  N N 79  
CYS OXT  O  N N 80  
CYS H    H  N N 81  
CYS H2   H  N N 82  
CYS HA   H  N N 83  
CYS HB2  H  N N 84  
CYS HB3  H  N N 85  
CYS HG   H  N N 86  
CYS HXT  H  N N 87  
GLN N    N  N N 88  
GLN CA   C  N S 89  
GLN C    C  N N 90  
GLN O    O  N N 91  
GLN CB   C  N N 92  
GLN CG   C  N N 93  
GLN CD   C  N N 94  
GLN OE1  O  N N 95  
GLN NE2  N  N N 96  
GLN OXT  O  N N 97  
GLN H    H  N N 98  
GLN H2   H  N N 99  
GLN HA   H  N N 100 
GLN HB2  H  N N 101 
GLN HB3  H  N N 102 
GLN HG2  H  N N 103 
GLN HG3  H  N N 104 
GLN HE21 H  N N 105 
GLN HE22 H  N N 106 
GLN HXT  H  N N 107 
GLU N    N  N N 108 
GLU CA   C  N S 109 
GLU C    C  N N 110 
GLU O    O  N N 111 
GLU CB   C  N N 112 
GLU CG   C  N N 113 
GLU CD   C  N N 114 
GLU OE1  O  N N 115 
GLU OE2  O  N N 116 
GLU OXT  O  N N 117 
GLU H    H  N N 118 
GLU H2   H  N N 119 
GLU HA   H  N N 120 
GLU HB2  H  N N 121 
GLU HB3  H  N N 122 
GLU HG2  H  N N 123 
GLU HG3  H  N N 124 
GLU HE2  H  N N 125 
GLU HXT  H  N N 126 
GLY N    N  N N 127 
GLY CA   C  N N 128 
GLY C    C  N N 129 
GLY O    O  N N 130 
GLY OXT  O  N N 131 
GLY H    H  N N 132 
GLY H2   H  N N 133 
GLY HA2  H  N N 134 
GLY HA3  H  N N 135 
GLY HXT  H  N N 136 
HEM CHA  C  N N 137 
HEM CHB  C  N N 138 
HEM CHC  C  N N 139 
HEM CHD  C  N N 140 
HEM C1A  C  Y N 141 
HEM C2A  C  Y N 142 
HEM C3A  C  Y N 143 
HEM C4A  C  Y N 144 
HEM CMA  C  N N 145 
HEM CAA  C  N N 146 
HEM CBA  C  N N 147 
HEM CGA  C  N N 148 
HEM O1A  O  N N 149 
HEM O2A  O  N N 150 
HEM C1B  C  N N 151 
HEM C2B  C  N N 152 
HEM C3B  C  N N 153 
HEM C4B  C  N N 154 
HEM CMB  C  N N 155 
HEM CAB  C  N N 156 
HEM CBB  C  N N 157 
HEM C1C  C  Y N 158 
HEM C2C  C  Y N 159 
HEM C3C  C  Y N 160 
HEM C4C  C  Y N 161 
HEM CMC  C  N N 162 
HEM CAC  C  N N 163 
HEM CBC  C  N N 164 
HEM C1D  C  N N 165 
HEM C2D  C  N N 166 
HEM C3D  C  N N 167 
HEM C4D  C  N N 168 
HEM CMD  C  N N 169 
HEM CAD  C  N N 170 
HEM CBD  C  N N 171 
HEM CGD  C  N N 172 
HEM O1D  O  N N 173 
HEM O2D  O  N N 174 
HEM NA   N  Y N 175 
HEM NB   N  N N 176 
HEM NC   N  Y N 177 
HEM ND   N  N N 178 
HEM FE   FE N N 179 
HEM HHB  H  N N 180 
HEM HHC  H  N N 181 
HEM HHD  H  N N 182 
HEM HMA  H  N N 183 
HEM HMAA H  N N 184 
HEM HMAB H  N N 185 
HEM HAA  H  N N 186 
HEM HAAA H  N N 187 
HEM HBA  H  N N 188 
HEM HBAA H  N N 189 
HEM HMB  H  N N 190 
HEM HMBA H  N N 191 
HEM HMBB H  N N 192 
HEM HAB  H  N N 193 
HEM HBB  H  N N 194 
HEM HBBA H  N N 195 
HEM HMC  H  N N 196 
HEM HMCA H  N N 197 
HEM HMCB H  N N 198 
HEM HAC  H  N N 199 
HEM HBC  H  N N 200 
HEM HBCA H  N N 201 
HEM HMD  H  N N 202 
HEM HMDA H  N N 203 
HEM HMDB H  N N 204 
HEM HAD  H  N N 205 
HEM HADA H  N N 206 
HEM HBD  H  N N 207 
HEM HBDA H  N N 208 
HEM H2A  H  N N 209 
HEM H2D  H  N N 210 
HEM HHA  H  N N 211 
HIS N    N  N N 212 
HIS CA   C  N S 213 
HIS C    C  N N 214 
HIS O    O  N N 215 
HIS CB   C  N N 216 
HIS CG   C  Y N 217 
HIS ND1  N  Y N 218 
HIS CD2  C  Y N 219 
HIS CE1  C  Y N 220 
HIS NE2  N  Y N 221 
HIS OXT  O  N N 222 
HIS H    H  N N 223 
HIS H2   H  N N 224 
HIS HA   H  N N 225 
HIS HB2  H  N N 226 
HIS HB3  H  N N 227 
HIS HD1  H  N N 228 
HIS HD2  H  N N 229 
HIS HE1  H  N N 230 
HIS HE2  H  N N 231 
HIS HXT  H  N N 232 
HOH O    O  N N 233 
HOH H1   H  N N 234 
HOH H2   H  N N 235 
ILE N    N  N N 236 
ILE CA   C  N S 237 
ILE C    C  N N 238 
ILE O    O  N N 239 
ILE CB   C  N S 240 
ILE CG1  C  N N 241 
ILE CG2  C  N N 242 
ILE CD1  C  N N 243 
ILE OXT  O  N N 244 
ILE H    H  N N 245 
ILE H2   H  N N 246 
ILE HA   H  N N 247 
ILE HB   H  N N 248 
ILE HG12 H  N N 249 
ILE HG13 H  N N 250 
ILE HG21 H  N N 251 
ILE HG22 H  N N 252 
ILE HG23 H  N N 253 
ILE HD11 H  N N 254 
ILE HD12 H  N N 255 
ILE HD13 H  N N 256 
ILE HXT  H  N N 257 
LEU N    N  N N 258 
LEU CA   C  N S 259 
LEU C    C  N N 260 
LEU O    O  N N 261 
LEU CB   C  N N 262 
LEU CG   C  N N 263 
LEU CD1  C  N N 264 
LEU CD2  C  N N 265 
LEU OXT  O  N N 266 
LEU H    H  N N 267 
LEU H2   H  N N 268 
LEU HA   H  N N 269 
LEU HB2  H  N N 270 
LEU HB3  H  N N 271 
LEU HG   H  N N 272 
LEU HD11 H  N N 273 
LEU HD12 H  N N 274 
LEU HD13 H  N N 275 
LEU HD21 H  N N 276 
LEU HD22 H  N N 277 
LEU HD23 H  N N 278 
LEU HXT  H  N N 279 
LYS N    N  N N 280 
LYS CA   C  N S 281 
LYS C    C  N N 282 
LYS O    O  N N 283 
LYS CB   C  N N 284 
LYS CG   C  N N 285 
LYS CD   C  N N 286 
LYS CE   C  N N 287 
LYS NZ   N  N N 288 
LYS OXT  O  N N 289 
LYS H    H  N N 290 
LYS H2   H  N N 291 
LYS HA   H  N N 292 
LYS HB2  H  N N 293 
LYS HB3  H  N N 294 
LYS HG2  H  N N 295 
LYS HG3  H  N N 296 
LYS HD2  H  N N 297 
LYS HD3  H  N N 298 
LYS HE2  H  N N 299 
LYS HE3  H  N N 300 
LYS HZ1  H  N N 301 
LYS HZ2  H  N N 302 
LYS HZ3  H  N N 303 
LYS HXT  H  N N 304 
MET N    N  N N 305 
MET CA   C  N S 306 
MET C    C  N N 307 
MET O    O  N N 308 
MET CB   C  N N 309 
MET CG   C  N N 310 
MET SD   S  N N 311 
MET CE   C  N N 312 
MET OXT  O  N N 313 
MET H    H  N N 314 
MET H2   H  N N 315 
MET HA   H  N N 316 
MET HB2  H  N N 317 
MET HB3  H  N N 318 
MET HG2  H  N N 319 
MET HG3  H  N N 320 
MET HE1  H  N N 321 
MET HE2  H  N N 322 
MET HE3  H  N N 323 
MET HXT  H  N N 324 
PHE N    N  N N 325 
PHE CA   C  N S 326 
PHE C    C  N N 327 
PHE O    O  N N 328 
PHE CB   C  N N 329 
PHE CG   C  Y N 330 
PHE CD1  C  Y N 331 
PHE CD2  C  Y N 332 
PHE CE1  C  Y N 333 
PHE CE2  C  Y N 334 
PHE CZ   C  Y N 335 
PHE OXT  O  N N 336 
PHE H    H  N N 337 
PHE H2   H  N N 338 
PHE HA   H  N N 339 
PHE HB2  H  N N 340 
PHE HB3  H  N N 341 
PHE HD1  H  N N 342 
PHE HD2  H  N N 343 
PHE HE1  H  N N 344 
PHE HE2  H  N N 345 
PHE HZ   H  N N 346 
PHE HXT  H  N N 347 
PRO N    N  N N 348 
PRO CA   C  N S 349 
PRO C    C  N N 350 
PRO O    O  N N 351 
PRO CB   C  N N 352 
PRO CG   C  N N 353 
PRO CD   C  N N 354 
PRO OXT  O  N N 355 
PRO H    H  N N 356 
PRO HA   H  N N 357 
PRO HB2  H  N N 358 
PRO HB3  H  N N 359 
PRO HG2  H  N N 360 
PRO HG3  H  N N 361 
PRO HD2  H  N N 362 
PRO HD3  H  N N 363 
PRO HXT  H  N N 364 
SER N    N  N N 365 
SER CA   C  N S 366 
SER C    C  N N 367 
SER O    O  N N 368 
SER CB   C  N N 369 
SER OG   O  N N 370 
SER OXT  O  N N 371 
SER H    H  N N 372 
SER H2   H  N N 373 
SER HA   H  N N 374 
SER HB2  H  N N 375 
SER HB3  H  N N 376 
SER HG   H  N N 377 
SER HXT  H  N N 378 
THR N    N  N N 379 
THR CA   C  N S 380 
THR C    C  N N 381 
THR O    O  N N 382 
THR CB   C  N R 383 
THR OG1  O  N N 384 
THR CG2  C  N N 385 
THR OXT  O  N N 386 
THR H    H  N N 387 
THR H2   H  N N 388 
THR HA   H  N N 389 
THR HB   H  N N 390 
THR HG1  H  N N 391 
THR HG21 H  N N 392 
THR HG22 H  N N 393 
THR HG23 H  N N 394 
THR HXT  H  N N 395 
TRP N    N  N N 396 
TRP CA   C  N S 397 
TRP C    C  N N 398 
TRP O    O  N N 399 
TRP CB   C  N N 400 
TRP CG   C  Y N 401 
TRP CD1  C  Y N 402 
TRP CD2  C  Y N 403 
TRP NE1  N  Y N 404 
TRP CE2  C  Y N 405 
TRP CE3  C  Y N 406 
TRP CZ2  C  Y N 407 
TRP CZ3  C  Y N 408 
TRP CH2  C  Y N 409 
TRP OXT  O  N N 410 
TRP H    H  N N 411 
TRP H2   H  N N 412 
TRP HA   H  N N 413 
TRP HB2  H  N N 414 
TRP HB3  H  N N 415 
TRP HD1  H  N N 416 
TRP HE1  H  N N 417 
TRP HE3  H  N N 418 
TRP HZ2  H  N N 419 
TRP HZ3  H  N N 420 
TRP HH2  H  N N 421 
TRP HXT  H  N N 422 
TYR N    N  N N 423 
TYR CA   C  N S 424 
TYR C    C  N N 425 
TYR O    O  N N 426 
TYR CB   C  N N 427 
TYR CG   C  Y N 428 
TYR CD1  C  Y N 429 
TYR CD2  C  Y N 430 
TYR CE1  C  Y N 431 
TYR CE2  C  Y N 432 
TYR CZ   C  Y N 433 
TYR OH   O  N N 434 
TYR OXT  O  N N 435 
TYR H    H  N N 436 
TYR H2   H  N N 437 
TYR HA   H  N N 438 
TYR HB2  H  N N 439 
TYR HB3  H  N N 440 
TYR HD1  H  N N 441 
TYR HD2  H  N N 442 
TYR HE1  H  N N 443 
TYR HE2  H  N N 444 
TYR HH   H  N N 445 
TYR HXT  H  N N 446 
VAL N    N  N N 447 
VAL CA   C  N S 448 
VAL C    C  N N 449 
VAL O    O  N N 450 
VAL CB   C  N N 451 
VAL CG1  C  N N 452 
VAL CG2  C  N N 453 
VAL OXT  O  N N 454 
VAL H    H  N N 455 
VAL H2   H  N N 456 
VAL HA   H  N N 457 
VAL HB   H  N N 458 
VAL HG11 H  N N 459 
VAL HG12 H  N N 460 
VAL HG13 H  N N 461 
VAL HG21 H  N N 462 
VAL HG22 H  N N 463 
VAL HG23 H  N N 464 
VAL HXT  H  N N 465 
# 
loop_
_chem_comp_bond.comp_id 
_chem_comp_bond.atom_id_1 
_chem_comp_bond.atom_id_2 
_chem_comp_bond.value_order 
_chem_comp_bond.pdbx_aromatic_flag 
_chem_comp_bond.pdbx_stereo_config 
_chem_comp_bond.pdbx_ordinal 
ALA N   CA   sing N N 1   
ALA N   H    sing N N 2   
ALA N   H2   sing N N 3   
ALA CA  C    sing N N 4   
ALA CA  CB   sing N N 5   
ALA CA  HA   sing N N 6   
ALA C   O    doub N N 7   
ALA C   OXT  sing N N 8   
ALA CB  HB1  sing N N 9   
ALA CB  HB2  sing N N 10  
ALA CB  HB3  sing N N 11  
ALA OXT HXT  sing N N 12  
ARG N   CA   sing N N 13  
ARG N   H    sing N N 14  
ARG N   H2   sing N N 15  
ARG CA  C    sing N N 16  
ARG CA  CB   sing N N 17  
ARG CA  HA   sing N N 18  
ARG C   O    doub N N 19  
ARG C   OXT  sing N N 20  
ARG CB  CG   sing N N 21  
ARG CB  HB2  sing N N 22  
ARG CB  HB3  sing N N 23  
ARG CG  CD   sing N N 24  
ARG CG  HG2  sing N N 25  
ARG CG  HG3  sing N N 26  
ARG CD  NE   sing N N 27  
ARG CD  HD2  sing N N 28  
ARG CD  HD3  sing N N 29  
ARG NE  CZ   sing N N 30  
ARG NE  HE   sing N N 31  
ARG CZ  NH1  sing N N 32  
ARG CZ  NH2  doub N N 33  
ARG NH1 HH11 sing N N 34  
ARG NH1 HH12 sing N N 35  
ARG NH2 HH21 sing N N 36  
ARG NH2 HH22 sing N N 37  
ARG OXT HXT  sing N N 38  
ASN N   CA   sing N N 39  
ASN N   H    sing N N 40  
ASN N   H2   sing N N 41  
ASN CA  C    sing N N 42  
ASN CA  CB   sing N N 43  
ASN CA  HA   sing N N 44  
ASN C   O    doub N N 45  
ASN C   OXT  sing N N 46  
ASN CB  CG   sing N N 47  
ASN CB  HB2  sing N N 48  
ASN CB  HB3  sing N N 49  
ASN CG  OD1  doub N N 50  
ASN CG  ND2  sing N N 51  
ASN ND2 HD21 sing N N 52  
ASN ND2 HD22 sing N N 53  
ASN OXT HXT  sing N N 54  
ASP N   CA   sing N N 55  
ASP N   H    sing N N 56  
ASP N   H2   sing N N 57  
ASP CA  C    sing N N 58  
ASP CA  CB   sing N N 59  
ASP CA  HA   sing N N 60  
ASP C   O    doub N N 61  
ASP C   OXT  sing N N 62  
ASP CB  CG   sing N N 63  
ASP CB  HB2  sing N N 64  
ASP CB  HB3  sing N N 65  
ASP CG  OD1  doub N N 66  
ASP CG  OD2  sing N N 67  
ASP OD2 HD2  sing N N 68  
ASP OXT HXT  sing N N 69  
CYS N   CA   sing N N 70  
CYS N   H    sing N N 71  
CYS N   H2   sing N N 72  
CYS CA  C    sing N N 73  
CYS CA  CB   sing N N 74  
CYS CA  HA   sing N N 75  
CYS C   O    doub N N 76  
CYS C   OXT  sing N N 77  
CYS CB  SG   sing N N 78  
CYS CB  HB2  sing N N 79  
CYS CB  HB3  sing N N 80  
CYS SG  HG   sing N N 81  
CYS OXT HXT  sing N N 82  
GLN N   CA   sing N N 83  
GLN N   H    sing N N 84  
GLN N   H2   sing N N 85  
GLN CA  C    sing N N 86  
GLN CA  CB   sing N N 87  
GLN CA  HA   sing N N 88  
GLN C   O    doub N N 89  
GLN C   OXT  sing N N 90  
GLN CB  CG   sing N N 91  
GLN CB  HB2  sing N N 92  
GLN CB  HB3  sing N N 93  
GLN CG  CD   sing N N 94  
GLN CG  HG2  sing N N 95  
GLN CG  HG3  sing N N 96  
GLN CD  OE1  doub N N 97  
GLN CD  NE2  sing N N 98  
GLN NE2 HE21 sing N N 99  
GLN NE2 HE22 sing N N 100 
GLN OXT HXT  sing N N 101 
GLU N   CA   sing N N 102 
GLU N   H    sing N N 103 
GLU N   H2   sing N N 104 
GLU CA  C    sing N N 105 
GLU CA  CB   sing N N 106 
GLU CA  HA   sing N N 107 
GLU C   O    doub N N 108 
GLU C   OXT  sing N N 109 
GLU CB  CG   sing N N 110 
GLU CB  HB2  sing N N 111 
GLU CB  HB3  sing N N 112 
GLU CG  CD   sing N N 113 
GLU CG  HG2  sing N N 114 
GLU CG  HG3  sing N N 115 
GLU CD  OE1  doub N N 116 
GLU CD  OE2  sing N N 117 
GLU OE2 HE2  sing N N 118 
GLU OXT HXT  sing N N 119 
GLY N   CA   sing N N 120 
GLY N   H    sing N N 121 
GLY N   H2   sing N N 122 
GLY CA  C    sing N N 123 
GLY CA  HA2  sing N N 124 
GLY CA  HA3  sing N N 125 
GLY C   O    doub N N 126 
GLY C   OXT  sing N N 127 
GLY OXT HXT  sing N N 128 
HEM CHA C1A  sing N N 129 
HEM CHA C4D  doub N N 130 
HEM CHA HHA  sing N N 131 
HEM CHB C4A  sing N N 132 
HEM CHB C1B  doub N N 133 
HEM CHB HHB  sing N N 134 
HEM CHC C4B  sing N N 135 
HEM CHC C1C  doub N N 136 
HEM CHC HHC  sing N N 137 
HEM CHD C4C  doub N N 138 
HEM CHD C1D  sing N N 139 
HEM CHD HHD  sing N N 140 
HEM C1A C2A  doub Y N 141 
HEM C1A NA   sing Y N 142 
HEM C2A C3A  sing Y N 143 
HEM C2A CAA  sing N N 144 
HEM C3A C4A  doub Y N 145 
HEM C3A CMA  sing N N 146 
HEM C4A NA   sing Y N 147 
HEM CMA HMA  sing N N 148 
HEM CMA HMAA sing N N 149 
HEM CMA HMAB sing N N 150 
HEM CAA CBA  sing N N 151 
HEM CAA HAA  sing N N 152 
HEM CAA HAAA sing N N 153 
HEM CBA CGA  sing N N 154 
HEM CBA HBA  sing N N 155 
HEM CBA HBAA sing N N 156 
HEM CGA O1A  doub N N 157 
HEM CGA O2A  sing N N 158 
HEM C1B C2B  sing N N 159 
HEM C1B NB   sing N N 160 
HEM C2B C3B  doub N N 161 
HEM C2B CMB  sing N N 162 
HEM C3B C4B  sing N N 163 
HEM C3B CAB  sing N N 164 
HEM C4B NB   doub N N 165 
HEM CMB HMB  sing N N 166 
HEM CMB HMBA sing N N 167 
HEM CMB HMBB sing N N 168 
HEM CAB CBB  doub N N 169 
HEM CAB HAB  sing N N 170 
HEM CBB HBB  sing N N 171 
HEM CBB HBBA sing N N 172 
HEM C1C C2C  sing Y N 173 
HEM C1C NC   sing Y N 174 
HEM C2C C3C  doub Y N 175 
HEM C2C CMC  sing N N 176 
HEM C3C C4C  sing Y N 177 
HEM C3C CAC  sing N N 178 
HEM C4C NC   sing Y N 179 
HEM CMC HMC  sing N N 180 
HEM CMC HMCA sing N N 181 
HEM CMC HMCB sing N N 182 
HEM CAC CBC  doub N N 183 
HEM CAC HAC  sing N N 184 
HEM CBC HBC  sing N N 185 
HEM CBC HBCA sing N N 186 
HEM C1D C2D  sing N N 187 
HEM C1D ND   doub N N 188 
HEM C2D C3D  doub N N 189 
HEM C2D CMD  sing N N 190 
HEM C3D C4D  sing N N 191 
HEM C3D CAD  sing N N 192 
HEM C4D ND   sing N N 193 
HEM CMD HMD  sing N N 194 
HEM CMD HMDA sing N N 195 
HEM CMD HMDB sing N N 196 
HEM CAD CBD  sing N N 197 
HEM CAD HAD  sing N N 198 
HEM CAD HADA sing N N 199 
HEM CBD CGD  sing N N 200 
HEM CBD HBD  sing N N 201 
HEM CBD HBDA sing N N 202 
HEM CGD O1D  doub N N 203 
HEM CGD O2D  sing N N 204 
HEM O2A H2A  sing N N 205 
HEM O2D H2D  sing N N 206 
HEM FE  NA   sing N N 207 
HEM FE  NB   sing N N 208 
HEM FE  NC   sing N N 209 
HEM FE  ND   sing N N 210 
HIS N   CA   sing N N 211 
HIS N   H    sing N N 212 
HIS N   H2   sing N N 213 
HIS CA  C    sing N N 214 
HIS CA  CB   sing N N 215 
HIS CA  HA   sing N N 216 
HIS C   O    doub N N 217 
HIS C   OXT  sing N N 218 
HIS CB  CG   sing N N 219 
HIS CB  HB2  sing N N 220 
HIS CB  HB3  sing N N 221 
HIS CG  ND1  sing Y N 222 
HIS CG  CD2  doub Y N 223 
HIS ND1 CE1  doub Y N 224 
HIS ND1 HD1  sing N N 225 
HIS CD2 NE2  sing Y N 226 
HIS CD2 HD2  sing N N 227 
HIS CE1 NE2  sing Y N 228 
HIS CE1 HE1  sing N N 229 
HIS NE2 HE2  sing N N 230 
HIS OXT HXT  sing N N 231 
HOH O   H1   sing N N 232 
HOH O   H2   sing N N 233 
ILE N   CA   sing N N 234 
ILE N   H    sing N N 235 
ILE N   H2   sing N N 236 
ILE CA  C    sing N N 237 
ILE CA  CB   sing N N 238 
ILE CA  HA   sing N N 239 
ILE C   O    doub N N 240 
ILE C   OXT  sing N N 241 
ILE CB  CG1  sing N N 242 
ILE CB  CG2  sing N N 243 
ILE CB  HB   sing N N 244 
ILE CG1 CD1  sing N N 245 
ILE CG1 HG12 sing N N 246 
ILE CG1 HG13 sing N N 247 
ILE CG2 HG21 sing N N 248 
ILE CG2 HG22 sing N N 249 
ILE CG2 HG23 sing N N 250 
ILE CD1 HD11 sing N N 251 
ILE CD1 HD12 sing N N 252 
ILE CD1 HD13 sing N N 253 
ILE OXT HXT  sing N N 254 
LEU N   CA   sing N N 255 
LEU N   H    sing N N 256 
LEU N   H2   sing N N 257 
LEU CA  C    sing N N 258 
LEU CA  CB   sing N N 259 
LEU CA  HA   sing N N 260 
LEU C   O    doub N N 261 
LEU C   OXT  sing N N 262 
LEU CB  CG   sing N N 263 
LEU CB  HB2  sing N N 264 
LEU CB  HB3  sing N N 265 
LEU CG  CD1  sing N N 266 
LEU CG  CD2  sing N N 267 
LEU CG  HG   sing N N 268 
LEU CD1 HD11 sing N N 269 
LEU CD1 HD12 sing N N 270 
LEU CD1 HD13 sing N N 271 
LEU CD2 HD21 sing N N 272 
LEU CD2 HD22 sing N N 273 
LEU CD2 HD23 sing N N 274 
LEU OXT HXT  sing N N 275 
LYS N   CA   sing N N 276 
LYS N   H    sing N N 277 
LYS N   H2   sing N N 278 
LYS CA  C    sing N N 279 
LYS CA  CB   sing N N 280 
LYS CA  HA   sing N N 281 
LYS C   O    doub N N 282 
LYS C   OXT  sing N N 283 
LYS CB  CG   sing N N 284 
LYS CB  HB2  sing N N 285 
LYS CB  HB3  sing N N 286 
LYS CG  CD   sing N N 287 
LYS CG  HG2  sing N N 288 
LYS CG  HG3  sing N N 289 
LYS CD  CE   sing N N 290 
LYS CD  HD2  sing N N 291 
LYS CD  HD3  sing N N 292 
LYS CE  NZ   sing N N 293 
LYS CE  HE2  sing N N 294 
LYS CE  HE3  sing N N 295 
LYS NZ  HZ1  sing N N 296 
LYS NZ  HZ2  sing N N 297 
LYS NZ  HZ3  sing N N 298 
LYS OXT HXT  sing N N 299 
MET N   CA   sing N N 300 
MET N   H    sing N N 301 
MET N   H2   sing N N 302 
MET CA  C    sing N N 303 
MET CA  CB   sing N N 304 
MET CA  HA   sing N N 305 
MET C   O    doub N N 306 
MET C   OXT  sing N N 307 
MET CB  CG   sing N N 308 
MET CB  HB2  sing N N 309 
MET CB  HB3  sing N N 310 
MET CG  SD   sing N N 311 
MET CG  HG2  sing N N 312 
MET CG  HG3  sing N N 313 
MET SD  CE   sing N N 314 
MET CE  HE1  sing N N 315 
MET CE  HE2  sing N N 316 
MET CE  HE3  sing N N 317 
MET OXT HXT  sing N N 318 
PHE N   CA   sing N N 319 
PHE N   H    sing N N 320 
PHE N   H2   sing N N 321 
PHE CA  C    sing N N 322 
PHE CA  CB   sing N N 323 
PHE CA  HA   sing N N 324 
PHE C   O    doub N N 325 
PHE C   OXT  sing N N 326 
PHE CB  CG   sing N N 327 
PHE CB  HB2  sing N N 328 
PHE CB  HB3  sing N N 329 
PHE CG  CD1  doub Y N 330 
PHE CG  CD2  sing Y N 331 
PHE CD1 CE1  sing Y N 332 
PHE CD1 HD1  sing N N 333 
PHE CD2 CE2  doub Y N 334 
PHE CD2 HD2  sing N N 335 
PHE CE1 CZ   doub Y N 336 
PHE CE1 HE1  sing N N 337 
PHE CE2 CZ   sing Y N 338 
PHE CE2 HE2  sing N N 339 
PHE CZ  HZ   sing N N 340 
PHE OXT HXT  sing N N 341 
PRO N   CA   sing N N 342 
PRO N   CD   sing N N 343 
PRO N   H    sing N N 344 
PRO CA  C    sing N N 345 
PRO CA  CB   sing N N 346 
PRO CA  HA   sing N N 347 
PRO C   O    doub N N 348 
PRO C   OXT  sing N N 349 
PRO CB  CG   sing N N 350 
PRO CB  HB2  sing N N 351 
PRO CB  HB3  sing N N 352 
PRO CG  CD   sing N N 353 
PRO CG  HG2  sing N N 354 
PRO CG  HG3  sing N N 355 
PRO CD  HD2  sing N N 356 
PRO CD  HD3  sing N N 357 
PRO OXT HXT  sing N N 358 
SER N   CA   sing N N 359 
SER N   H    sing N N 360 
SER N   H2   sing N N 361 
SER CA  C    sing N N 362 
SER CA  CB   sing N N 363 
SER CA  HA   sing N N 364 
SER C   O    doub N N 365 
SER C   OXT  sing N N 366 
SER CB  OG   sing N N 367 
SER CB  HB2  sing N N 368 
SER CB  HB3  sing N N 369 
SER OG  HG   sing N N 370 
SER OXT HXT  sing N N 371 
THR N   CA   sing N N 372 
THR N   H    sing N N 373 
THR N   H2   sing N N 374 
THR CA  C    sing N N 375 
THR CA  CB   sing N N 376 
THR CA  HA   sing N N 377 
THR C   O    doub N N 378 
THR C   OXT  sing N N 379 
THR CB  OG1  sing N N 380 
THR CB  CG2  sing N N 381 
THR CB  HB   sing N N 382 
THR OG1 HG1  sing N N 383 
THR CG2 HG21 sing N N 384 
THR CG2 HG22 sing N N 385 
THR CG2 HG23 sing N N 386 
THR OXT HXT  sing N N 387 
TRP N   CA   sing N N 388 
TRP N   H    sing N N 389 
TRP N   H2   sing N N 390 
TRP CA  C    sing N N 391 
TRP CA  CB   sing N N 392 
TRP CA  HA   sing N N 393 
TRP C   O    doub N N 394 
TRP C   OXT  sing N N 395 
TRP CB  CG   sing N N 396 
TRP CB  HB2  sing N N 397 
TRP CB  HB3  sing N N 398 
TRP CG  CD1  doub Y N 399 
TRP CG  CD2  sing Y N 400 
TRP CD1 NE1  sing Y N 401 
TRP CD1 HD1  sing N N 402 
TRP CD2 CE2  doub Y N 403 
TRP CD2 CE3  sing Y N 404 
TRP NE1 CE2  sing Y N 405 
TRP NE1 HE1  sing N N 406 
TRP CE2 CZ2  sing Y N 407 
TRP CE3 CZ3  doub Y N 408 
TRP CE3 HE3  sing N N 409 
TRP CZ2 CH2  doub Y N 410 
TRP CZ2 HZ2  sing N N 411 
TRP CZ3 CH2  sing Y N 412 
TRP CZ3 HZ3  sing N N 413 
TRP CH2 HH2  sing N N 414 
TRP OXT HXT  sing N N 415 
TYR N   CA   sing N N 416 
TYR N   H    sing N N 417 
TYR N   H2   sing N N 418 
TYR CA  C    sing N N 419 
TYR CA  CB   sing N N 420 
TYR CA  HA   sing N N 421 
TYR C   O    doub N N 422 
TYR C   OXT  sing N N 423 
TYR CB  CG   sing N N 424 
TYR CB  HB2  sing N N 425 
TYR CB  HB3  sing N N 426 
TYR CG  CD1  doub Y N 427 
TYR CG  CD2  sing Y N 428 
TYR CD1 CE1  sing Y N 429 
TYR CD1 HD1  sing N N 430 
TYR CD2 CE2  doub Y N 431 
TYR CD2 HD2  sing N N 432 
TYR CE1 CZ   doub Y N 433 
TYR CE1 HE1  sing N N 434 
TYR CE2 CZ   sing Y N 435 
TYR CE2 HE2  sing N N 436 
TYR CZ  OH   sing N N 437 
TYR OH  HH   sing N N 438 
TYR OXT HXT  sing N N 439 
VAL N   CA   sing N N 440 
VAL N   H    sing N N 441 
VAL N   H2   sing N N 442 
VAL CA  C    sing N N 443 
VAL CA  CB   sing N N 444 
VAL CA  HA   sing N N 445 
VAL C   O    doub N N 446 
VAL C   OXT  sing N N 447 
VAL CB  CG1  sing N N 448 
VAL CB  CG2  sing N N 449 
VAL CB  HB   sing N N 450 
VAL CG1 HG11 sing N N 451 
VAL CG1 HG12 sing N N 452 
VAL CG1 HG13 sing N N 453 
VAL CG2 HG21 sing N N 454 
VAL CG2 HG22 sing N N 455 
VAL CG2 HG23 sing N N 456 
VAL OXT HXT  sing N N 457 
# 
_atom_sites.entry_id                    1LHS 
_atom_sites.fract_transf_matrix[1][1]   0.02149640 
_atom_sites.fract_transf_matrix[1][2]   -0.01412828 
_atom_sites.fract_transf_matrix[1][3]   -0.00703030 
_atom_sites.fract_transf_matrix[2][1]   0.00957903 
_atom_sites.fract_transf_matrix[2][2]   0.01060368 
_atom_sites.fract_transf_matrix[2][3]   0.00798015 
_atom_sites.fract_transf_matrix[3][1]   -0.00116384 
_atom_sites.fract_transf_matrix[3][2]   -0.00727842 
_atom_sites.fract_transf_matrix[3][3]   0.01106828 
_atom_sites.fract_transf_vector[1]      0.330321 
_atom_sites.fract_transf_vector[2]      0.039482 
_atom_sites.fract_transf_vector[3]      0.158160 
# 
loop_
_atom_type.symbol 
C  
FE 
N  
O  
S  
# 
loop_
_atom_site.group_PDB 
_atom_site.id 
_atom_site.type_symbol 
_atom_site.label_atom_id 
_atom_site.label_alt_id 
_atom_site.label_comp_id 
_atom_site.label_asym_id 
_atom_site.label_entity_id 
_atom_site.label_seq_id 
_atom_site.pdbx_PDB_ins_code 
_atom_site.Cartn_x 
_atom_site.Cartn_y 
_atom_site.Cartn_z 
_atom_site.occupancy 
_atom_site.B_iso_or_equiv 
_atom_site.pdbx_formal_charge 
_atom_site.auth_seq_id 
_atom_site.auth_comp_id 
_atom_site.auth_asym_id 
_atom_site.auth_atom_id 
_atom_site.pdbx_PDB_model_num 
ATOM   1    N  N   . GLY A 1 1   ? 9.667   -5.580  -15.339 1.00 48.52 ? 1   GLY A N   1 
ATOM   2    C  CA  . GLY A 1 1   ? 8.704   -4.526  -15.114 1.00 35.01 ? 1   GLY A CA  1 
ATOM   3    C  C   . GLY A 1 1   ? 9.264   -3.179  -15.479 1.00 34.02 ? 1   GLY A C   1 
ATOM   4    O  O   . GLY A 1 1   ? 9.318   -2.823  -16.665 1.00 80.00 ? 1   GLY A O   1 
ATOM   5    N  N   . LEU A 1 2   ? 9.813   -2.495  -14.467 1.00 27.88 ? 2   LEU A N   1 
ATOM   6    C  CA  . LEU A 1 2   ? 10.290  -1.110  -14.615 1.00 7.07  ? 2   LEU A CA  1 
ATOM   7    C  C   . LEU A 1 2   ? 11.748  -1.059  -15.019 1.00 23.18 ? 2   LEU A C   1 
ATOM   8    O  O   . LEU A 1 2   ? 12.523  -1.972  -14.704 1.00 21.13 ? 2   LEU A O   1 
ATOM   9    C  CB  . LEU A 1 2   ? 10.265  -0.364  -13.287 1.00 22.27 ? 2   LEU A CB  1 
ATOM   10   C  CG  . LEU A 1 2   ? 8.869   -0.061  -12.789 1.00 19.83 ? 2   LEU A CG  1 
ATOM   11   C  CD1 . LEU A 1 2   ? 8.095   -1.327  -12.439 1.00 23.18 ? 2   LEU A CD1 1 
ATOM   12   C  CD2 . LEU A 1 2   ? 8.878   0.805   -11.531 1.00 16.96 ? 2   LEU A CD2 1 
ATOM   13   N  N   . SER A 1 3   ? 12.052  0.027   -15.693 1.00 13.11 ? 3   SER A N   1 
ATOM   14   C  CA  . SER A 1 3   ? 13.417  0.345   -16.094 1.00 27.10 ? 3   SER A CA  1 
ATOM   15   C  C   . SER A 1 3   ? 14.090  0.995   -14.895 1.00 29.43 ? 3   SER A C   1 
ATOM   16   O  O   . SER A 1 3   ? 13.425  1.538   -14.005 1.00 18.28 ? 3   SER A O   1 
ATOM   17   C  CB  . SER A 1 3   ? 13.412  1.309   -17.282 1.00 24.99 ? 3   SER A CB  1 
ATOM   18   O  OG  . SER A 1 3   ? 12.945  2.584   -16.868 1.00 31.33 ? 3   SER A OG  1 
ATOM   19   N  N   . ASP A 1 4   ? 15.325  0.968   -14.904 1.00 19.53 ? 4   ASP A N   1 
ATOM   20   C  CA  . ASP A 1 4   ? 16.131  1.466   -13.782 1.00 26.52 ? 4   ASP A CA  1 
ATOM   21   C  C   . ASP A 1 4   ? 15.790  2.929   -13.488 1.00 34.64 ? 4   ASP A C   1 
ATOM   22   O  O   . ASP A 1 4   ? 15.690  3.343   -12.329 1.00 31.17 ? 4   ASP A O   1 
ATOM   23   C  CB  . ASP A 1 4   ? 17.622  1.379   -14.126 1.00 18.34 ? 4   ASP A CB  1 
ATOM   24   C  CG  . ASP A 1 4   ? 18.199  -0.010  -13.872 1.00 29.27 ? 4   ASP A CG  1 
ATOM   25   O  OD1 . ASP A 1 4   ? 17.824  -0.678  -12.835 1.00 54.68 ? 4   ASP A OD1 1 
ATOM   26   O  OD2 . ASP A 1 4   ? 19.054  -0.515  -14.694 1.00 45.13 ? 4   ASP A OD2 1 
ATOM   27   N  N   . ASP A 1 5   ? 15.599  3.666   -14.554 1.00 21.39 ? 5   ASP A N   1 
ATOM   28   C  CA  . ASP A 1 5   ? 15.367  5.115   -14.496 1.00 19.00 ? 5   ASP A CA  1 
ATOM   29   C  C   . ASP A 1 5   ? 13.954  5.419   -13.954 1.00 23.76 ? 5   ASP A C   1 
ATOM   30   O  O   . ASP A 1 5   ? 13.816  6.096   -12.903 1.00 24.71 ? 5   ASP A O   1 
ATOM   31   C  CB  . ASP A 1 5   ? 15.722  5.647   -15.899 1.00 43.47 ? 5   ASP A CB  1 
ATOM   32   C  CG  . ASP A 1 5   ? 14.744  6.611   -16.567 1.00 38.02 ? 5   ASP A CG  1 
ATOM   33   N  N   . GLU A 1 6   ? 12.952  4.440   -13.928 1.00 16.72 ? 6   GLU A N   1 
ATOM   34   C  CA  . GLU A 1 6   ? 11.686  4.475   -13.203 1.00 25.17 ? 6   GLU A CA  1 
ATOM   35   C  C   . GLU A 1 6   ? 11.936  4.121   -11.765 1.00 15.55 ? 6   GLU A C   1 
ATOM   36   O  O   . GLU A 1 6   ? 11.468  4.830   -10.865 1.00 10.99 ? 6   GLU A O   1 
ATOM   37   C  CB  . GLU A 1 6   ? 10.697  3.533   -13.921 1.00 19.39 ? 6   GLU A CB  1 
ATOM   38   C  CG  . GLU A 1 6   ? 10.502  3.940   -15.388 1.00 38.06 ? 6   GLU A CG  1 
ATOM   39   C  CD  . GLU A 1 6   ? 9.671   2.974   -16.178 1.00 26.05 ? 6   GLU A CD  1 
ATOM   40   O  OE1 . GLU A 1 6   ? 10.058  1.781   -16.249 1.00 23.58 ? 6   GLU A OE1 1 
ATOM   41   O  OE2 . GLU A 1 6   ? 8.609   3.433   -16.681 1.00 27.48 ? 6   GLU A OE2 1 
ATOM   42   N  N   . TRP A 1 7   ? 12.722  2.990   -11.550 1.00 9.31  ? 7   TRP A N   1 
ATOM   43   C  CA  . TRP A 1 7   ? 13.029  2.629   -10.148 1.00 16.48 ? 7   TRP A CA  1 
ATOM   44   C  C   . TRP A 1 7   ? 13.676  3.851   -9.477  1.00 17.18 ? 7   TRP A C   1 
ATOM   45   O  O   . TRP A 1 7   ? 13.401  4.184   -8.320  1.00 23.07 ? 7   TRP A O   1 
ATOM   46   C  CB  . TRP A 1 7   ? 13.891  1.358   -9.962  1.00 9.02  ? 7   TRP A CB  1 
ATOM   47   C  CG  . TRP A 1 7   ? 13.058  0.163   -10.247 1.00 13.35 ? 7   TRP A CG  1 
ATOM   48   C  CD1 . TRP A 1 7   ? 13.229  -0.725  -11.274 1.00 47.64 ? 7   TRP A CD1 1 
ATOM   49   C  CD2 . TRP A 1 7   ? 11.904  -0.236  -9.523  1.00 20.62 ? 7   TRP A CD2 1 
ATOM   50   N  NE1 . TRP A 1 7   ? 12.247  -1.672  -11.237 1.00 21.90 ? 7   TRP A NE1 1 
ATOM   51   C  CE2 . TRP A 1 7   ? 11.415  -1.402  -10.160 1.00 11.26 ? 7   TRP A CE2 1 
ATOM   52   C  CE3 . TRP A 1 7   ? 11.244  0.292   -8.411  1.00 20.47 ? 7   TRP A CE3 1 
ATOM   53   C  CZ2 . TRP A 1 7   ? 10.307  -2.058  -9.665  1.00 9.41  ? 7   TRP A CZ2 1 
ATOM   54   C  CZ3 . TRP A 1 7   ? 10.133  -0.361  -7.945  1.00 18.84 ? 7   TRP A CZ3 1 
ATOM   55   C  CH2 . TRP A 1 7   ? 9.659   -1.530  -8.567  1.00 26.07 ? 7   TRP A CH2 1 
ATOM   56   N  N   . ASN A 1 8   ? 14.554  4.536   -10.233 1.00 18.70 ? 8   ASN A N   1 
ATOM   57   C  CA  . ASN A 1 8   ? 15.183  5.728   -9.677  1.00 18.91 ? 8   ASN A CA  1 
ATOM   58   C  C   . ASN A 1 8   ? 14.153  6.716   -9.227  1.00 25.22 ? 8   ASN A C   1 
ATOM   59   O  O   . ASN A 1 8   ? 14.337  7.328   -8.184  1.00 14.20 ? 8   ASN A O   1 
ATOM   60   C  CB  . ASN A 1 8   ? 16.250  6.421   -10.507 1.00 6.49  ? 8   ASN A CB  1 
ATOM   61   C  CG  . ASN A 1 8   ? 17.503  5.593   -10.419 1.00 34.06 ? 8   ASN A CG  1 
ATOM   62   O  OD1 . ASN A 1 8   ? 17.780  4.959   -9.367  1.00 22.66 ? 8   ASN A OD1 1 
ATOM   63   N  ND2 . ASN A 1 8   ? 18.202  5.567   -11.559 1.00 28.06 ? 8   ASN A ND2 1 
ATOM   64   N  N   . HIS A 1 9   ? 13.085  6.848   -10.009 1.00 16.16 ? 9   HIS A N   1 
ATOM   65   C  CA  . HIS A 1 9   ? 12.032  7.772   -9.614  1.00 16.70 ? 9   HIS A CA  1 
ATOM   66   C  C   . HIS A 1 9   ? 11.284  7.207   -8.410  1.00 24.94 ? 9   HIS A C   1 
ATOM   67   O  O   . HIS A 1 9   ? 10.805  7.907   -7.512  1.00 28.45 ? 9   HIS A O   1 
ATOM   68   C  CB  . HIS A 1 9   ? 10.946  7.888   -10.699 1.00 17.58 ? 9   HIS A CB  1 
ATOM   69   C  CG  . HIS A 1 9   ? 11.276  8.976   -11.608 1.00 19.04 ? 9   HIS A CG  1 
ATOM   70   N  ND1 . HIS A 1 9   ? 11.864  8.685   -12.803 1.00 34.44 ? 9   HIS A ND1 1 
ATOM   71   C  CD2 . HIS A 1 9   ? 11.134  10.305  -11.461 1.00 16.06 ? 9   HIS A CD2 1 
ATOM   72   C  CE1 . HIS A 1 9   ? 12.057  9.838   -13.390 1.00 12.49 ? 9   HIS A CE1 1 
ATOM   73   N  NE2 . HIS A 1 9   ? 11.641  10.809  -12.613 1.00 30.45 ? 9   HIS A NE2 1 
ATOM   74   N  N   . VAL A 1 10  ? 11.141  5.896   -8.385  1.00 15.61 ? 10  VAL A N   1 
ATOM   75   C  CA  . VAL A 1 10  ? 10.386  5.397   -7.263  1.00 15.57 ? 10  VAL A CA  1 
ATOM   76   C  C   . VAL A 1 10  ? 11.127  5.559   -5.936  1.00 20.50 ? 10  VAL A C   1 
ATOM   77   O  O   . VAL A 1 10  ? 10.592  6.047   -4.917  1.00 13.43 ? 10  VAL A O   1 
ATOM   78   C  CB  . VAL A 1 10  ? 9.913   3.946   -7.502  1.00 16.85 ? 10  VAL A CB  1 
ATOM   79   C  CG1 . VAL A 1 10  ? 9.349   3.298   -6.233  1.00 20.91 ? 10  VAL A CG1 1 
ATOM   80   C  CG2 . VAL A 1 10  ? 8.922   3.852   -8.656  1.00 19.11 ? 10  VAL A CG2 1 
ATOM   81   N  N   . LEU A 1 11  ? 12.370  5.095   -5.958  1.00 10.10 ? 11  LEU A N   1 
ATOM   82   C  CA  . LEU A 1 11  ? 13.223  5.099   -4.795  1.00 16.81 ? 11  LEU A CA  1 
ATOM   83   C  C   . LEU A 1 11  ? 13.495  6.511   -4.304  1.00 29.65 ? 11  LEU A C   1 
ATOM   84   O  O   . LEU A 1 11  ? 13.550  6.780   -3.099  1.00 10.85 ? 11  LEU A O   1 
ATOM   85   C  CB  . LEU A 1 11  ? 14.417  4.159   -4.943  1.00 8.30  ? 11  LEU A CB  1 
ATOM   86   C  CG  . LEU A 1 11  ? 14.032  2.732   -5.284  1.00 10.69 ? 11  LEU A CG  1 
ATOM   87   C  CD1 . LEU A 1 11  ? 15.211  1.755   -5.345  1.00 21.96 ? 11  LEU A CD1 1 
ATOM   88   C  CD2 . LEU A 1 11  ? 12.997  2.226   -4.295  1.00 35.25 ? 11  LEU A CD2 1 
ATOM   89   N  N   . GLY A 1 12  ? 13.588  7.422   -5.255  1.00 14.16 ? 12  GLY A N   1 
ATOM   90   C  CA  . GLY A 1 12  ? 13.782  8.872   -5.103  1.00 18.30 ? 12  GLY A CA  1 
ATOM   91   C  C   . GLY A 1 12  ? 12.766  9.438   -4.105  1.00 10.04 ? 12  GLY A C   1 
ATOM   92   O  O   . GLY A 1 12  ? 13.126  10.132  -3.141  1.00 26.09 ? 12  GLY A O   1 
ATOM   93   N  N   . ILE A 1 13  ? 11.490  9.137   -4.363  1.00 40.86 ? 13  ILE A N   1 
ATOM   94   C  CA  . ILE A 1 13  ? 10.392  9.601   -3.483  1.00 26.79 ? 13  ILE A CA  1 
ATOM   95   C  C   . ILE A 1 13  ? 10.458  8.894   -2.140  1.00 20.84 ? 13  ILE A C   1 
ATOM   96   O  O   . ILE A 1 13  ? 9.963   9.409   -1.133  1.00 12.90 ? 13  ILE A O   1 
ATOM   97   C  CB  . ILE A 1 13  ? 8.984   9.302   -4.020  1.00 12.02 ? 13  ILE A CB  1 
ATOM   98   C  CG1 . ILE A 1 13  ? 8.925   9.117   -5.526  0.49 14.39 ? 13  ILE A CG1 1 
ATOM   99   C  CG2 . ILE A 1 13  ? 7.989   10.427  -3.686  0.68 12.06 ? 13  ILE A CG2 1 
ATOM   100  C  CD1 . ILE A 1 13  ? 9.243   10.395  -6.295  1.00 20.00 ? 13  ILE A CD1 1 
ATOM   101  N  N   . TRP A 1 14  ? 10.487  7.562   -2.343  1.00 17.47 ? 14  TRP A N   1 
ATOM   102  C  CA  . TRP A 1 14  ? 10.395  6.701   -1.174  1.00 27.66 ? 14  TRP A CA  1 
ATOM   103  C  C   . TRP A 1 14  ? 11.310  7.245   -0.059  1.00 20.71 ? 14  TRP A C   1 
ATOM   104  O  O   . TRP A 1 14  ? 10.943  7.296   1.149   1.00 21.00 ? 14  TRP A O   1 
ATOM   105  C  CB  . TRP A 1 14  ? 10.524  5.166   -1.504  1.00 7.36  ? 14  TRP A CB  1 
ATOM   106  C  CG  . TRP A 1 14  ? 10.021  4.372   -0.352  1.00 18.99 ? 14  TRP A CG  1 
ATOM   107  C  CD1 . TRP A 1 14  ? 10.738  3.773   0.621   1.00 23.51 ? 14  TRP A CD1 1 
ATOM   108  C  CD2 . TRP A 1 14  ? 8.658   4.207   -0.021  1.00 8.64  ? 14  TRP A CD2 1 
ATOM   109  N  NE1 . TRP A 1 14  ? 9.892   3.220   1.536   1.00 9.04  ? 14  TRP A NE1 1 
ATOM   110  C  CE2 . TRP A 1 14  ? 8.608   3.473   1.181   1.00 18.59 ? 14  TRP A CE2 1 
ATOM   111  C  CE3 . TRP A 1 14  ? 7.495   4.626   -0.643  1.00 20.03 ? 14  TRP A CE3 1 
ATOM   112  C  CZ2 . TRP A 1 14  ? 7.394   3.111   1.783   1.00 9.11  ? 14  TRP A CZ2 1 
ATOM   113  C  CZ3 . TRP A 1 14  ? 6.293   4.291   -0.054  1.00 24.63 ? 14  TRP A CZ3 1 
ATOM   114  C  CH2 . TRP A 1 14  ? 6.264   3.563   1.139   1.00 12.78 ? 14  TRP A CH2 1 
ATOM   115  N  N   . ALA A 1 15  ? 12.525  7.692   -0.454  1.00 30.62 ? 15  ALA A N   1 
ATOM   116  C  CA  . ALA A 1 15  ? 13.470  8.249   0.530   1.00 18.30 ? 15  ALA A CA  1 
ATOM   117  C  C   . ALA A 1 15  ? 12.914  9.454   1.261   1.00 13.07 ? 15  ALA A C   1 
ATOM   118  O  O   . ALA A 1 15  ? 13.292  9.700   2.412   1.00 20.46 ? 15  ALA A O   1 
ATOM   119  C  CB  . ALA A 1 15  ? 14.785  8.658   -0.060  1.00 13.63 ? 15  ALA A CB  1 
ATOM   120  N  N   . LYS A 1 16  ? 12.036  10.178  0.568   1.00 16.84 ? 16  LYS A N   1 
ATOM   121  C  CA  . LYS A 1 16  ? 11.397  11.351  1.116   1.00 9.12  ? 16  LYS A CA  1 
ATOM   122  C  C   . LYS A 1 16  ? 10.201  10.980  1.999   1.00 22.06 ? 16  LYS A C   1 
ATOM   123  O  O   . LYS A 1 16  ? 9.703   11.760  2.818   1.00 11.72 ? 16  LYS A O   1 
ATOM   124  C  CB  . LYS A 1 16  ? 11.067  12.375  0.063   1.00 29.80 ? 16  LYS A CB  1 
ATOM   125  C  CG  . LYS A 1 16  ? 12.228  12.744  -0.848  1.00 27.39 ? 16  LYS A CG  1 
ATOM   126  C  CD  . LYS A 1 16  ? 12.352  14.231  -1.110  1.00 57.06 ? 16  LYS A CD  1 
ATOM   127  C  CE  . LYS A 1 16  ? 13.472  14.575  -2.085  1.00 45.53 ? 16  LYS A CE  1 
ATOM   128  N  NZ  . LYS A 1 16  ? 13.232  14.106  -3.463  1.00 71.52 ? 16  LYS A NZ  1 
ATOM   129  N  N   . VAL A 1 17  ? 9.815   9.721   1.939   1.00 23.11 ? 17  VAL A N   1 
ATOM   130  C  CA  . VAL A 1 17  ? 8.604   9.267   2.634   1.00 13.46 ? 17  VAL A CA  1 
ATOM   131  C  C   . VAL A 1 17  ? 8.955   8.714   4.022   1.00 29.31 ? 17  VAL A C   1 
ATOM   132  O  O   . VAL A 1 17  ? 8.256   8.987   5.007   1.00 19.19 ? 17  VAL A O   1 
ATOM   133  C  CB  . VAL A 1 17  ? 7.919   8.156   1.827   1.00 8.15  ? 17  VAL A CB  1 
ATOM   134  C  CG1 . VAL A 1 17  ? 6.900   7.354   2.642   1.00 5.28  ? 17  VAL A CG1 1 
ATOM   135  C  CG2 . VAL A 1 17  ? 7.153   8.692   0.617   1.00 14.87 ? 17  VAL A CG2 1 
ATOM   136  N  N   . GLU A 1 18  ? 10.049  8.006   4.089   1.00 11.16 ? 18  GLU A N   1 
ATOM   137  C  CA  . GLU A 1 18  ? 10.527  7.252   5.257   1.00 4.00  ? 18  GLU A CA  1 
ATOM   138  C  C   . GLU A 1 18  ? 10.688  8.185   6.452   1.00 12.14 ? 18  GLU A C   1 
ATOM   139  O  O   . GLU A 1 18  ? 10.338  7.828   7.588   1.00 28.20 ? 18  GLU A O   1 
ATOM   140  C  CB  . GLU A 1 18  ? 11.864  6.601   4.939   1.00 6.90  ? 18  GLU A CB  1 
ATOM   141  C  CG  . GLU A 1 18  ? 11.742  5.588   3.809   1.00 12.38 ? 18  GLU A CG  1 
ATOM   142  C  CD  . GLU A 1 18  ? 13.018  4.792   3.586   1.00 26.85 ? 18  GLU A CD  1 
ATOM   143  O  OE1 . GLU A 1 18  ? 14.132  5.410   3.397   1.00 24.35 ? 18  GLU A OE1 1 
ATOM   144  O  OE2 . GLU A 1 18  ? 12.978  3.504   3.583   1.00 28.72 ? 18  GLU A OE2 1 
ATOM   145  N  N   . PRO A 1 19  ? 11.197  9.409   6.266   1.00 19.41 ? 19  PRO A N   1 
ATOM   146  C  CA  . PRO A 1 19  ? 11.349  10.330  7.371   1.00 9.76  ? 19  PRO A CA  1 
ATOM   147  C  C   . PRO A 1 19  ? 10.029  10.513  8.063   1.00 20.90 ? 19  PRO A C   1 
ATOM   148  O  O   . PRO A 1 19  ? 10.013  10.599  9.329   1.00 17.28 ? 19  PRO A O   1 
ATOM   149  C  CB  . PRO A 1 19  ? 11.846  11.599  6.728   1.00 34.34 ? 19  PRO A CB  1 
ATOM   150  C  CG  . PRO A 1 19  ? 12.029  11.327  5.245   1.00 41.09 ? 19  PRO A CG  1 
ATOM   151  C  CD  . PRO A 1 19  ? 11.650  9.903   4.967   1.00 35.86 ? 19  PRO A CD  1 
ATOM   152  N  N   . ASP A 1 20  ? 8.920   10.370  7.377   1.00 17.50 ? 20  ASP A N   1 
ATOM   153  C  CA  . ASP A 1 20  ? 7.587   10.481  8.010   1.00 11.00 ? 20  ASP A CA  1 
ATOM   154  C  C   . ASP A 1 20  ? 6.663   9.300   7.722   1.00 31.61 ? 20  ASP A C   1 
ATOM   155  O  O   . ASP A 1 20  ? 5.454   9.532   7.594   1.00 19.66 ? 20  ASP A O   1 
ATOM   156  C  CB  . ASP A 1 20  ? 6.869   11.691  7.425   1.00 23.42 ? 20  ASP A CB  1 
ATOM   157  C  CG  . ASP A 1 20  ? 6.961   12.865  8.306   1.00 56.78 ? 20  ASP A CG  1 
ATOM   158  O  OD1 . ASP A 1 20  ? 6.191   12.936  9.325   1.00 58.92 ? 20  ASP A OD1 1 
ATOM   159  O  OD2 . ASP A 1 20  ? 7.898   13.659  8.022   1.00 80.00 ? 20  ASP A OD2 1 
ATOM   160  N  N   . LEU A 1 21  ? 7.197   8.076   7.619   1.00 15.68 ? 21  LEU A N   1 
ATOM   161  C  CA  . LEU A 1 21  ? 6.402   6.897   7.299   1.00 13.52 ? 21  LEU A CA  1 
ATOM   162  C  C   . LEU A 1 21  ? 5.132   6.658   8.136   1.00 40.35 ? 21  LEU A C   1 
ATOM   163  O  O   . LEU A 1 21  ? 4.027   6.363   7.676   1.00 16.65 ? 21  LEU A O   1 
ATOM   164  C  CB  . LEU A 1 21  ? 7.330   5.720   6.965   1.00 14.02 ? 21  LEU A CB  1 
ATOM   165  C  CG  . LEU A 1 21  ? 6.656   4.413   6.693   1.00 16.96 ? 21  LEU A CG  1 
ATOM   166  C  CD1 . LEU A 1 21  ? 7.710   3.468   6.182   1.00 25.94 ? 21  LEU A CD1 1 
ATOM   167  C  CD2 . LEU A 1 21  ? 6.146   3.865   8.014   1.00 24.20 ? 21  LEU A CD2 1 
ATOM   168  N  N   . SER A 1 22  ? 5.208   6.805   9.285   1.00 15.35 ? 22  SER A N   1 
ATOM   169  C  CA  . SER A 1 22  ? 4.171   6.714   10.321  1.00 34.88 ? 22  SER A CA  1 
ATOM   170  C  C   . SER A 1 22  ? 2.980   7.601   9.973   1.00 4.09  ? 22  SER A C   1 
ATOM   171  O  O   . SER A 1 22  ? 1.821   7.176   10.004  1.00 15.95 ? 22  SER A O   1 
ATOM   172  C  CB  . SER A 1 22  ? 4.715   7.208   11.652  1.00 35.74 ? 22  SER A CB  1 
ATOM   173  O  OG  . SER A 1 22  ? 5.227   6.122   12.396  1.00 80.00 ? 22  SER A OG  1 
ATOM   174  N  N   . ALA A 1 23  ? 3.276   8.839   9.657   1.00 11.66 ? 23  ALA A N   1 
ATOM   175  C  CA  . ALA A 1 23  ? 2.225   9.807   9.340   1.00 23.78 ? 23  ALA A CA  1 
ATOM   176  C  C   . ALA A 1 23  ? 1.513   9.406   8.050   1.00 29.46 ? 23  ALA A C   1 
ATOM   177  O  O   . ALA A 1 23  ? 0.276   9.450   7.965   1.00 20.73 ? 23  ALA A O   1 
ATOM   178  C  CB  . ALA A 1 23  ? 2.820   11.199  9.183   1.00 31.05 ? 23  ALA A CB  1 
ATOM   179  N  N   . HIS A 1 24  ? 2.317   8.998   7.084   1.00 15.83 ? 24  HIS A N   1 
ATOM   180  C  CA  . HIS A 1 24  ? 1.828   8.584   5.757   1.00 16.12 ? 24  HIS A CA  1 
ATOM   181  C  C   . HIS A 1 24  ? 0.969   7.319   5.902   1.00 39.67 ? 24  HIS A C   1 
ATOM   182  O  O   . HIS A 1 24  ? -0.138  7.223   5.359   1.00 19.47 ? 24  HIS A O   1 
ATOM   183  C  CB  . HIS A 1 24  ? 3.012   8.291   4.816   1.00 19.84 ? 24  HIS A CB  1 
ATOM   184  C  CG  . HIS A 1 24  ? 3.604   9.548   4.158   1.00 15.24 ? 24  HIS A CG  1 
ATOM   185  N  ND1 . HIS A 1 24  ? 4.598   10.301  4.776   1.00 26.58 ? 24  HIS A ND1 1 
ATOM   186  C  CD2 . HIS A 1 24  ? 3.350   10.166  2.970   1.00 56.11 ? 24  HIS A CD2 1 
ATOM   187  C  CE1 . HIS A 1 24  ? 4.903   11.315  3.985   1.00 26.77 ? 24  HIS A CE1 1 
ATOM   188  N  NE2 . HIS A 1 24  ? 4.166   11.251  2.905   1.00 40.44 ? 24  HIS A NE2 1 
ATOM   189  N  N   . GLY A 1 25  ? 1.500   6.365   6.645   1.00 14.37 ? 25  GLY A N   1 
ATOM   190  C  CA  . GLY A 1 25  ? 0.811   5.089   6.899   1.00 23.81 ? 25  GLY A CA  1 
ATOM   191  C  C   . GLY A 1 25  ? -0.571  5.355   7.507   1.00 27.13 ? 25  GLY A C   1 
ATOM   192  O  O   . GLY A 1 25  ? -1.580  4.760   7.098   1.00 23.06 ? 25  GLY A O   1 
ATOM   193  N  N   . GLN A 1 26  ? -0.684  6.185   8.481   1.00 16.09 ? 26  GLN A N   1 
ATOM   194  C  CA  . GLN A 1 26  ? -1.992  6.388   9.069   1.00 15.46 ? 26  GLN A CA  1 
ATOM   195  C  C   . GLN A 1 26  ? -3.000  7.108   8.162   1.00 21.34 ? 26  GLN A C   1 
ATOM   196  O  O   . GLN A 1 26  ? -4.213  6.856   8.238   1.00 33.09 ? 26  GLN A O   1 
ATOM   197  C  CB  . GLN A 1 26  ? -1.802  7.126   10.397  1.00 16.30 ? 26  GLN A CB  1 
ATOM   198  C  CG  . GLN A 1 26  ? -3.064  7.812   10.940  1.00 17.88 ? 26  GLN A CG  1 
ATOM   199  C  CD  . GLN A 1 26  ? -2.702  8.820   12.043  1.00 65.84 ? 26  GLN A CD  1 
ATOM   200  O  OE1 . GLN A 1 26  ? -1.550  9.207   12.267  1.00 47.68 ? 26  GLN A OE1 1 
ATOM   201  N  NE2 . GLN A 1 26  ? -3.675  9.254   12.799  1.00 25.80 ? 26  GLN A NE2 1 
ATOM   202  N  N   . GLU A 1 27  ? -2.514  8.015   7.296   1.00 18.68 ? 27  GLU A N   1 
ATOM   203  C  CA  . GLU A 1 27  ? -3.400  8.751   6.416   1.00 21.73 ? 27  GLU A CA  1 
ATOM   204  C  C   . GLU A 1 27  ? -3.895  7.803   5.333   1.00 17.72 ? 27  GLU A C   1 
ATOM   205  O  O   . GLU A 1 27  ? -4.998  7.942   4.788   1.00 19.66 ? 27  GLU A O   1 
ATOM   206  C  CB  . GLU A 1 27  ? -2.721  10.018  5.820   1.00 26.14 ? 27  GLU A CB  1 
ATOM   207  C  CG  . GLU A 1 27  ? -3.562  10.947  4.927   1.00 33.49 ? 27  GLU A CG  1 
ATOM   208  C  CD  . GLU A 1 27  ? -4.561  11.756  5.699   1.00 24.74 ? 27  GLU A CD  1 
ATOM   209  O  OE1 . GLU A 1 27  ? -4.376  11.960  6.929   1.00 71.61 ? 27  GLU A OE1 1 
ATOM   210  O  OE2 . GLU A 1 27  ? -5.614  12.080  5.099   1.00 80.00 ? 27  GLU A OE2 1 
ATOM   211  N  N   . VAL A 1 28  ? -3.058  6.827   4.997   1.00 14.62 ? 28  VAL A N   1 
ATOM   212  C  CA  . VAL A 1 28  ? -3.481  5.883   3.951   1.00 23.06 ? 28  VAL A CA  1 
ATOM   213  C  C   . VAL A 1 28  ? -4.592  4.951   4.488   1.00 25.65 ? 28  VAL A C   1 
ATOM   214  O  O   . VAL A 1 28  ? -5.531  4.549   3.786   1.00 21.04 ? 28  VAL A O   1 
ATOM   215  C  CB  . VAL A 1 28  ? -2.395  5.170   3.103   1.00 12.60 ? 28  VAL A CB  1 
ATOM   216  C  CG1 . VAL A 1 28  ? -1.370  6.093   2.492   1.00 9.01  ? 28  VAL A CG1 1 
ATOM   217  C  CG2 . VAL A 1 28  ? -1.506  4.337   3.978   1.00 29.16 ? 28  VAL A CG2 1 
ATOM   218  N  N   . ILE A 1 29  ? -4.511  4.608   5.763   1.00 10.33 ? 29  ILE A N   1 
ATOM   219  C  CA  . ILE A 1 29  ? -5.535  3.725   6.286   1.00 12.21 ? 29  ILE A CA  1 
ATOM   220  C  C   . ILE A 1 29  ? -6.790  4.517   6.499   1.00 13.90 ? 29  ILE A C   1 
ATOM   221  O  O   . ILE A 1 29  ? -7.872  4.118   6.140   1.00 25.29 ? 29  ILE A O   1 
ATOM   222  C  CB  . ILE A 1 29  ? -5.066  2.929   7.531   1.00 28.61 ? 29  ILE A CB  1 
ATOM   223  C  CG1 . ILE A 1 29  ? -3.867  2.051   7.159   1.00 14.76 ? 29  ILE A CG1 1 
ATOM   224  C  CG2 . ILE A 1 29  ? -6.159  1.978   8.015   1.00 19.19 ? 29  ILE A CG2 1 
ATOM   225  C  CD1 . ILE A 1 29  ? -4.236  1.213   5.936   1.00 38.88 ? 29  ILE A CD1 1 
ATOM   226  N  N   . ILE A 1 30  ? -6.651  5.664   7.094   1.00 14.38 ? 30  ILE A N   1 
ATOM   227  C  CA  . ILE A 1 30  ? -7.863  6.436   7.308   1.00 21.65 ? 30  ILE A CA  1 
ATOM   228  C  C   . ILE A 1 30  ? -8.620  6.767   5.993   1.00 17.13 ? 30  ILE A C   1 
ATOM   229  O  O   . ILE A 1 30  ? -9.840  6.717   5.919   1.00 21.59 ? 30  ILE A O   1 
ATOM   230  C  CB  . ILE A 1 30  ? -7.594  7.681   8.151   1.00 22.64 ? 30  ILE A CB  1 
ATOM   231  C  CG1 . ILE A 1 30  ? -6.881  7.323   9.446   1.00 24.72 ? 30  ILE A CG1 1 
ATOM   232  C  CG2 . ILE A 1 30  ? -8.932  8.345   8.443   1.00 23.28 ? 30  ILE A CG2 1 
ATOM   233  C  CD1 . ILE A 1 30  ? -6.788  8.531   10.356  1.00 18.05 ? 30  ILE A CD1 1 
ATOM   234  N  N   . ARG A 1 31  ? -7.882  7.119   4.945   1.00 19.78 ? 31  ARG A N   1 
ATOM   235  C  CA  . ARG A 1 31  ? -8.409  7.469   3.635   1.00 24.50 ? 31  ARG A CA  1 
ATOM   236  C  C   . ARG A 1 31  ? -9.067  6.327   2.871   1.00 20.00 ? 31  ARG A C   1 
ATOM   237  O  O   . ARG A 1 31  ? -9.988  6.560   2.066   1.00 21.79 ? 31  ARG A O   1 
ATOM   238  C  CB  . ARG A 1 31  ? -7.350  8.135   2.764   1.00 27.40 ? 31  ARG A CB  1 
ATOM   239  C  CG  . ARG A 1 31  ? -6.954  9.527   3.246   1.00 80.00 ? 31  ARG A CG  1 
ATOM   240  N  N   . LEU A 1 32  ? -8.535  5.123   3.104   1.00 19.29 ? 32  LEU A N   1 
ATOM   241  C  CA  . LEU A 1 32  ? -9.012  3.894   2.539   1.00 13.47 ? 32  LEU A CA  1 
ATOM   242  C  C   . LEU A 1 32  ? -10.441 3.670   3.028   1.00 18.49 ? 32  LEU A C   1 
ATOM   243  O  O   . LEU A 1 32  ? -11.372 3.536   2.231   1.00 25.53 ? 32  LEU A O   1 
ATOM   244  C  CB  . LEU A 1 32  ? -8.083  2.727   2.887   1.00 4.00  ? 32  LEU A CB  1 
ATOM   245  C  CG  . LEU A 1 32  ? -8.452  1.361   2.328   1.00 19.36 ? 32  LEU A CG  1 
ATOM   246  C  CD1 . LEU A 1 32  ? -8.528  1.383   0.776   1.00 16.69 ? 32  LEU A CD1 1 
ATOM   247  C  CD2 . LEU A 1 32  ? -7.368  0.390   2.822   1.00 12.11 ? 32  LEU A CD2 1 
ATOM   248  N  N   . PHE A 1 33  ? -10.615 3.737   4.329   1.00 11.82 ? 33  PHE A N   1 
ATOM   249  C  CA  . PHE A 1 33  ? -11.886 3.457   5.009   1.00 22.20 ? 33  PHE A CA  1 
ATOM   250  C  C   . PHE A 1 33  ? -12.923 4.546   4.719   1.00 23.15 ? 33  PHE A C   1 
ATOM   251  O  O   . PHE A 1 33  ? -14.125 4.279   4.620   1.00 19.27 ? 33  PHE A O   1 
ATOM   252  C  CB  . PHE A 1 33  ? -11.708 3.459   6.526   1.00 23.44 ? 33  PHE A CB  1 
ATOM   253  C  CG  . PHE A 1 33  ? -10.916 2.271   7.066   1.00 20.99 ? 33  PHE A CG  1 
ATOM   254  C  CD1 . PHE A 1 33  ? -10.613 1.184   6.237   1.00 19.50 ? 33  PHE A CD1 1 
ATOM   255  C  CD2 . PHE A 1 33  ? -10.497 2.282   8.398   1.00 20.50 ? 33  PHE A CD2 1 
ATOM   256  C  CE1 . PHE A 1 33  ? -9.884  0.103   6.746   1.00 15.88 ? 33  PHE A CE1 1 
ATOM   257  C  CE2 . PHE A 1 33  ? -9.769  1.202   8.907   1.00 25.40 ? 33  PHE A CE2 1 
ATOM   258  C  CZ  . PHE A 1 33  ? -9.461  0.113   8.081   1.00 34.43 ? 33  PHE A CZ  1 
ATOM   259  N  N   . GLN A 1 34  ? -12.439 5.763   4.595   1.00 22.16 ? 34  GLN A N   1 
ATOM   260  C  CA  . GLN A 1 34  ? -13.309 6.931   4.388   1.00 32.92 ? 34  GLN A CA  1 
ATOM   261  C  C   . GLN A 1 34  ? -13.708 7.052   2.909   1.00 20.42 ? 34  GLN A C   1 
ATOM   262  O  O   . GLN A 1 34  ? -14.909 7.046   2.573   1.00 17.35 ? 34  GLN A O   1 
ATOM   263  C  CB  . GLN A 1 34  ? -12.579 8.173   4.904   1.00 10.60 ? 34  GLN A CB  1 
ATOM   264  C  CG  . GLN A 1 34  ? -12.525 9.329   3.914   1.00 59.30 ? 34  GLN A CG  1 
ATOM   265  C  CD  . GLN A 1 34  ? -12.467 10.690  4.605   1.00 80.00 ? 34  GLN A CD  1 
ATOM   266  O  OE1 . GLN A 1 34  ? -13.212 10.927  5.554   1.00 69.68 ? 34  GLN A OE1 1 
ATOM   267  N  NE2 . GLN A 1 34  ? -11.607 11.601  4.188   1.00 47.94 ? 34  GLN A NE2 1 
ATOM   268  N  N   . LEU A 1 35  ? -12.865 6.756   1.932   1.00 25.02 ? 35  LEU A N   1 
ATOM   269  C  CA  . LEU A 1 35  ? -13.232 6.698   0.540   1.00 15.07 ? 35  LEU A CA  1 
ATOM   270  C  C   . LEU A 1 35  ? -13.839 5.346   0.213   1.00 50.44 ? 35  LEU A C   1 
ATOM   271  O  O   . LEU A 1 35  ? -14.633 5.302   -0.689  1.00 20.37 ? 35  LEU A O   1 
ATOM   272  C  CB  . LEU A 1 35  ? -11.991 6.935   -0.362  1.00 21.15 ? 35  LEU A CB  1 
ATOM   273  C  CG  . LEU A 1 35  ? -11.807 8.222   -1.159  1.00 23.01 ? 35  LEU A CG  1 
ATOM   274  C  CD1 . LEU A 1 35  ? -12.086 9.439   -0.291  1.00 80.00 ? 35  LEU A CD1 1 
ATOM   275  C  CD2 . LEU A 1 35  ? -10.401 8.248   -1.738  1.00 54.68 ? 35  LEU A CD2 1 
ATOM   276  N  N   . HIS A 1 36  ? -13.450 4.224   0.871   1.00 16.14 ? 36  HIS A N   1 
ATOM   277  C  CA  . HIS A 1 36  ? -14.091 2.944   0.532   1.00 12.46 ? 36  HIS A CA  1 
ATOM   278  C  C   . HIS A 1 36  ? -14.474 2.199   1.807   1.00 20.41 ? 36  HIS A C   1 
ATOM   279  O  O   . HIS A 1 36  ? -13.765 1.273   2.239   1.00 14.74 ? 36  HIS A O   1 
ATOM   280  C  CB  . HIS A 1 36  ? -13.132 2.072   -0.276  1.00 16.71 ? 36  HIS A CB  1 
ATOM   281  C  CG  . HIS A 1 36  ? -12.499 2.798   -1.461  1.00 19.69 ? 36  HIS A CG  1 
ATOM   282  N  ND1 . HIS A 1 36  ? -13.140 2.899   -2.690  1.00 21.07 ? 36  HIS A ND1 1 
ATOM   283  C  CD2 . HIS A 1 36  ? -11.307 3.436   -1.597  1.00 25.73 ? 36  HIS A CD2 1 
ATOM   284  C  CE1 . HIS A 1 36  ? -12.349 3.563   -3.512  1.00 35.54 ? 36  HIS A CE1 1 
ATOM   285  N  NE2 . HIS A 1 36  ? -11.251 3.890   -2.877  1.00 27.83 ? 36  HIS A NE2 1 
ATOM   286  N  N   . PRO A 1 37  ? -15.674 2.499   2.347   1.00 20.42 ? 37  PRO A N   1 
ATOM   287  C  CA  . PRO A 1 37  ? -15.998 1.954   3.646   1.00 18.71 ? 37  PRO A CA  1 
ATOM   288  C  C   . PRO A 1 37  ? -16.089 0.434   3.630   1.00 37.10 ? 37  PRO A C   1 
ATOM   289  O  O   . PRO A 1 37  ? -16.110 -0.199  4.722   1.00 37.78 ? 37  PRO A O   1 
ATOM   290  C  CB  . PRO A 1 37  ? -17.317 2.615   3.986   1.00 29.48 ? 37  PRO A CB  1 
ATOM   291  C  CG  . PRO A 1 37  ? -17.638 3.604   2.874   1.00 19.37 ? 37  PRO A CG  1 
ATOM   292  C  CD  . PRO A 1 37  ? -16.520 3.587   1.876   1.00 12.80 ? 37  PRO A CD  1 
ATOM   293  N  N   . GLU A 1 38  ? -16.132 -0.232  2.462   1.00 18.37 ? 38  GLU A N   1 
ATOM   294  C  CA  . GLU A 1 38  ? -16.226 -1.728  2.504   1.00 28.46 ? 38  GLU A CA  1 
ATOM   295  C  C   . GLU A 1 38  ? -14.957 -2.341  3.079   1.00 24.18 ? 38  GLU A C   1 
ATOM   296  O  O   . GLU A 1 38  ? -15.017 -3.390  3.737   1.00 23.94 ? 38  GLU A O   1 
ATOM   297  C  CB  . GLU A 1 38  ? -16.462 -2.434  1.153   1.00 32.74 ? 38  GLU A CB  1 
ATOM   298  C  CG  . GLU A 1 38  ? -15.561 -1.975  0.030   1.00 58.58 ? 38  GLU A CG  1 
ATOM   299  C  CD  . GLU A 1 38  ? -16.128 -0.729  -0.602  1.00 80.00 ? 38  GLU A CD  1 
ATOM   300  O  OE1 . GLU A 1 38  ? -17.064 -0.089  0.014   1.00 41.11 ? 38  GLU A OE1 1 
ATOM   301  O  OE2 . GLU A 1 38  ? -15.676 -0.316  -1.726  1.00 35.29 ? 38  GLU A OE2 1 
ATOM   302  N  N   . THR A 1 39  ? -13.844 -1.725  2.829   1.00 20.69 ? 39  THR A N   1 
ATOM   303  C  CA  . THR A 1 39  ? -12.551 -2.252  3.280   1.00 22.55 ? 39  THR A CA  1 
ATOM   304  C  C   . THR A 1 39  ? -12.456 -2.274  4.805   1.00 11.80 ? 39  THR A C   1 
ATOM   305  O  O   . THR A 1 39  ? -11.755 -3.124  5.385   1.00 24.94 ? 39  THR A O   1 
ATOM   306  C  CB  . THR A 1 39  ? -11.437 -1.390  2.697   1.00 23.79 ? 39  THR A CB  1 
ATOM   307  O  OG1 . THR A 1 39  ? -11.613 -0.043  3.103   1.00 14.68 ? 39  THR A OG1 1 
ATOM   308  C  CG2 . THR A 1 39  ? -11.420 -1.408  1.165   1.00 12.28 ? 39  THR A CG2 1 
ATOM   309  N  N   . GLN A 1 40  ? -13.205 -1.445  5.416   1.00 12.81 ? 40  GLN A N   1 
ATOM   310  C  CA  . GLN A 1 40  ? -13.105 -1.439  6.837   1.00 20.56 ? 40  GLN A CA  1 
ATOM   311  C  C   . GLN A 1 40  ? -13.673 -2.691  7.356   1.00 23.47 ? 40  GLN A C   1 
ATOM   312  O  O   . GLN A 1 40  ? -13.244 -3.128  8.372   1.00 15.80 ? 40  GLN A O   1 
ATOM   313  C  CB  . GLN A 1 40  ? -13.745 -0.242  7.522   1.00 14.92 ? 40  GLN A CB  1 
ATOM   314  C  CG  . GLN A 1 40  ? -13.294 -0.034  8.990   1.00 22.67 ? 40  GLN A CG  1 
ATOM   315  C  CD  . GLN A 1 40  ? -13.815 1.332   9.441   1.00 22.40 ? 40  GLN A CD  1 
ATOM   316  O  OE1 . GLN A 1 40  ? -14.143 2.191   8.608   1.00 29.36 ? 40  GLN A OE1 1 
ATOM   317  N  NE2 . GLN A 1 40  ? -13.995 1.514   10.725  1.00 27.78 ? 40  GLN A NE2 1 
ATOM   318  N  N   . GLU A 1 41  ? -14.638 -3.271  6.653   1.00 20.64 ? 41  GLU A N   1 
ATOM   319  C  CA  . GLU A 1 41  ? -15.218 -4.518  7.175   1.00 14.55 ? 41  GLU A CA  1 
ATOM   320  C  C   . GLU A 1 41  ? -14.270 -5.723  7.312   1.00 21.74 ? 41  GLU A C   1 
ATOM   321  O  O   . GLU A 1 41  ? -14.549 -6.676  8.050   1.00 25.88 ? 41  GLU A O   1 
ATOM   322  C  CB  . GLU A 1 41  ? -16.450 -4.928  6.380   1.00 31.90 ? 41  GLU A CB  1 
ATOM   323  N  N   . ARG A 1 42  ? -13.159 -5.690  6.581   1.00 17.71 ? 42  ARG A N   1 
ATOM   324  C  CA  . ARG A 1 42  ? -12.156 -6.764  6.593   1.00 15.89 ? 42  ARG A CA  1 
ATOM   325  C  C   . ARG A 1 42  ? -11.246 -6.730  7.809   1.00 11.23 ? 42  ARG A C   1 
ATOM   326  O  O   . ARG A 1 42  ? -10.428 -7.665  7.968   1.00 31.86 ? 42  ARG A O   1 
ATOM   327  C  CB  . ARG A 1 42  ? -11.188 -6.617  5.441   1.00 22.23 ? 42  ARG A CB  1 
ATOM   328  C  CG  . ARG A 1 42  ? -11.842 -6.809  4.106   1.00 22.87 ? 42  ARG A CG  1 
ATOM   329  C  CD  . ARG A 1 42  ? -11.896 -8.310  3.836   1.00 73.61 ? 42  ARG A CD  1 
ATOM   330  N  NE  . ARG A 1 42  ? -13.275 -8.707  3.862   1.00 54.34 ? 42  ARG A NE  1 
ATOM   331  C  CZ  . ARG A 1 42  ? -13.817 -9.461  2.940   1.00 80.00 ? 42  ARG A CZ  1 
ATOM   332  N  NH1 . ARG A 1 42  ? -13.113 -9.933  1.921   1.00 79.02 ? 42  ARG A NH1 1 
ATOM   333  N  N   . PHE A 1 43  ? -11.323 -5.670  8.598   1.00 19.82 ? 43  PHE A N   1 
ATOM   334  C  CA  . PHE A 1 43  ? -10.460 -5.546  9.758   1.00 15.61 ? 43  PHE A CA  1 
ATOM   335  C  C   . PHE A 1 43  ? -11.253 -5.694  11.005  1.00 13.59 ? 43  PHE A C   1 
ATOM   336  O  O   . PHE A 1 43  ? -11.775 -4.676  11.521  1.00 12.43 ? 43  PHE A O   1 
ATOM   337  C  CB  . PHE A 1 43  ? -9.819  -4.130  9.815   1.00 22.46 ? 43  PHE A CB  1 
ATOM   338  C  CG  . PHE A 1 43  ? -8.788  -3.880  8.733   1.00 34.39 ? 43  PHE A CG  1 
ATOM   339  C  CD1 . PHE A 1 43  ? -9.125  -3.355  7.482   1.00 22.30 ? 43  PHE A CD1 1 
ATOM   340  C  CD2 . PHE A 1 43  ? -7.453  -4.190  8.980   1.00 8.72  ? 43  PHE A CD2 1 
ATOM   341  C  CE1 . PHE A 1 43  ? -8.168  -3.129  6.490   1.00 15.09 ? 43  PHE A CE1 1 
ATOM   342  C  CE2 . PHE A 1 43  ? -6.468  -3.962  8.013   1.00 13.38 ? 43  PHE A CE2 1 
ATOM   343  C  CZ  . PHE A 1 43  ? -6.836  -3.443  6.766   1.00 21.75 ? 43  PHE A CZ  1 
ATOM   344  N  N   . ALA A 1 44  ? -11.324 -6.946  11.476  1.00 12.83 ? 44  ALA A N   1 
ATOM   345  C  CA  . ALA A 1 44  ? -12.079 -7.241  12.702  1.00 22.73 ? 44  ALA A CA  1 
ATOM   346  C  C   . ALA A 1 44  ? -11.696 -6.335  13.851  1.00 20.64 ? 44  ALA A C   1 
ATOM   347  O  O   . ALA A 1 44  ? -12.503 -5.851  14.642  1.00 28.98 ? 44  ALA A O   1 
ATOM   348  C  CB  . ALA A 1 44  ? -12.059 -8.718  13.075  1.00 35.81 ? 44  ALA A CB  1 
ATOM   349  N  N   . LYS A 1 45  ? -10.417 -6.065  13.924  1.00 39.99 ? 45  LYS A N   1 
ATOM   350  C  CA  . LYS A 1 45  ? -9.915  -5.214  14.976  1.00 24.36 ? 45  LYS A CA  1 
ATOM   351  C  C   . LYS A 1 45  ? -10.348 -3.773  14.882  1.00 52.81 ? 45  LYS A C   1 
ATOM   352  O  O   . LYS A 1 45  ? -10.359 -3.119  15.905  1.00 28.49 ? 45  LYS A O   1 
ATOM   353  C  CB  . LYS A 1 45  ? -8.391  -5.279  15.007  1.00 41.62 ? 45  LYS A CB  1 
ATOM   354  N  N   . PHE A 1 46  ? -10.687 -3.254  13.705  1.00 23.11 ? 46  PHE A N   1 
ATOM   355  C  CA  . PHE A 1 46  ? -11.050 -1.837  13.657  1.00 22.99 ? 46  PHE A CA  1 
ATOM   356  C  C   . PHE A 1 46  ? -12.526 -1.646  13.529  1.00 26.57 ? 46  PHE A C   1 
ATOM   357  O  O   . PHE A 1 46  ? -13.000 -0.548  13.253  1.00 34.01 ? 46  PHE A O   1 
ATOM   358  C  CB  . PHE A 1 46  ? -10.348 -1.169  12.463  1.00 24.33 ? 46  PHE A CB  1 
ATOM   359  C  CG  . PHE A 1 46  ? -8.851  -1.234  12.562  1.00 21.22 ? 46  PHE A CG  1 
ATOM   360  C  CD1 . PHE A 1 46  ? -8.208  -1.163  13.803  1.00 35.14 ? 46  PHE A CD1 1 
ATOM   361  C  CD2 . PHE A 1 46  ? -8.077  -1.277  11.404  1.00 15.44 ? 46  PHE A CD2 1 
ATOM   362  C  CE1 . PHE A 1 46  ? -6.815  -1.180  13.924  1.00 10.60 ? 46  PHE A CE1 1 
ATOM   363  C  CE2 . PHE A 1 46  ? -6.681  -1.287  11.503  1.00 25.05 ? 46  PHE A CE2 1 
ATOM   364  C  CZ  . PHE A 1 46  ? -6.061  -1.250  12.752  1.00 40.05 ? 46  PHE A CZ  1 
ATOM   365  N  N   . LYS A 1 47  ? -13.219 -2.772  13.704  1.00 38.82 ? 47  LYS A N   1 
ATOM   366  C  CA  . LYS A 1 47  ? -14.667 -2.852  13.630  1.00 61.61 ? 47  LYS A CA  1 
ATOM   367  C  C   . LYS A 1 47  ? -15.428 -1.741  14.372  1.00 69.92 ? 47  LYS A C   1 
ATOM   368  O  O   . LYS A 1 47  ? -16.312 -1.114  13.815  1.00 40.27 ? 47  LYS A O   1 
ATOM   369  N  N   . ASN A 1 48  ? -15.065 -1.527  15.637  1.00 44.77 ? 48  ASN A N   1 
ATOM   370  C  CA  . ASN A 1 48  ? -15.621 -0.564  16.569  1.00 49.68 ? 48  ASN A CA  1 
ATOM   371  C  C   . ASN A 1 48  ? -15.318 0.902   16.202  1.00 70.95 ? 48  ASN A C   1 
ATOM   372  O  O   . ASN A 1 48  ? -16.102 1.806   16.468  1.00 49.53 ? 48  ASN A O   1 
ATOM   373  N  N   . LEU A 1 49  ? -14.163 1.153   15.577  1.00 28.86 ? 49  LEU A N   1 
ATOM   374  C  CA  . LEU A 1 49  ? -13.762 2.495   15.178  1.00 34.37 ? 49  LEU A CA  1 
ATOM   375  C  C   . LEU A 1 49  ? -14.691 2.976   14.118  1.00 24.99 ? 49  LEU A C   1 
ATOM   376  O  O   . LEU A 1 49  ? -14.352 2.985   12.940  1.00 37.08 ? 49  LEU A O   1 
ATOM   377  C  CB  . LEU A 1 49  ? -12.350 2.555   14.602  1.00 22.79 ? 49  LEU A CB  1 
ATOM   378  C  CG  . LEU A 1 49  ? -11.341 1.979   15.569  1.00 42.28 ? 49  LEU A CG  1 
ATOM   379  C  CD1 . LEU A 1 49  ? -9.936  2.374   15.106  1.00 29.86 ? 49  LEU A CD1 1 
ATOM   380  C  CD2 . LEU A 1 49  ? -11.685 2.453   16.977  1.00 32.32 ? 49  LEU A CD2 1 
ATOM   381  N  N   . THR A 1 50  ? -15.843 3.384   14.587  1.00 31.25 ? 50  THR A N   1 
ATOM   382  C  CA  . THR A 1 50  ? -16.964 3.878   13.819  1.00 25.99 ? 50  THR A CA  1 
ATOM   383  C  C   . THR A 1 50  ? -16.869 5.330   13.285  1.00 29.70 ? 50  THR A C   1 
ATOM   384  O  O   . THR A 1 50  ? -16.950 5.540   12.092  1.00 60.31 ? 50  THR A O   1 
ATOM   385  C  CB  . THR A 1 50  ? -17.964 3.323   14.834  1.00 57.52 ? 50  THR A CB  1 
ATOM   386  O  OG1 . THR A 1 50  ? -18.146 1.928   14.689  1.00 42.11 ? 50  THR A OG1 1 
ATOM   387  C  CG2 . THR A 1 50  ? -19.291 4.008   14.683  1.00 48.21 ? 50  THR A CG2 1 
ATOM   388  N  N   . THR A 1 51  ? -16.719 6.333   13.961  1.00 80.00 ? 51  THR A N   1 
ATOM   389  C  CA  . THR A 1 51  ? -16.559 7.715   13.489  1.00 22.29 ? 51  THR A CA  1 
ATOM   390  C  C   . THR A 1 51  ? -15.152 7.930   12.930  1.00 21.19 ? 51  THR A C   1 
ATOM   391  O  O   . THR A 1 51  ? -14.253 7.104   13.114  1.00 31.12 ? 51  THR A O   1 
ATOM   392  C  CB  . THR A 1 51  ? -16.721 8.691   14.654  1.00 43.54 ? 51  THR A CB  1 
ATOM   393  N  N   . ILE A 1 52  ? -14.954 9.049   12.241  1.00 80.00 ? 52  ILE A N   1 
ATOM   394  C  CA  . ILE A 1 52  ? -13.608 9.391   11.737  1.00 37.80 ? 52  ILE A CA  1 
ATOM   395  C  C   . ILE A 1 52  ? -12.643 9.662   12.832  1.00 56.46 ? 52  ILE A C   1 
ATOM   396  O  O   . ILE A 1 52  ? -11.457 9.380   12.703  1.00 49.10 ? 52  ILE A O   1 
ATOM   397  C  CB  . ILE A 1 52  ? -13.449 10.781  11.159  1.00 54.38 ? 52  ILE A CB  1 
ATOM   398  C  CG2 . ILE A 1 52  ? -12.691 10.789  9.843   1.00 65.25 ? 52  ILE A CG2 1 
ATOM   399  N  N   . ASP A 1 53  ? -13.216 10.232  13.839  1.00 36.23 ? 53  ASP A N   1 
ATOM   400  C  CA  . ASP A 1 53  ? -12.403 10.765  14.940  1.00 55.88 ? 53  ASP A CA  1 
ATOM   401  C  C   . ASP A 1 53  ? -11.812 9.608   15.744  1.00 39.51 ? 53  ASP A C   1 
ATOM   402  O  O   . ASP A 1 53  ? -10.716 9.697   16.300  1.00 33.71 ? 53  ASP A O   1 
ATOM   403  C  CB  . ASP A 1 53  ? -13.266 11.662  15.822  1.00 48.40 ? 53  ASP A CB  1 
ATOM   404  N  N   . ALA A 1 54  ? -12.540 8.527   15.783  1.00 45.65 ? 54  ALA A N   1 
ATOM   405  C  CA  . ALA A 1 54  ? -12.091 7.342   16.497  1.00 19.55 ? 54  ALA A CA  1 
ATOM   406  C  C   . ALA A 1 54  ? -10.959 6.674   15.704  1.00 20.48 ? 54  ALA A C   1 
ATOM   407  O  O   . ALA A 1 54  ? -9.917  6.288   16.263  1.00 31.48 ? 54  ALA A O   1 
ATOM   408  C  CB  . ALA A 1 54  ? -13.277 6.405   16.662  1.00 57.29 ? 54  ALA A CB  1 
ATOM   409  N  N   . LEU A 1 55  ? -10.892 6.956   14.359  1.00 26.09 ? 55  LEU A N   1 
ATOM   410  C  CA  . LEU A 1 55  ? -9.836  6.539   13.442  1.00 60.05 ? 55  LEU A CA  1 
ATOM   411  C  C   . LEU A 1 55  ? -8.609  7.419   13.645  1.00 25.31 ? 55  LEU A C   1 
ATOM   412  O  O   . LEU A 1 55  ? -7.499  6.940   13.902  1.00 48.73 ? 55  LEU A O   1 
ATOM   413  C  CB  . LEU A 1 55  ? -10.265 6.546   11.960  1.00 41.53 ? 55  LEU A CB  1 
ATOM   414  C  CG  . LEU A 1 55  ? -11.026 5.304   11.491  1.00 49.55 ? 55  LEU A CG  1 
ATOM   415  C  CD1 . LEU A 1 55  ? -11.048 5.371   9.990   1.00 22.58 ? 55  LEU A CD1 1 
ATOM   416  C  CD2 . LEU A 1 55  ? -10.335 3.994   11.881  1.00 32.18 ? 55  LEU A CD2 1 
ATOM   417  N  N   . LYS A 1 56  ? -8.812  8.726   13.557  1.00 73.91 ? 56  LYS A N   1 
ATOM   418  C  CA  . LYS A 1 56  ? -7.709  9.638   13.757  1.00 37.82 ? 56  LYS A CA  1 
ATOM   419  C  C   . LYS A 1 56  ? -7.021  9.362   15.096  1.00 52.39 ? 56  LYS A C   1 
ATOM   420  O  O   . LYS A 1 56  ? -5.810  9.494   15.227  1.00 46.99 ? 56  LYS A O   1 
ATOM   421  N  N   . SER A 1 57  ? -7.897  8.776   16.088  1.00 26.31 ? 57  SER A N   1 
ATOM   422  C  CA  . SER A 1 57  ? -7.230  8.769   17.396  1.00 24.93 ? 57  SER A CA  1 
ATOM   423  C  C   . SER A 1 57  ? -6.722  7.355   17.741  1.00 27.96 ? 57  SER A C   1 
ATOM   424  O  O   . SER A 1 57  ? -6.184  7.107   18.820  1.00 62.32 ? 57  SER A O   1 
ATOM   425  C  CB  . SER A 1 57  ? -8.204  9.248   18.493  1.00 41.07 ? 57  SER A CB  1 
ATOM   426  O  OG  . SER A 1 57  ? -9.212  8.278   18.756  1.00 80.00 ? 57  SER A OG  1 
ATOM   427  N  N   . SER A 1 58  ? -6.862  6.396   16.833  1.00 48.40 ? 58  SER A N   1 
ATOM   428  C  CA  . SER A 1 58  ? -6.387  5.028   17.144  1.00 23.99 ? 58  SER A CA  1 
ATOM   429  C  C   . SER A 1 58  ? -4.885  4.894   16.874  1.00 80.00 ? 58  SER A C   1 
ATOM   430  O  O   . SER A 1 58  ? -4.423  4.996   15.729  1.00 31.09 ? 58  SER A O   1 
ATOM   431  C  CB  . SER A 1 58  ? -7.112  3.960   16.333  1.00 56.28 ? 58  SER A CB  1 
ATOM   432  O  OG  . SER A 1 58  ? -6.571  2.680   16.659  1.00 39.32 ? 58  SER A OG  1 
ATOM   433  N  N   . GLU A 1 59  ? -4.349  4.382   17.981  1.00 25.91 ? 59  GLU A N   1 
ATOM   434  C  CA  . GLU A 1 59  ? -2.902  4.208   17.791  1.00 37.35 ? 59  GLU A CA  1 
ATOM   435  C  C   . GLU A 1 59  ? -2.623  2.817   17.206  1.00 21.22 ? 59  GLU A C   1 
ATOM   436  O  O   . GLU A 1 59  ? -1.570  2.574   16.597  1.00 49.46 ? 59  GLU A O   1 
ATOM   437  C  CB  . GLU A 1 59  ? -2.186  4.368   19.134  1.00 37.79 ? 59  GLU A CB  1 
ATOM   438  N  N   . GLU A 1 60  ? -3.680  1.937   17.172  1.00 29.02 ? 60  GLU A N   1 
ATOM   439  C  CA  . GLU A 1 60  ? -3.603  0.681   16.411  1.00 21.37 ? 60  GLU A CA  1 
ATOM   440  C  C   . GLU A 1 60  ? -3.572  0.982   14.908  1.00 20.67 ? 60  GLU A C   1 
ATOM   441  O  O   . GLU A 1 60  ? -2.795  0.377   14.154  1.00 24.90 ? 60  GLU A O   1 
ATOM   442  C  CB  . GLU A 1 60  ? -4.839  -0.189  16.690  1.00 44.67 ? 60  GLU A CB  1 
ATOM   443  C  CG  . GLU A 1 60  ? -4.602  -1.454  17.558  1.00 80.00 ? 60  GLU A CG  1 
ATOM   444  C  CD  . GLU A 1 60  ? -3.143  -1.934  17.709  1.00 80.00 ? 60  GLU A CD  1 
ATOM   445  O  OE1 . GLU A 1 60  ? -2.629  -2.761  16.858  1.00 78.92 ? 60  GLU A OE1 1 
ATOM   446  O  OE2 . GLU A 1 60  ? -2.436  -1.535  18.715  1.00 52.00 ? 60  GLU A OE2 1 
ATOM   447  N  N   . VAL A 1 61  ? -4.428  1.923   14.522  1.00 13.88 ? 61  VAL A N   1 
ATOM   448  C  CA  . VAL A 1 61  ? -4.569  2.343   13.118  1.00 23.97 ? 61  VAL A CA  1 
ATOM   449  C  C   . VAL A 1 61  ? -3.243  2.917   12.582  1.00 40.67 ? 61  VAL A C   1 
ATOM   450  O  O   . VAL A 1 61  ? -2.836  2.618   11.454  1.00 31.93 ? 61  VAL A O   1 
ATOM   451  C  CB  . VAL A 1 61  ? -5.678  3.386   12.964  1.00 16.12 ? 61  VAL A CB  1 
ATOM   452  C  CG1 . VAL A 1 61  ? -5.623  4.106   11.612  1.00 16.59 ? 61  VAL A CG1 1 
ATOM   453  C  CG2 . VAL A 1 61  ? -7.082  2.780   13.056  1.00 10.50 ? 61  VAL A CG2 1 
ATOM   454  N  N   . LYS A 1 62  ? -2.551  3.763   13.398  1.00 33.82 ? 62  LYS A N   1 
ATOM   455  C  CA  . LYS A 1 62  ? -1.246  4.333   13.027  1.00 27.56 ? 62  LYS A CA  1 
ATOM   456  C  C   . LYS A 1 62  ? -0.195  3.226   12.933  1.00 18.74 ? 62  LYS A C   1 
ATOM   457  O  O   . LYS A 1 62  ? 0.614   3.195   11.994  1.00 19.96 ? 62  LYS A O   1 
ATOM   458  C  CB  . LYS A 1 62  ? -0.787  5.338   14.084  1.00 29.65 ? 62  LYS A CB  1 
ATOM   459  C  CG  . LYS A 1 62  ? 0.262   6.338   13.577  1.00 34.14 ? 62  LYS A CG  1 
ATOM   460  C  CD  . LYS A 1 62  ? 0.184   7.675   14.318  1.00 48.13 ? 62  LYS A CD  1 
ATOM   461  C  CE  . LYS A 1 62  ? 1.304   8.651   13.966  1.00 80.00 ? 62  LYS A CE  1 
ATOM   462  N  N   . LYS A 1 63  ? -0.235  2.338   13.923  1.00 12.16 ? 63  LYS A N   1 
ATOM   463  C  CA  . LYS A 1 63  ? 0.716   1.211   14.004  1.00 27.36 ? 63  LYS A CA  1 
ATOM   464  C  C   . LYS A 1 63  ? 0.538   0.299   12.779  1.00 29.42 ? 63  LYS A C   1 
ATOM   465  O  O   . LYS A 1 63  ? 1.513   -0.157  12.167  1.00 12.43 ? 63  LYS A O   1 
ATOM   466  C  CB  . LYS A 1 63  ? 0.559   0.432   15.345  1.00 20.10 ? 63  LYS A CB  1 
ATOM   467  C  CG  . LYS A 1 63  ? 1.418   1.076   16.461  1.00 34.20 ? 63  LYS A CG  1 
ATOM   468  C  CD  . LYS A 1 63  ? 1.772   0.233   17.710  1.00 20.00 ? 63  LYS A CD  1 
ATOM   469  N  N   . HIS A 1 64  ? -0.706  0.050   12.405  1.00 27.58 ? 64  HIS A N   1 
ATOM   470  C  CA  . HIS A 1 64  ? -0.982  -0.830  11.262  1.00 6.40  ? 64  HIS A CA  1 
ATOM   471  C  C   . HIS A 1 64  ? -0.656  -0.128  9.937   1.00 8.57  ? 64  HIS A C   1 
ATOM   472  O  O   . HIS A 1 64  ? -0.045  -0.727  9.030   1.00 18.90 ? 64  HIS A O   1 
ATOM   473  C  CB  . HIS A 1 64  ? -2.439  -1.276  11.225  1.00 17.95 ? 64  HIS A CB  1 
ATOM   474  C  CG  . HIS A 1 64  ? -2.670  -2.181  10.028  1.00 24.20 ? 64  HIS A CG  1 
ATOM   475  N  ND1 . HIS A 1 64  ? -2.211  -3.492  10.007  1.00 31.05 ? 64  HIS A ND1 1 
ATOM   476  C  CD2 . HIS A 1 64  ? -3.272  -1.958  8.836   1.00 5.97  ? 64  HIS A CD2 1 
ATOM   477  C  CE1 . HIS A 1 64  ? -2.526  -4.010  8.836   1.00 8.04  ? 64  HIS A CE1 1 
ATOM   478  N  NE2 . HIS A 1 64  ? -3.157  -3.108  8.124   1.00 36.48 ? 64  HIS A NE2 1 
ATOM   479  N  N   . GLY A 1 65  ? -0.912  1.147   9.814   1.00 25.25 ? 65  GLY A N   1 
ATOM   480  C  CA  . GLY A 1 65  ? -0.546  1.905   8.637   1.00 17.08 ? 65  GLY A CA  1 
ATOM   481  C  C   . GLY A 1 65  ? 0.948   1.874   8.448   1.00 28.17 ? 65  GLY A C   1 
ATOM   482  O  O   . GLY A 1 65  ? 1.364   1.718   7.300   1.00 8.78  ? 65  GLY A O   1 
ATOM   483  N  N   . THR A 1 66  ? 1.714   2.054   9.557   1.00 7.83  ? 66  THR A N   1 
ATOM   484  C  CA  . THR A 1 66  ? 3.189   2.012   9.563   1.00 12.70 ? 66  THR A CA  1 
ATOM   485  C  C   . THR A 1 66  ? 3.696   0.647   9.085   1.00 14.18 ? 66  THR A C   1 
ATOM   486  O  O   . THR A 1 66  ? 4.663   0.498   8.296   1.00 15.83 ? 66  THR A O   1 
ATOM   487  C  CB  . THR A 1 66  ? 3.681   2.325   11.000  1.00 14.29 ? 66  THR A CB  1 
ATOM   488  O  OG1 . THR A 1 66  ? 3.136   3.582   11.390  1.00 11.14 ? 66  THR A OG1 1 
ATOM   489  C  CG2 . THR A 1 66  ? 5.204   2.400   11.094  1.00 19.79 ? 66  THR A CG2 1 
ATOM   490  N  N   . THR A 1 67  ? 2.999   -0.396  9.552   1.00 32.27 ? 67  THR A N   1 
ATOM   491  C  CA  . THR A 1 67  ? 3.329   -1.765  9.159   1.00 26.13 ? 67  THR A CA  1 
ATOM   492  C  C   . THR A 1 67  ? 3.104   -2.024  7.672   1.00 26.44 ? 67  THR A C   1 
ATOM   493  O  O   . THR A 1 67  ? 3.929   -2.682  7.043   1.00 8.77  ? 67  THR A O   1 
ATOM   494  C  CB  . THR A 1 67  ? 2.550   -2.769  10.011  1.00 23.72 ? 67  THR A CB  1 
ATOM   495  O  OG1 . THR A 1 67  ? 3.253   -2.879  11.211  1.00 43.40 ? 67  THR A OG1 1 
ATOM   496  C  CG2 . THR A 1 67  ? 2.518   -4.133  9.333   1.00 18.86 ? 67  THR A CG2 1 
ATOM   497  N  N   . VAL A 1 68  ? 1.994   -1.479  7.120   1.00 24.43 ? 68  VAL A N   1 
ATOM   498  C  CA  . VAL A 1 68  ? 1.642   -1.598  5.717   1.00 8.21  ? 68  VAL A CA  1 
ATOM   499  C  C   . VAL A 1 68  ? 2.739   -0.929  4.889   1.00 11.15 ? 68  VAL A C   1 
ATOM   500  O  O   . VAL A 1 68  ? 3.287   -1.550  3.965   1.00 22.11 ? 68  VAL A O   1 
ATOM   501  C  CB  . VAL A 1 68  ? 0.300   -0.898  5.451   1.00 17.79 ? 68  VAL A CB  1 
ATOM   502  C  CG1 . VAL A 1 68  ? -0.087  -0.918  3.952   1.00 15.73 ? 68  VAL A CG1 1 
ATOM   503  C  CG2 . VAL A 1 68  ? -0.751  -1.711  6.210   1.00 11.06 ? 68  VAL A CG2 1 
ATOM   504  N  N   . LEU A 1 69  ? 3.068   0.345   5.219   1.00 11.46 ? 69  LEU A N   1 
ATOM   505  C  CA  . LEU A 1 69  ? 4.108   1.036   4.451   1.00 11.14 ? 69  LEU A CA  1 
ATOM   506  C  C   . LEU A 1 69  ? 5.486   0.416   4.566   1.00 10.20 ? 69  LEU A C   1 
ATOM   507  O  O   . LEU A 1 69  ? 6.216   0.343   3.596   1.00 13.80 ? 69  LEU A O   1 
ATOM   508  C  CB  . LEU A 1 69  ? 4.083   2.557   4.476   1.00 5.62  ? 69  LEU A CB  1 
ATOM   509  C  CG  . LEU A 1 69  ? 2.748   3.206   4.127   1.00 8.16  ? 69  LEU A CG  1 
ATOM   510  C  CD1 . LEU A 1 69  ? 3.145   4.684   4.070   1.00 10.97 ? 69  LEU A CD1 1 
ATOM   511  C  CD2 . LEU A 1 69  ? 2.374   2.757   2.699   1.00 15.18 ? 69  LEU A CD2 1 
ATOM   512  N  N   . THR A 1 70  ? 5.796   -0.069  5.742   1.00 7.62  ? 70  THR A N   1 
ATOM   513  C  CA  . THR A 1 70  ? 7.108   -0.716  5.926   1.00 5.77  ? 70  THR A CA  1 
ATOM   514  C  C   . THR A 1 70  ? 7.282   -1.894  4.990   1.00 10.78 ? 70  THR A C   1 
ATOM   515  O  O   . THR A 1 70  ? 8.303   -2.024  4.314   1.00 15.40 ? 70  THR A O   1 
ATOM   516  C  CB  . THR A 1 70  ? 7.214   -1.184  7.389   1.00 20.08 ? 70  THR A CB  1 
ATOM   517  O  OG1 . THR A 1 70  ? 7.401   -0.033  8.154   1.00 13.51 ? 70  THR A OG1 1 
ATOM   518  C  CG2 . THR A 1 70  ? 8.390   -2.133  7.564   1.00 16.53 ? 70  THR A CG2 1 
ATOM   519  N  N   . ALA A 1 71  ? 6.301   -2.797  4.946   1.00 15.37 ? 71  ALA A N   1 
ATOM   520  C  CA  . ALA A 1 71  ? 6.456   -3.909  4.034   1.00 12.54 ? 71  ALA A CA  1 
ATOM   521  C  C   . ALA A 1 71  ? 6.534   -3.426  2.580   1.00 20.70 ? 71  ALA A C   1 
ATOM   522  O  O   . ALA A 1 71  ? 7.266   -3.950  1.742   1.00 15.83 ? 71  ALA A O   1 
ATOM   523  C  CB  . ALA A 1 71  ? 5.339   -4.950  4.230   1.00 22.26 ? 71  ALA A CB  1 
ATOM   524  N  N   . LEU A 1 72  ? 5.777   -2.393  2.232   1.00 15.58 ? 72  LEU A N   1 
ATOM   525  C  CA  . LEU A 1 72  ? 5.787   -1.881  0.861   1.00 14.50 ? 72  LEU A CA  1 
ATOM   526  C  C   . LEU A 1 72  ? 7.162   -1.435  0.383   1.00 14.91 ? 72  LEU A C   1 
ATOM   527  O  O   . LEU A 1 72  ? 7.682   -1.790  -0.694  1.00 21.80 ? 72  LEU A O   1 
ATOM   528  C  CB  . LEU A 1 72  ? 4.686   -0.812  0.666   1.00 13.43 ? 72  LEU A CB  1 
ATOM   529  C  CG  . LEU A 1 72  ? 4.519   -0.258  -0.743  1.00 19.45 ? 72  LEU A CG  1 
ATOM   530  C  CD1 . LEU A 1 72  ? 4.030   -1.383  -1.629  1.00 16.37 ? 72  LEU A CD1 1 
ATOM   531  C  CD2 . LEU A 1 72  ? 3.416   0.798   -0.710  1.00 12.37 ? 72  LEU A CD2 1 
ATOM   532  N  N   . GLY A 1 73  ? 7.765   -0.691  1.211   1.00 8.88  ? 73  GLY A N   1 
ATOM   533  C  CA  . GLY A 1 73  ? 9.113   -0.132  1.039   1.00 6.41  ? 73  GLY A CA  1 
ATOM   534  C  C   . GLY A 1 73  ? 10.131  -1.260  0.836   1.00 19.73 ? 73  GLY A C   1 
ATOM   535  O  O   . GLY A 1 73  ? 11.028  -1.180  -0.010  1.00 18.26 ? 73  GLY A O   1 
ATOM   536  N  N   . ARG A 1 74  ? 9.993   -2.308  1.634   1.00 14.30 ? 74  ARG A N   1 
ATOM   537  C  CA  . ARG A 1 74  ? 10.904  -3.466  1.540   1.00 20.60 ? 74  ARG A CA  1 
ATOM   538  C  C   . ARG A 1 74  ? 10.790  -4.079  0.135   1.00 21.01 ? 74  ARG A C   1 
ATOM   539  O  O   . ARG A 1 74  ? 11.788  -4.472  -0.484  1.00 23.60 ? 74  ARG A O   1 
ATOM   540  C  CB  . ARG A 1 74  ? 10.547  -4.536  2.594   1.00 10.78 ? 74  ARG A CB  1 
ATOM   541  C  CG  . ARG A 1 74  ? 11.512  -4.593  3.808   1.00 36.16 ? 74  ARG A CG  1 
ATOM   542  C  CD  . ARG A 1 74  ? 11.091  -5.634  4.879   1.00 52.33 ? 74  ARG A CD  1 
ATOM   543  N  NE  . ARG A 1 74  ? 9.755   -6.160  4.599   1.00 80.00 ? 74  ARG A NE  1 
ATOM   544  C  CZ  . ARG A 1 74  ? 8.796   -6.586  5.457   1.00 80.00 ? 74  ARG A CZ  1 
ATOM   545  N  NH1 . ARG A 1 74  ? 8.952   -6.640  6.783   1.00 20.00 ? 74  ARG A NH1 1 
ATOM   546  N  NH2 . ARG A 1 74  ? 7.583   -6.988  5.021   1.00 80.00 ? 74  ARG A NH2 1 
ATOM   547  N  N   . ILE A 1 75  ? 9.557   -4.138  -0.346  1.00 16.44 ? 75  ILE A N   1 
ATOM   548  C  CA  . ILE A 1 75  ? 9.261   -4.726  -1.661  1.00 19.36 ? 75  ILE A CA  1 
ATOM   549  C  C   . ILE A 1 75  ? 9.645   -3.773  -2.791  1.00 20.74 ? 75  ILE A C   1 
ATOM   550  O  O   . ILE A 1 75  ? 10.121  -4.213  -3.851  1.00 19.68 ? 75  ILE A O   1 
ATOM   551  C  CB  . ILE A 1 75  ? 7.779   -5.057  -1.797  1.00 13.98 ? 75  ILE A CB  1 
ATOM   552  C  CG1 . ILE A 1 75  ? 7.361   -6.245  -0.929  1.00 10.40 ? 75  ILE A CG1 1 
ATOM   553  C  CG2 . ILE A 1 75  ? 7.399   -5.421  -3.235  1.00 26.41 ? 75  ILE A CG2 1 
ATOM   554  C  CD1 . ILE A 1 75  ? 5.934   -6.120  -0.392  1.00 13.83 ? 75  ILE A CD1 1 
ATOM   555  N  N   . LEU A 1 76  ? 9.330   -2.480  -2.659  1.00 4.61  ? 76  LEU A N   1 
ATOM   556  C  CA  . LEU A 1 76  ? 9.723   -1.513  -3.694  1.00 15.38 ? 76  LEU A CA  1 
ATOM   557  C  C   . LEU A 1 76  ? 11.244  -1.562  -3.868  1.00 19.56 ? 76  LEU A C   1 
ATOM   558  O  O   . LEU A 1 76  ? 11.798  -1.504  -4.991  1.00 20.62 ? 76  LEU A O   1 
ATOM   559  C  CB  . LEU A 1 76  ? 9.301   -0.071  -3.322  1.00 21.62 ? 76  LEU A CB  1 
ATOM   560  C  CG  . LEU A 1 76  ? 7.781   0.032   -3.454  1.00 51.46 ? 76  LEU A CG  1 
ATOM   561  C  CD1 . LEU A 1 76  ? 7.170   1.361   -3.057  1.00 15.76 ? 76  LEU A CD1 1 
ATOM   562  C  CD2 . LEU A 1 76  ? 7.349   -0.344  -4.858  1.00 15.58 ? 76  LEU A CD2 1 
ATOM   563  N  N   . LYS A 1 77  ? 11.963  -1.691  -2.741  1.00 40.03 ? 77  LYS A N   1 
ATOM   564  C  CA  . LYS A 1 77  ? 13.423  -1.728  -2.770  1.00 16.09 ? 77  LYS A CA  1 
ATOM   565  C  C   . LYS A 1 77  ? 14.078  -2.875  -3.483  1.00 15.01 ? 77  LYS A C   1 
ATOM   566  O  O   . LYS A 1 77  ? 15.256  -2.774  -3.827  1.00 23.52 ? 77  LYS A O   1 
ATOM   567  C  CB  . LYS A 1 77  ? 14.070  -1.505  -1.448  1.00 10.68 ? 77  LYS A CB  1 
ATOM   568  C  CG  . LYS A 1 77  ? 13.890  -0.066  -1.001  1.00 12.27 ? 77  LYS A CG  1 
ATOM   569  C  CD  . LYS A 1 77  ? 13.933  0.030   0.521   1.00 29.50 ? 77  LYS A CD  1 
ATOM   570  C  CE  . LYS A 1 77  ? 13.817  1.462   1.078   1.00 22.23 ? 77  LYS A CE  1 
ATOM   571  N  NZ  . LYS A 1 77  ? 14.059  1.457   2.530   1.00 28.48 ? 77  LYS A NZ  1 
ATOM   572  N  N   . GLN A 1 78  ? 13.329  -3.954  -3.673  1.00 13.83 ? 78  GLN A N   1 
ATOM   573  C  CA  . GLN A 1 78  ? 13.931  -5.089  -4.349  1.00 22.08 ? 78  GLN A CA  1 
ATOM   574  C  C   . GLN A 1 78  ? 13.744  -4.846  -5.833  1.00 20.96 ? 78  GLN A C   1 
ATOM   575  O  O   . GLN A 1 78  ? 14.128  -5.655  -6.680  1.00 14.83 ? 78  GLN A O   1 
ATOM   576  C  CB  . GLN A 1 78  ? 13.244  -6.390  -3.943  1.00 13.28 ? 78  GLN A CB  1 
ATOM   577  C  CG  . GLN A 1 78  ? 13.724  -7.094  -2.665  1.00 45.77 ? 78  GLN A CG  1 
ATOM   578  N  N   . LYS A 1 79  ? 13.140  -3.683  -6.138  1.00 15.80 ? 79  LYS A N   1 
ATOM   579  C  CA  . LYS A 1 79  ? 12.912  -3.336  -7.525  1.00 13.44 ? 79  LYS A CA  1 
ATOM   580  C  C   . LYS A 1 79  ? 12.130  -4.411  -8.273  1.00 35.54 ? 79  LYS A C   1 
ATOM   581  O  O   . LYS A 1 79  ? 11.067  -4.822  -7.853  1.00 15.45 ? 79  LYS A O   1 
ATOM   582  C  CB  . LYS A 1 79  ? 14.162  -2.841  -8.265  1.00 25.65 ? 79  LYS A CB  1 
ATOM   583  C  CG  . LYS A 1 79  ? 15.235  -2.244  -7.346  1.00 56.98 ? 79  LYS A CG  1 
ATOM   584  C  CD  . LYS A 1 79  ? 16.167  -1.178  -7.936  1.00 15.93 ? 79  LYS A CD  1 
ATOM   585  C  CE  . LYS A 1 79  ? 17.311  -1.694  -8.805  1.00 80.00 ? 79  LYS A CE  1 
ATOM   586  N  NZ  . LYS A 1 79  ? 17.398  -1.135  -10.180 1.00 33.83 ? 79  LYS A NZ  1 
ATOM   587  N  N   . ASN A 1 80  ? 12.626  -4.924  -9.381  1.00 17.63 ? 80  ASN A N   1 
ATOM   588  C  CA  . ASN A 1 80  ? 11.837  -5.922  -10.083 1.00 21.99 ? 80  ASN A CA  1 
ATOM   589  C  C   . ASN A 1 80  ? 11.828  -7.352  -9.537  1.00 40.08 ? 80  ASN A C   1 
ATOM   590  O  O   . ASN A 1 80  ? 10.927  -8.103  -9.800  1.00 26.50 ? 80  ASN A O   1 
ATOM   591  C  CB  . ASN A 1 80  ? 12.336  -6.021  -11.519 1.00 14.60 ? 80  ASN A CB  1 
ATOM   592  C  CG  . ASN A 1 80  ? 11.919  -4.921  -12.446 1.00 18.98 ? 80  ASN A CG  1 
ATOM   593  O  OD1 . ASN A 1 80  ? 10.758  -4.461  -12.409 1.00 19.83 ? 80  ASN A OD1 1 
ATOM   594  N  ND2 . ASN A 1 80  ? 12.826  -4.662  -13.400 1.00 17.57 ? 80  ASN A ND2 1 
ATOM   595  N  N   . ASN A 1 81  ? 12.819  -7.780  -8.807  1.00 15.51 ? 81  ASN A N   1 
ATOM   596  C  CA  . ASN A 1 81  ? 12.878  -9.137  -8.285  1.00 8.94  ? 81  ASN A CA  1 
ATOM   597  C  C   . ASN A 1 81  ? 12.533  -9.139  -6.839  1.00 15.78 ? 81  ASN A C   1 
ATOM   598  O  O   . ASN A 1 81  ? 13.413  -9.175  -6.001  1.00 20.04 ? 81  ASN A O   1 
ATOM   599  C  CB  . ASN A 1 81  ? 14.346  -9.497  -8.365  1.00 12.71 ? 81  ASN A CB  1 
ATOM   600  C  CG  . ASN A 1 81  ? 14.843  -9.228  -9.760  1.00 36.43 ? 81  ASN A CG  1 
ATOM   601  O  OD1 . ASN A 1 81  ? 15.487  -8.216  -10.014 1.00 30.76 ? 81  ASN A OD1 1 
ATOM   602  N  ND2 . ASN A 1 81  ? 14.518  -10.136 -10.671 1.00 33.25 ? 81  ASN A ND2 1 
ATOM   603  N  N   . HIS A 1 82  ? 11.268  -9.231  -6.562  1.00 15.00 ? 82  HIS A N   1 
ATOM   604  C  CA  . HIS A 1 82  ? 10.837  -9.026  -5.173  1.00 10.96 ? 82  HIS A CA  1 
ATOM   605  C  C   . HIS A 1 82  ? 10.008  -10.218 -4.678  1.00 24.12 ? 82  HIS A C   1 
ATOM   606  O  O   . HIS A 1 82  ? 9.224   -10.092 -3.727  1.00 16.15 ? 82  HIS A O   1 
ATOM   607  C  CB  . HIS A 1 82  ? 9.950   -7.780  -5.075  1.00 10.80 ? 82  HIS A CB  1 
ATOM   608  C  CG  . HIS A 1 82  ? 8.806   -7.764  -6.100  1.00 22.13 ? 82  HIS A CG  1 
ATOM   609  N  ND1 . HIS A 1 82  ? 8.303   -6.574  -6.619  1.00 15.14 ? 82  HIS A ND1 1 
ATOM   610  C  CD2 . HIS A 1 82  ? 8.085   -8.763  -6.688  1.00 29.45 ? 82  HIS A CD2 1 
ATOM   611  C  CE1 . HIS A 1 82  ? 7.334   -6.868  -7.468  1.00 30.90 ? 82  HIS A CE1 1 
ATOM   612  N  NE2 . HIS A 1 82  ? 7.190   -8.168  -7.521  1.00 16.37 ? 82  HIS A NE2 1 
ATOM   613  N  N   . GLU A 1 83  ? 10.299  -11.428 -5.266  1.00 31.54 ? 83  GLU A N   1 
ATOM   614  C  CA  . GLU A 1 83  ? 9.404   -12.571 -5.039  1.00 14.41 ? 83  GLU A CA  1 
ATOM   615  C  C   . GLU A 1 83  ? 9.480   -13.038 -3.584  1.00 36.07 ? 83  GLU A C   1 
ATOM   616  O  O   . GLU A 1 83  ? 8.460   -13.316 -2.944  1.00 30.50 ? 83  GLU A O   1 
ATOM   617  C  CB  . GLU A 1 83  ? 9.798   -13.750 -5.933  1.00 46.95 ? 83  GLU A CB  1 
ATOM   618  C  CG  . GLU A 1 83  ? 9.001   -13.804 -7.240  1.00 20.00 ? 83  GLU A CG  1 
ATOM   619  N  N   . GLN A 1 84  ? 10.686  -13.127 -3.051  1.00 16.72 ? 84  GLN A N   1 
ATOM   620  C  CA  . GLN A 1 84  ? 10.840  -13.604 -1.671  1.00 21.47 ? 84  GLN A CA  1 
ATOM   621  C  C   . GLN A 1 84  ? 10.180  -12.615 -0.688  1.00 14.36 ? 84  GLN A C   1 
ATOM   622  O  O   . GLN A 1 84  ? 9.840   -12.959 0.444   1.00 34.96 ? 84  GLN A O   1 
ATOM   623  C  CB  . GLN A 1 84  ? 12.314  -13.836 -1.299  1.00 26.76 ? 84  GLN A CB  1 
ATOM   624  N  N   . GLU A 1 85  ? 9.961   -11.372 -1.102  1.00 28.84 ? 85  GLU A N   1 
ATOM   625  C  CA  . GLU A 1 85  ? 9.316   -10.400 -0.192  1.00 11.55 ? 85  GLU A CA  1 
ATOM   626  C  C   . GLU A 1 85  ? 7.793   -10.459 -0.329  1.00 22.99 ? 85  GLU A C   1 
ATOM   627  O  O   . GLU A 1 85  ? 7.067   -10.381 0.675   1.00 33.21 ? 85  GLU A O   1 
ATOM   628  C  CB  . GLU A 1 85  ? 9.782   -8.974  -0.463  1.00 53.91 ? 85  GLU A CB  1 
ATOM   629  C  CG  . GLU A 1 85  ? 11.059  -8.611  0.306   1.00 23.17 ? 85  GLU A CG  1 
ATOM   630  C  CD  . GLU A 1 85  ? 10.863  -8.480  1.823   1.00 50.63 ? 85  GLU A CD  1 
ATOM   631  O  OE1 . GLU A 1 85  ? 9.727   -8.106  2.304   1.00 54.61 ? 85  GLU A OE1 1 
ATOM   632  O  OE2 . GLU A 1 85  ? 11.845  -8.743  2.621   1.00 48.33 ? 85  GLU A OE2 1 
ATOM   633  N  N   . LEU A 1 86  ? 7.252   -10.788 -1.457  1.00 28.81 ? 86  LEU A N   1 
ATOM   634  C  CA  . LEU A 1 86  ? 5.827   -10.791 -1.823  1.00 36.10 ? 86  LEU A CA  1 
ATOM   635  C  C   . LEU A 1 86  ? 5.120   -12.036 -1.270  1.00 23.97 ? 86  LEU A C   1 
ATOM   636  O  O   . LEU A 1 86  ? 4.080   -11.936 -0.604  1.00 21.45 ? 86  LEU A O   1 
ATOM   637  C  CB  . LEU A 1 86  ? 5.670   -10.823 -3.341  1.00 47.93 ? 86  LEU A CB  1 
ATOM   638  C  CG  . LEU A 1 86  ? 5.224   -9.485  -3.917  1.00 39.41 ? 86  LEU A CG  1 
ATOM   639  C  CD1 . LEU A 1 86  ? 4.617   -9.612  -5.314  1.00 31.96 ? 86  LEU A CD1 1 
ATOM   640  C  CD2 . LEU A 1 86  ? 4.165   -8.796  -3.058  1.00 27.93 ? 86  LEU A CD2 1 
ATOM   641  N  N   . LYS A 1 87  ? 5.716   -13.171 -1.578  1.00 28.17 ? 87  LYS A N   1 
ATOM   642  C  CA  . LYS A 1 87  ? 5.193   -14.503 -1.209  1.00 37.22 ? 87  LYS A CA  1 
ATOM   643  C  C   . LYS A 1 87  ? 4.451   -14.489 0.134   1.00 26.91 ? 87  LYS A C   1 
ATOM   644  O  O   . LYS A 1 87  ? 3.244   -14.766 0.205   1.00 18.17 ? 87  LYS A O   1 
ATOM   645  C  CB  . LYS A 1 87  ? 6.331   -15.512 -1.110  1.00 20.25 ? 87  LYS A CB  1 
ATOM   646  N  N   . PRO A 1 88  ? 5.110   -14.213 1.266   1.00 18.90 ? 88  PRO A N   1 
ATOM   647  C  CA  . PRO A 1 88  ? 4.426   -14.175 2.543   1.00 11.17 ? 88  PRO A CA  1 
ATOM   648  C  C   . PRO A 1 88  ? 3.334   -13.144 2.545   1.00 20.95 ? 88  PRO A C   1 
ATOM   649  O  O   . PRO A 1 88  ? 2.308   -13.357 3.270   1.00 25.53 ? 88  PRO A O   1 
ATOM   650  C  CB  . PRO A 1 88  ? 5.510   -13.856 3.536   1.00 23.63 ? 88  PRO A CB  1 
ATOM   651  C  CG  . PRO A 1 88  ? 6.816   -13.746 2.773   1.00 10.35 ? 88  PRO A CG  1 
ATOM   652  C  CD  . PRO A 1 88  ? 6.545   -13.945 1.312   1.00 27.93 ? 88  PRO A CD  1 
ATOM   653  N  N   . LEU A 1 89  ? 3.398   -12.090 1.796   1.00 15.85 ? 89  LEU A N   1 
ATOM   654  C  CA  . LEU A 1 89  ? 2.324   -11.095 1.808   1.00 12.44 ? 89  LEU A CA  1 
ATOM   655  C  C   . LEU A 1 89  ? 1.056   -11.628 1.099   1.00 19.07 ? 89  LEU A C   1 
ATOM   656  O  O   . LEU A 1 89  ? -0.125  -11.509 1.519   1.00 10.20 ? 89  LEU A O   1 
ATOM   657  C  CB  . LEU A 1 89  ? 2.883   -9.807  1.159   1.00 14.31 ? 89  LEU A CB  1 
ATOM   658  C  CG  . LEU A 1 89  ? 2.091   -8.582  1.585   1.00 25.35 ? 89  LEU A CG  1 
ATOM   659  C  CD1 . LEU A 1 89  ? 2.364   -8.240  3.049   1.00 32.25 ? 89  LEU A CD1 1 
ATOM   660  C  CD2 . LEU A 1 89  ? 2.588   -7.492  0.676   1.00 9.58  ? 89  LEU A CD2 1 
ATOM   661  N  N   . ALA A 1 90  ? 1.335   -12.262 -0.024  1.00 13.63 ? 90  ALA A N   1 
ATOM   662  C  CA  . ALA A 1 90  ? 0.352   -12.895 -0.885  1.00 20.10 ? 90  ALA A CA  1 
ATOM   663  C  C   . ALA A 1 90  ? -0.308  -14.023 -0.114  1.00 20.70 ? 90  ALA A C   1 
ATOM   664  O  O   . ALA A 1 90  ? -1.545  -14.159 -0.049  1.00 20.51 ? 90  ALA A O   1 
ATOM   665  C  CB  . ALA A 1 90  ? 1.076   -13.441 -2.090  1.00 18.44 ? 90  ALA A CB  1 
ATOM   666  N  N   . GLU A 1 91  ? 0.505   -14.839 0.516   1.00 11.99 ? 91  GLU A N   1 
ATOM   667  C  CA  . GLU A 1 91  ? -0.101  -15.933 1.305   1.00 4.65  ? 91  GLU A CA  1 
ATOM   668  C  C   . GLU A 1 91  ? -1.120  -15.478 2.345   1.00 23.85 ? 91  GLU A C   1 
ATOM   669  O  O   . GLU A 1 91  ? -2.217  -16.033 2.456   1.00 23.15 ? 91  GLU A O   1 
ATOM   670  C  CB  . GLU A 1 91  ? 0.997   -16.500 2.198   1.00 12.95 ? 91  GLU A CB  1 
ATOM   671  C  CG  . GLU A 1 91  ? 1.358   -17.910 1.797   1.00 62.12 ? 91  GLU A CG  1 
ATOM   672  C  CD  . GLU A 1 91  ? 1.949   -18.574 2.976   1.00 47.04 ? 91  GLU A CD  1 
ATOM   673  O  OE1 . GLU A 1 91  ? 1.405   -18.364 4.088   1.00 43.55 ? 91  GLU A OE1 1 
ATOM   674  O  OE2 . GLU A 1 91  ? 2.996   -19.238 2.797   1.00 32.21 ? 91  GLU A OE2 1 
ATOM   675  N  N   . SER A 1 92  ? -0.751  -14.475 3.145   1.00 13.34 ? 92  SER A N   1 
ATOM   676  C  CA  . SER A 1 92  ? -1.685  -14.029 4.212   1.00 11.71 ? 92  SER A CA  1 
ATOM   677  C  C   . SER A 1 92  ? -2.863  -13.261 3.724   1.00 23.59 ? 92  SER A C   1 
ATOM   678  O  O   . SER A 1 92  ? -3.977  -13.401 4.229   1.00 29.96 ? 92  SER A O   1 
ATOM   679  C  CB  . SER A 1 92  ? -0.938  -13.259 5.283   1.00 20.74 ? 92  SER A CB  1 
ATOM   680  O  OG  . SER A 1 92  ? -0.332  -12.132 4.673   1.00 28.69 ? 92  SER A OG  1 
ATOM   681  N  N   . HIS A 1 93  ? -2.612  -12.437 2.715   1.00 9.28  ? 93  HIS A N   1 
ATOM   682  C  CA  . HIS A 1 93  ? -3.714  -11.681 2.169   1.00 17.84 ? 93  HIS A CA  1 
ATOM   683  C  C   . HIS A 1 93  ? -4.744  -12.603 1.451   1.00 21.31 ? 93  HIS A C   1 
ATOM   684  O  O   . HIS A 1 93  ? -5.984  -12.351 1.413   1.00 19.12 ? 93  HIS A O   1 
ATOM   685  C  CB  . HIS A 1 93  ? -3.210  -10.451 1.389   1.00 16.97 ? 93  HIS A CB  1 
ATOM   686  C  CG  . HIS A 1 93  ? -2.626  -9.504  2.388   1.00 21.02 ? 93  HIS A CG  1 
ATOM   687  N  ND1 . HIS A 1 93  ? -1.481  -9.841  3.106   1.00 24.97 ? 93  HIS A ND1 1 
ATOM   688  C  CD2 . HIS A 1 93  ? -3.079  -8.310  2.825   1.00 17.27 ? 93  HIS A CD2 1 
ATOM   689  C  CE1 . HIS A 1 93  ? -1.262  -8.846  3.936   1.00 18.44 ? 93  HIS A CE1 1 
ATOM   690  N  NE2 . HIS A 1 93  ? -2.209  -7.900  3.796   1.00 14.72 ? 93  HIS A NE2 1 
ATOM   691  N  N   . ALA A 1 94  ? -4.237  -13.703 0.908   1.00 15.67 ? 94  ALA A N   1 
ATOM   692  C  CA  . ALA A 1 94  ? -5.083  -14.700 0.203   1.00 12.46 ? 94  ALA A CA  1 
ATOM   693  C  C   . ALA A 1 94  ? -5.712  -15.720 1.143   1.00 17.51 ? 94  ALA A C   1 
ATOM   694  O  O   . ALA A 1 94  ? -6.926  -15.902 1.136   1.00 23.18 ? 94  ALA A O   1 
ATOM   695  C  CB  . ALA A 1 94  ? -4.280  -15.485 -0.844  1.00 15.71 ? 94  ALA A CB  1 
ATOM   696  N  N   . THR A 1 95  ? -4.758  -16.323 2.068   1.00 20.55 ? 95  THR A N   1 
ATOM   697  C  CA  . THR A 1 95  ? -5.373  -17.460 2.766   1.00 13.88 ? 95  THR A CA  1 
ATOM   698  C  C   . THR A 1 95  ? -5.989  -17.030 4.091   1.00 23.38 ? 95  THR A C   1 
ATOM   699  O  O   . THR A 1 95  ? -6.865  -17.707 4.633   1.00 19.75 ? 95  THR A O   1 
ATOM   700  C  CB  . THR A 1 95  ? -4.329  -18.526 3.111   1.00 19.17 ? 95  THR A CB  1 
ATOM   701  O  OG1 . THR A 1 95  ? -3.465  -18.054 4.135   1.00 18.88 ? 95  THR A OG1 1 
ATOM   702  C  CG2 . THR A 1 95  ? -3.467  -18.924 1.917   1.00 17.44 ? 95  THR A CG2 1 
ATOM   703  N  N   . LYS A 1 96  ? -5.538  -15.911 4.605   1.00 24.82 ? 96  LYS A N   1 
ATOM   704  C  CA  . LYS A 1 96  ? -6.009  -15.451 5.913   1.00 15.27 ? 96  LYS A CA  1 
ATOM   705  C  C   . LYS A 1 96  ? -7.027  -14.318 5.828   1.00 16.65 ? 96  LYS A C   1 
ATOM   706  O  O   . LYS A 1 96  ? -8.209  -14.488 6.125   1.00 24.41 ? 96  LYS A O   1 
ATOM   707  C  CB  . LYS A 1 96  ? -4.853  -14.927 6.730   1.00 17.66 ? 96  LYS A CB  1 
ATOM   708  C  CG  . LYS A 1 96  ? -4.004  -16.031 7.341   1.00 34.32 ? 96  LYS A CG  1 
ATOM   709  C  CD  . LYS A 1 96  ? -3.649  -15.728 8.788   1.00 38.00 ? 96  LYS A CD  1 
ATOM   710  N  N   . HIS A 1 97  ? -6.557  -13.156 5.443   1.00 25.11 ? 97  HIS A N   1 
ATOM   711  C  CA  . HIS A 1 97  ? -7.424  -11.971 5.423   1.00 15.72 ? 97  HIS A CA  1 
ATOM   712  C  C   . HIS A 1 97  ? -8.405  -12.000 4.262   1.00 70.40 ? 97  HIS A C   1 
ATOM   713  O  O   . HIS A 1 97  ? -9.479  -11.382 4.344   1.00 16.79 ? 97  HIS A O   1 
ATOM   714  C  CB  . HIS A 1 97  ? -6.591  -10.711 5.336   1.00 31.18 ? 97  HIS A CB  1 
ATOM   715  C  CG  . HIS A 1 97  ? -5.323  -10.823 6.153   1.00 18.10 ? 97  HIS A CG  1 
ATOM   716  N  ND1 . HIS A 1 97  ? -5.354  -11.059 7.522   1.00 20.96 ? 97  HIS A ND1 1 
ATOM   717  C  CD2 . HIS A 1 97  ? -4.024  -10.739 5.797   1.00 6.67  ? 97  HIS A CD2 1 
ATOM   718  C  CE1 . HIS A 1 97  ? -4.108  -11.110 7.949   1.00 18.90 ? 97  HIS A CE1 1 
ATOM   719  N  NE2 . HIS A 1 97  ? -3.301  -10.920 6.932   1.00 13.33 ? 97  HIS A NE2 1 
ATOM   720  N  N   . LYS A 1 98  ? -8.084  -12.676 3.205   1.00 9.54  ? 98  LYS A N   1 
ATOM   721  C  CA  . LYS A 1 98  ? -8.942  -12.805 2.029   1.00 15.43 ? 98  LYS A CA  1 
ATOM   722  C  C   . LYS A 1 98  ? -9.270  -11.498 1.380   1.00 33.18 ? 98  LYS A C   1 
ATOM   723  O  O   . LYS A 1 98  ? -10.422 -11.125 1.293   1.00 20.46 ? 98  LYS A O   1 
ATOM   724  C  CB  . LYS A 1 98  ? -10.193 -13.587 2.393   1.00 28.81 ? 98  LYS A CB  1 
ATOM   725  C  CG  . LYS A 1 98  ? -9.806  -14.952 2.954   1.00 24.04 ? 98  LYS A CG  1 
ATOM   726  N  N   . ILE A 1 99  ? -8.230  -10.813 0.933   1.00 13.95 ? 99  ILE A N   1 
ATOM   727  C  CA  . ILE A 1 99  ? -8.378  -9.514  0.304   1.00 17.29 ? 99  ILE A CA  1 
ATOM   728  C  C   . ILE A 1 99  ? -8.362  -9.520  -1.237  1.00 28.03 ? 99  ILE A C   1 
ATOM   729  O  O   . ILE A 1 99  ? -7.359  -9.857  -1.920  1.00 24.27 ? 99  ILE A O   1 
ATOM   730  C  CB  . ILE A 1 99  ? -7.297  -8.605  0.946   1.00 13.60 ? 99  ILE A CB  1 
ATOM   731  C  CG1 . ILE A 1 99  ? -7.842  -8.248  2.326   1.00 14.78 ? 99  ILE A CG1 1 
ATOM   732  C  CG2 . ILE A 1 99  ? -7.164  -7.254  0.194   1.00 12.18 ? 99  ILE A CG2 1 
ATOM   733  C  CD1 . ILE A 1 99  ? -7.098  -8.856  3.448   1.00 18.89 ? 99  ILE A CD1 1 
ATOM   734  N  N   . PRO A 1 100 ? -9.521  -9.120  -1.789  1.00 16.54 ? 100 PRO A N   1 
ATOM   735  C  CA  . PRO A 1 100 ? -9.709  -9.055  -3.224  1.00 18.12 ? 100 PRO A CA  1 
ATOM   736  C  C   . PRO A 1 100 ? -8.663  -8.193  -3.931  1.00 18.81 ? 100 PRO A C   1 
ATOM   737  O  O   . PRO A 1 100 ? -8.171  -7.199  -3.384  1.00 20.84 ? 100 PRO A O   1 
ATOM   738  C  CB  . PRO A 1 100 ? -11.069 -8.378  -3.412  1.00 10.33 ? 100 PRO A CB  1 
ATOM   739  C  CG  . PRO A 1 100 ? -11.694 -8.147  -2.070  1.00 13.72 ? 100 PRO A CG  1 
ATOM   740  C  CD  . PRO A 1 100 ? -10.714 -8.677  -1.031  1.00 15.34 ? 100 PRO A CD  1 
ATOM   741  N  N   . VAL A 1 101 ? -8.333  -8.526  -5.174  1.00 16.92 ? 101 VAL A N   1 
ATOM   742  C  CA  . VAL A 1 101 ? -7.374  -7.703  -5.910  1.00 21.41 ? 101 VAL A CA  1 
ATOM   743  C  C   . VAL A 1 101 ? -7.951  -6.257  -6.022  1.00 53.39 ? 101 VAL A C   1 
ATOM   744  O  O   . VAL A 1 101 ? -7.232  -5.273  -6.081  1.00 19.49 ? 101 VAL A O   1 
ATOM   745  C  CB  . VAL A 1 101 ? -7.030  -8.337  -7.265  1.00 17.14 ? 101 VAL A CB  1 
ATOM   746  C  CG1 . VAL A 1 101 ? -6.149  -7.389  -8.061  1.00 9.26  ? 101 VAL A CG1 1 
ATOM   747  C  CG2 . VAL A 1 101 ? -6.193  -9.587  -7.086  1.00 21.12 ? 101 VAL A CG2 1 
ATOM   748  N  N   . LYS A 1 102 ? -9.279  -6.081  -6.037  1.00 21.28 ? 102 LYS A N   1 
ATOM   749  C  CA  . LYS A 1 102 ? -9.864  -4.735  -6.158  1.00 18.01 ? 102 LYS A CA  1 
ATOM   750  C  C   . LYS A 1 102 ? -9.578  -3.818  -4.966  1.00 9.36  ? 102 LYS A C   1 
ATOM   751  O  O   . LYS A 1 102 ? -9.375  -2.617  -5.127  1.00 28.36 ? 102 LYS A O   1 
ATOM   752  C  CB  . LYS A 1 102 ? -11.323 -4.801  -6.642  1.00 13.53 ? 102 LYS A CB  1 
ATOM   753  C  CG  . LYS A 1 102 ? -12.211 -3.568  -6.571  1.00 44.40 ? 102 LYS A CG  1 
ATOM   754  N  N   . TYR A 1 103 ? -9.493  -4.391  -3.756  1.00 16.62 ? 103 TYR A N   1 
ATOM   755  C  CA  . TYR A 1 103 ? -9.188  -3.590  -2.572  1.00 9.84  ? 103 TYR A CA  1 
ATOM   756  C  C   . TYR A 1 103 ? -7.715  -3.163  -2.650  1.00 8.60  ? 103 TYR A C   1 
ATOM   757  O  O   . TYR A 1 103 ? -7.355  -2.108  -2.140  1.00 18.72 ? 103 TYR A O   1 
ATOM   758  C  CB  . TYR A 1 103 ? -9.346  -4.387  -1.243  1.00 14.97 ? 103 TYR A CB  1 
ATOM   759  C  CG  . TYR A 1 103 ? -10.787 -4.622  -0.871  1.00 15.62 ? 103 TYR A CG  1 
ATOM   760  C  CD1 . TYR A 1 103 ? -11.755 -4.164  -1.771  1.00 11.52 ? 103 TYR A CD1 1 
ATOM   761  C  CD2 . TYR A 1 103 ? -11.147 -5.260  0.325   1.00 13.08 ? 103 TYR A CD2 1 
ATOM   762  C  CE1 . TYR A 1 103 ? -13.094 -4.378  -1.439  1.00 25.23 ? 103 TYR A CE1 1 
ATOM   763  C  CE2 . TYR A 1 103 ? -12.487 -5.478  0.656   1.00 16.94 ? 103 TYR A CE2 1 
ATOM   764  C  CZ  . TYR A 1 103 ? -13.453 -5.022  -0.249  1.00 26.84 ? 103 TYR A CZ  1 
ATOM   765  O  OH  . TYR A 1 103 ? -14.787 -5.177  -0.016  1.00 35.58 ? 103 TYR A OH  1 
ATOM   766  N  N   . LEU A 1 104 ? -6.882  -4.038  -3.258  1.00 13.61 ? 104 LEU A N   1 
ATOM   767  C  CA  . LEU A 1 104 ? -5.431  -3.855  -3.460  1.00 10.56 ? 104 LEU A CA  1 
ATOM   768  C  C   . LEU A 1 104 ? -5.243  -2.604  -4.309  1.00 30.17 ? 104 LEU A C   1 
ATOM   769  O  O   . LEU A 1 104 ? -4.396  -1.767  -4.066  1.00 13.95 ? 104 LEU A O   1 
ATOM   770  C  CB  . LEU A 1 104 ? -4.726  -5.072  -4.208  1.00 12.18 ? 104 LEU A CB  1 
ATOM   771  C  CG  . LEU A 1 104 ? -4.451  -6.334  -3.353  1.00 22.06 ? 104 LEU A CG  1 
ATOM   772  C  CD1 . LEU A 1 104 ? -3.435  -7.339  -3.948  1.00 12.25 ? 104 LEU A CD1 1 
ATOM   773  C  CD2 . LEU A 1 104 ? -4.101  -6.041  -1.891  1.00 14.46 ? 104 LEU A CD2 1 
ATOM   774  N  N   . GLU A 1 105 ? -6.074  -2.478  -5.320  1.00 20.87 ? 105 GLU A N   1 
ATOM   775  C  CA  . GLU A 1 105 ? -5.996  -1.371  -6.212  1.00 13.01 ? 105 GLU A CA  1 
ATOM   776  C  C   . GLU A 1 105 ? -6.454  -0.084  -5.590  1.00 10.36 ? 105 GLU A C   1 
ATOM   777  O  O   . GLU A 1 105 ? -5.893  0.988   -5.856  1.00 13.25 ? 105 GLU A O   1 
ATOM   778  C  CB  . GLU A 1 105 ? -6.486  -1.719  -7.611  1.00 17.94 ? 105 GLU A CB  1 
ATOM   779  C  CG  . GLU A 1 105 ? -8.001  -1.758  -7.787  1.00 55.09 ? 105 GLU A CG  1 
ATOM   780  C  CD  . GLU A 1 105 ? -8.299  -2.104  -9.218  1.00 72.31 ? 105 GLU A CD  1 
ATOM   781  O  OE1 . GLU A 1 105 ? -8.266  -3.331  -9.543  1.00 41.40 ? 105 GLU A OE1 1 
ATOM   782  O  OE2 . GLU A 1 105 ? -8.390  -1.153  -10.046 1.00 80.00 ? 105 GLU A OE2 1 
ATOM   783  N  N   . PHE A 1 106 ? -7.463  -0.245  -4.750  1.00 16.81 ? 106 PHE A N   1 
ATOM   784  C  CA  . PHE A 1 106 ? -8.013  0.861   -3.999  1.00 18.29 ? 106 PHE A CA  1 
ATOM   785  C  C   . PHE A 1 106 ? -6.859  1.476   -3.159  1.00 24.63 ? 106 PHE A C   1 
ATOM   786  O  O   . PHE A 1 106 ? -6.538  2.661   -3.263  1.00 17.71 ? 106 PHE A O   1 
ATOM   787  C  CB  . PHE A 1 106 ? -9.075  0.361   -2.963  1.00 12.57 ? 106 PHE A CB  1 
ATOM   788  C  CG  . PHE A 1 106 ? -10.455 0.160   -3.513  1.00 21.91 ? 106 PHE A CG  1 
ATOM   789  C  CD1 . PHE A 1 106 ? -10.818 0.627   -4.778  1.00 17.53 ? 106 PHE A CD1 1 
ATOM   790  C  CD2 . PHE A 1 106 ? -11.376 -0.575  -2.762  1.00 27.55 ? 106 PHE A CD2 1 
ATOM   791  C  CE1 . PHE A 1 106 ? -12.109 0.389   -5.255  1.00 31.95 ? 106 PHE A CE1 1 
ATOM   792  C  CE2 . PHE A 1 106 ? -12.670 -0.818  -3.225  1.00 21.80 ? 106 PHE A CE2 1 
ATOM   793  C  CZ  . PHE A 1 106 ? -13.029 -0.323  -4.481  1.00 19.96 ? 106 PHE A CZ  1 
ATOM   794  N  N   . ILE A 1 107 ? -6.213  0.671   -2.301  1.00 18.34 ? 107 ILE A N   1 
ATOM   795  C  CA  . ILE A 1 107 ? -5.110  1.184   -1.452  1.00 4.00  ? 107 ILE A CA  1 
ATOM   796  C  C   . ILE A 1 107 ? -3.956  1.736   -2.268  1.00 10.52 ? 107 ILE A C   1 
ATOM   797  O  O   . ILE A 1 107 ? -3.330  2.693   -1.890  1.00 14.91 ? 107 ILE A O   1 
ATOM   798  C  CB  . ILE A 1 107 ? -4.646  0.141   -0.410  1.00 14.78 ? 107 ILE A CB  1 
ATOM   799  C  CG1 . ILE A 1 107 ? -3.962  0.826   0.805   1.00 18.30 ? 107 ILE A CG1 1 
ATOM   800  C  CG2 . ILE A 1 107 ? -3.728  -0.877  -1.114  1.00 18.34 ? 107 ILE A CG2 1 
ATOM   801  C  CD1 . ILE A 1 107 ? -3.797  0.064   2.148   1.00 7.66  ? 107 ILE A CD1 1 
ATOM   802  N  N   . CYS A 1 108 ? -3.644  1.142   -3.417  1.00 20.16 ? 108 CYS A N   1 
ATOM   803  C  CA  . CYS A 1 108 ? -2.557  1.674   -4.231  1.00 16.37 ? 108 CYS A CA  1 
ATOM   804  C  C   . CYS A 1 108 ? -2.957  3.033   -4.728  1.00 21.13 ? 108 CYS A C   1 
ATOM   805  O  O   . CYS A 1 108 ? -2.134  3.906   -4.885  1.00 12.51 ? 108 CYS A O   1 
ATOM   806  C  CB  . CYS A 1 108 ? -2.187  0.818   -5.462  1.00 13.41 ? 108 CYS A CB  1 
ATOM   807  S  SG  . CYS A 1 108 ? -1.434  -0.731  -4.870  1.00 21.44 ? 108 CYS A SG  1 
ATOM   808  N  N   . GLU A 1 109 ? -4.239  3.247   -4.994  1.00 24.44 ? 109 GLU A N   1 
ATOM   809  C  CA  . GLU A 1 109 ? -4.566  4.557   -5.473  1.00 19.26 ? 109 GLU A CA  1 
ATOM   810  C  C   . GLU A 1 109 ? -4.383  5.633   -4.414  1.00 18.41 ? 109 GLU A C   1 
ATOM   811  O  O   . GLU A 1 109 ? -3.952  6.751   -4.654  1.00 17.90 ? 109 GLU A O   1 
ATOM   812  C  CB  . GLU A 1 109 ? -5.919  4.609   -6.202  1.00 16.40 ? 109 GLU A CB  1 
ATOM   813  N  N   . ILE A 1 110 ? -4.730  5.288   -3.212  1.00 17.44 ? 110 ILE A N   1 
ATOM   814  C  CA  . ILE A 1 110 ? -4.617  6.224   -2.132  1.00 4.69  ? 110 ILE A CA  1 
ATOM   815  C  C   . ILE A 1 110 ? -3.164  6.468   -1.772  1.00 27.27 ? 110 ILE A C   1 
ATOM   816  O  O   . ILE A 1 110 ? -2.779  7.550   -1.385  1.00 18.82 ? 110 ILE A O   1 
ATOM   817  C  CB  . ILE A 1 110 ? -5.479  5.644   -1.017  1.00 9.69  ? 110 ILE A CB  1 
ATOM   818  C  CG1 . ILE A 1 110 ? -6.910  5.891   -1.480  1.00 16.97 ? 110 ILE A CG1 1 
ATOM   819  C  CG2 . ILE A 1 110 ? -5.242  6.156   0.419   1.00 17.35 ? 110 ILE A CG2 1 
ATOM   820  C  CD1 . ILE A 1 110 ? -7.961  5.556   -0.444  1.00 46.39 ? 110 ILE A CD1 1 
ATOM   821  N  N   . ILE A 1 111 ? -2.323  5.456   -1.883  1.00 14.26 ? 111 ILE A N   1 
ATOM   822  C  CA  . ILE A 1 111 ? -0.920  5.676   -1.530  1.00 7.78  ? 111 ILE A CA  1 
ATOM   823  C  C   . ILE A 1 111 ? -0.360  6.781   -2.418  1.00 25.29 ? 111 ILE A C   1 
ATOM   824  O  O   . ILE A 1 111 ? 0.193   7.728   -1.927  1.00 15.45 ? 111 ILE A O   1 
ATOM   825  C  CB  . ILE A 1 111 ? -0.140  4.359   -1.541  1.00 10.84 ? 111 ILE A CB  1 
ATOM   826  C  CG1 . ILE A 1 111 ? -0.411  3.508   -0.285  1.00 14.31 ? 111 ILE A CG1 1 
ATOM   827  C  CG2 . ILE A 1 111 ? 1.340   4.581   -1.736  1.00 16.72 ? 111 ILE A CG2 1 
ATOM   828  C  CD1 . ILE A 1 111 ? -0.143  1.996   -0.462  1.00 16.41 ? 111 ILE A CD1 1 
ATOM   829  N  N   . VAL A 1 112 ? -0.571  6.681   -3.725  1.00 11.19 ? 112 VAL A N   1 
ATOM   830  C  CA  . VAL A 1 112 ? -0.119  7.656   -4.675  1.00 15.80 ? 112 VAL A CA  1 
ATOM   831  C  C   . VAL A 1 112 ? -0.662  9.023   -4.306  1.00 16.23 ? 112 VAL A C   1 
ATOM   832  O  O   . VAL A 1 112 ? 0.051   10.018  -4.254  1.00 33.13 ? 112 VAL A O   1 
ATOM   833  C  CB  . VAL A 1 112 ? -0.508  7.270   -6.100  1.00 16.91 ? 112 VAL A CB  1 
ATOM   834  C  CG1 . VAL A 1 112 ? -0.428  8.463   -7.007  1.00 24.57 ? 112 VAL A CG1 1 
ATOM   835  C  CG2 . VAL A 1 112 ? 0.427   6.183   -6.639  1.00 20.67 ? 112 VAL A CG2 1 
ATOM   836  N  N   . LYS A 1 113 ? -1.950  9.049   -4.023  1.00 14.03 ? 113 LYS A N   1 
ATOM   837  C  CA  . LYS A 1 113 ? -2.651  10.261  -3.656  1.00 42.77 ? 113 LYS A CA  1 
ATOM   838  C  C   . LYS A 1 113 ? -2.023  10.923  -2.434  1.00 22.70 ? 113 LYS A C   1 
ATOM   839  O  O   . LYS A 1 113 ? -1.724  12.152  -2.425  1.00 15.54 ? 113 LYS A O   1 
ATOM   840  C  CB  . LYS A 1 113 ? -4.158  10.041  -3.505  1.00 14.51 ? 113 LYS A CB  1 
ATOM   841  N  N   . VAL A 1 114 ? -1.828  10.115  -1.384  1.00 16.05 ? 114 VAL A N   1 
ATOM   842  C  CA  . VAL A 1 114 ? -1.237  10.684  -0.160  1.00 16.58 ? 114 VAL A CA  1 
ATOM   843  C  C   . VAL A 1 114 ? 0.146   11.257  -0.420  1.00 16.25 ? 114 VAL A C   1 
ATOM   844  O  O   . VAL A 1 114 ? 0.519   12.307  0.096   1.00 14.85 ? 114 VAL A O   1 
ATOM   845  C  CB  . VAL A 1 114 ? -1.288  9.699   1.010   1.00 38.23 ? 114 VAL A CB  1 
ATOM   846  C  CG1 . VAL A 1 114 ? -0.410  10.170  2.158   1.00 18.26 ? 114 VAL A CG1 1 
ATOM   847  C  CG2 . VAL A 1 114 ? -2.735  9.460   1.491   1.00 14.48 ? 114 VAL A CG2 1 
ATOM   848  N  N   . ILE A 1 115 ? 0.910   10.589  -1.253  1.00 12.96 ? 115 ILE A N   1 
ATOM   849  C  CA  . ILE A 1 115 ? 2.244   11.097  -1.534  1.00 8.75  ? 115 ILE A CA  1 
ATOM   850  C  C   . ILE A 1 115 ? 2.273   12.399  -2.284  1.00 14.72 ? 115 ILE A C   1 
ATOM   851  O  O   . ILE A 1 115 ? 3.114   13.238  -2.016  1.00 15.29 ? 115 ILE A O   1 
ATOM   852  C  CB  . ILE A 1 115 ? 3.141   10.102  -2.239  1.00 22.14 ? 115 ILE A CB  1 
ATOM   853  C  CG1 . ILE A 1 115 ? 3.387   8.858   -1.358  1.00 9.26  ? 115 ILE A CG1 1 
ATOM   854  C  CG2 . ILE A 1 115 ? 4.410   10.880  -2.525  1.00 11.60 ? 115 ILE A CG2 1 
ATOM   855  C  CD1 . ILE A 1 115 ? 4.351   7.887   -2.041  1.00 15.17 ? 115 ILE A CD1 1 
ATOM   856  N  N   . ALA A 1 116 ? 1.365   12.550  -3.226  1.00 14.00 ? 116 ALA A N   1 
ATOM   857  C  CA  . ALA A 1 116 ? 1.268   13.713  -4.032  1.00 15.99 ? 116 ALA A CA  1 
ATOM   858  C  C   . ALA A 1 116 ? 0.846   14.862  -3.125  1.00 22.84 ? 116 ALA A C   1 
ATOM   859  O  O   . ALA A 1 116 ? 1.388   15.938  -3.159  1.00 25.40 ? 116 ALA A O   1 
ATOM   860  C  CB  . ALA A 1 116 ? 0.321   13.421  -5.201  1.00 22.94 ? 116 ALA A CB  1 
ATOM   861  N  N   . GLU A 1 117 ? -0.139  14.621  -2.297  1.00 23.76 ? 117 GLU A N   1 
ATOM   862  C  CA  . GLU A 1 117 ? -0.629  15.619  -1.375  1.00 17.96 ? 117 GLU A CA  1 
ATOM   863  C  C   . GLU A 1 117 ? 0.524   16.119  -0.515  1.00 31.75 ? 117 GLU A C   1 
ATOM   864  O  O   . GLU A 1 117 ? 0.685   17.313  -0.332  1.00 35.99 ? 117 GLU A O   1 
ATOM   865  C  CB  . GLU A 1 117 ? -1.559  14.911  -0.374  1.00 28.98 ? 117 GLU A CB  1 
ATOM   866  C  CG  . GLU A 1 117 ? -2.996  15.418  -0.233  1.00 35.86 ? 117 GLU A CG  1 
ATOM   867  C  CD  . GLU A 1 117 ? -3.634  14.962  1.054   1.00 32.25 ? 117 GLU A CD  1 
ATOM   868  O  OE1 . GLU A 1 117 ? -3.126  15.385  2.150   1.00 80.00 ? 117 GLU A OE1 1 
ATOM   869  O  OE2 . GLU A 1 117 ? -4.613  14.148  0.970   1.00 80.00 ? 117 GLU A OE2 1 
ATOM   870  N  N   . LYS A 1 118 ? 1.315   15.192  0.018   1.00 36.25 ? 118 LYS A N   1 
ATOM   871  C  CA  . LYS A 1 118 ? 2.441   15.495  0.896   1.00 27.44 ? 118 LYS A CA  1 
ATOM   872  C  C   . LYS A 1 118 ? 3.771   15.962  0.268   1.00 44.60 ? 118 LYS A C   1 
ATOM   873  O  O   . LYS A 1 118 ? 4.603   16.522  0.936   1.00 17.11 ? 118 LYS A O   1 
ATOM   874  C  CB  . LYS A 1 118 ? 2.668   14.274  1.780   1.00 20.47 ? 118 LYS A CB  1 
ATOM   875  C  CG  . LYS A 1 118 ? 1.583   14.131  2.833   1.00 34.72 ? 118 LYS A CG  1 
ATOM   876  C  CD  . LYS A 1 118 ? 2.028   13.346  4.068   1.00 46.61 ? 118 LYS A CD  1 
ATOM   877  C  CE  . LYS A 1 118 ? 1.335   13.797  5.349   1.00 31.97 ? 118 LYS A CE  1 
ATOM   878  N  NZ  . LYS A 1 118 ? -0.095  13.388  5.417   1.00 45.09 ? 118 LYS A NZ  1 
ATOM   879  N  N   . HIS A 1 119 ? 4.011   15.743  -1.009  1.00 23.51 ? 119 HIS A N   1 
ATOM   880  C  CA  . HIS A 1 119 ? 5.250   16.128  -1.619  1.00 12.17 ? 119 HIS A CA  1 
ATOM   881  C  C   . HIS A 1 119 ? 5.006   16.795  -2.941  1.00 25.70 ? 119 HIS A C   1 
ATOM   882  O  O   . HIS A 1 119 ? 5.488   16.285  -3.966  1.00 28.71 ? 119 HIS A O   1 
ATOM   883  C  CB  . HIS A 1 119 ? 6.132   14.869  -1.920  1.00 15.40 ? 119 HIS A CB  1 
ATOM   884  C  CG  . HIS A 1 119 ? 6.316   14.094  -0.682  1.00 32.66 ? 119 HIS A CG  1 
ATOM   885  N  ND1 . HIS A 1 119 ? 7.227   14.505  0.282   1.00 39.87 ? 119 HIS A ND1 1 
ATOM   886  C  CD2 . HIS A 1 119 ? 5.691   12.972  -0.255  1.00 24.98 ? 119 HIS A CD2 1 
ATOM   887  C  CE1 . HIS A 1 119 ? 7.105   13.644  1.277   1.00 22.16 ? 119 HIS A CE1 1 
ATOM   888  N  NE2 . HIS A 1 119 ? 6.216   12.691  0.985   1.00 30.67 ? 119 HIS A NE2 1 
ATOM   889  N  N   . PRO A 1 120 ? 4.281   17.913  -2.903  1.00 24.81 ? 120 PRO A N   1 
ATOM   890  C  CA  . PRO A 1 120 ? 3.937   18.688  -4.075  1.00 25.87 ? 120 PRO A CA  1 
ATOM   891  C  C   . PRO A 1 120 ? 5.069   19.118  -4.993  1.00 17.65 ? 120 PRO A C   1 
ATOM   892  O  O   . PRO A 1 120 ? 4.874   19.060  -6.222  1.00 26.87 ? 120 PRO A O   1 
ATOM   893  C  CB  . PRO A 1 120 ? 3.137   19.872  -3.606  1.00 13.13 ? 120 PRO A CB  1 
ATOM   894  C  CG  . PRO A 1 120 ? 3.495   20.026  -2.142  1.00 38.84 ? 120 PRO A CG  1 
ATOM   895  C  CD  . PRO A 1 120 ? 4.102   18.712  -1.677  1.00 31.66 ? 120 PRO A CD  1 
ATOM   896  N  N   . SER A 1 121 ? 6.243   19.501  -4.484  1.00 30.67 ? 121 SER A N   1 
ATOM   897  C  CA  . SER A 1 121 ? 7.305   19.893  -5.409  1.00 57.87 ? 121 SER A CA  1 
ATOM   898  C  C   . SER A 1 121 ? 8.152   18.732  -5.868  1.00 16.45 ? 121 SER A C   1 
ATOM   899  O  O   . SER A 1 121 ? 8.904   18.808  -6.815  1.00 38.23 ? 121 SER A O   1 
ATOM   900  C  CB  . SER A 1 121 ? 8.221   20.967  -4.851  1.00 46.40 ? 121 SER A CB  1 
ATOM   901  O  OG  . SER A 1 121 ? 8.847   20.411  -3.738  1.00 41.84 ? 121 SER A OG  1 
ATOM   902  N  N   . ASP A 1 122 ? 8.037   17.639  -5.209  1.00 22.20 ? 122 ASP A N   1 
ATOM   903  C  CA  . ASP A 1 122 ? 8.858   16.541  -5.624  1.00 20.46 ? 122 ASP A CA  1 
ATOM   904  C  C   . ASP A 1 122 ? 8.178   15.438  -6.429  1.00 22.83 ? 122 ASP A C   1 
ATOM   905  O  O   . ASP A 1 122 ? 8.810   14.843  -7.305  1.00 35.28 ? 122 ASP A O   1 
ATOM   906  C  CB  . ASP A 1 122 ? 9.481   15.956  -4.356  1.00 31.44 ? 122 ASP A CB  1 
ATOM   907  C  CG  . ASP A 1 122 ? 10.531  16.821  -3.732  1.00 41.21 ? 122 ASP A CG  1 
ATOM   908  O  OD1 . ASP A 1 122 ? 11.539  17.119  -4.444  1.00 34.28 ? 122 ASP A OD1 1 
ATOM   909  O  OD2 . ASP A 1 122 ? 10.401  17.063  -2.507  1.00 39.51 ? 122 ASP A OD2 1 
ATOM   910  N  N   . PHE A 1 123 ? 6.922   15.170  -6.112  1.00 18.43 ? 123 PHE A N   1 
ATOM   911  C  CA  . PHE A 1 123 ? 6.128   14.126  -6.772  1.00 32.92 ? 123 PHE A CA  1 
ATOM   912  C  C   . PHE A 1 123 ? 5.482   14.681  -8.019  1.00 29.72 ? 123 PHE A C   1 
ATOM   913  O  O   . PHE A 1 123 ? 4.347   15.144  -7.978  1.00 24.06 ? 123 PHE A O   1 
ATOM   914  C  CB  . PHE A 1 123 ? 5.049   13.527  -5.837  1.00 7.55  ? 123 PHE A CB  1 
ATOM   915  C  CG  . PHE A 1 123 ? 4.616   12.086  -6.168  1.00 12.73 ? 123 PHE A CG  1 
ATOM   916  C  CD1 . PHE A 1 123 ? 5.533   11.082  -6.494  1.00 24.01 ? 123 PHE A CD1 1 
ATOM   917  C  CD2 . PHE A 1 123 ? 3.276   11.726  -6.068  1.00 22.82 ? 123 PHE A CD2 1 
ATOM   918  C  CE1 . PHE A 1 123 ? 5.161   9.767   -6.775  1.00 16.19 ? 123 PHE A CE1 1 
ATOM   919  C  CE2 . PHE A 1 123 ? 2.870   10.414  -6.313  1.00 29.00 ? 123 PHE A CE2 1 
ATOM   920  C  CZ  . PHE A 1 123 ? 3.809   9.446   -6.672  1.00 38.07 ? 123 PHE A CZ  1 
ATOM   921  N  N   . GLY A 1 124 ? 6.236   14.631  -9.107  1.00 31.79 ? 124 GLY A N   1 
ATOM   922  C  CA  . GLY A 1 124 ? 5.757   15.129  -10.366 1.00 55.26 ? 124 GLY A CA  1 
ATOM   923  C  C   . GLY A 1 124 ? 5.263   14.049  -11.310 1.00 18.03 ? 124 GLY A C   1 
ATOM   924  O  O   . GLY A 1 124 ? 5.285   12.830  -11.033 1.00 29.14 ? 124 GLY A O   1 
ATOM   925  N  N   . ALA A 1 125 ? 4.859   14.531  -12.454 1.00 33.48 ? 125 ALA A N   1 
ATOM   926  C  CA  . ALA A 1 125 ? 4.340   13.654  -13.471 1.00 14.01 ? 125 ALA A CA  1 
ATOM   927  C  C   . ALA A 1 125 ? 5.139   12.442  -13.719 1.00 19.53 ? 125 ALA A C   1 
ATOM   928  O  O   . ALA A 1 125 ? 4.656   11.325  -13.849 1.00 9.48  ? 125 ALA A O   1 
ATOM   929  C  CB  . ALA A 1 125 ? 4.121   14.320  -14.836 1.00 28.93 ? 125 ALA A CB  1 
ATOM   930  N  N   . ASP A 1 126 ? 6.402   12.678  -13.834 1.00 7.19  ? 126 ASP A N   1 
ATOM   931  C  CA  . ASP A 1 126 ? 7.185   11.489  -14.127 1.00 18.77 ? 126 ASP A CA  1 
ATOM   932  C  C   . ASP A 1 126 ? 7.238   10.502  -12.979 1.00 17.91 ? 126 ASP A C   1 
ATOM   933  O  O   . ASP A 1 126 ? 7.129   9.283   -13.155 1.00 28.64 ? 126 ASP A O   1 
ATOM   934  C  CB  . ASP A 1 126 ? 8.602   11.905  -14.567 1.00 69.24 ? 126 ASP A CB  1 
ATOM   935  C  CG  . ASP A 1 126 ? 8.583   12.595  -15.908 1.00 48.49 ? 126 ASP A CG  1 
ATOM   936  O  OD1 . ASP A 1 126 ? 8.257   13.808  -15.964 1.00 80.00 ? 126 ASP A OD1 1 
ATOM   937  O  OD2 . ASP A 1 126 ? 8.802   11.911  -16.930 1.00 54.27 ? 126 ASP A OD2 1 
ATOM   938  N  N   . SER A 1 127 ? 7.418   11.050  -11.777 1.00 20.26 ? 127 SER A N   1 
ATOM   939  C  CA  . SER A 1 127 ? 7.526   10.203  -10.616 1.00 23.05 ? 127 SER A CA  1 
ATOM   940  C  C   . SER A 1 127 ? 6.200   9.538   -10.364 1.00 18.19 ? 127 SER A C   1 
ATOM   941  O  O   . SER A 1 127 ? 6.166   8.363   -9.995  1.00 20.53 ? 127 SER A O   1 
ATOM   942  C  CB  . SER A 1 127 ? 8.163   10.912  -9.423  1.00 10.87 ? 127 SER A CB  1 
ATOM   943  O  OG  . SER A 1 127 ? 7.859   12.318  -9.517  1.00 80.00 ? 127 SER A OG  1 
ATOM   944  N  N   . GLN A 1 128 ? 5.124   10.276  -10.619 1.00 23.55 ? 128 GLN A N   1 
ATOM   945  C  CA  . GLN A 1 128 ? 3.794   9.702   -10.434 1.00 22.65 ? 128 GLN A CA  1 
ATOM   946  C  C   . GLN A 1 128 ? 3.558   8.563   -11.391 1.00 35.85 ? 128 GLN A C   1 
ATOM   947  O  O   . GLN A 1 128 ? 2.989   7.574   -10.982 1.00 23.57 ? 128 GLN A O   1 
ATOM   948  C  CB  . GLN A 1 128 ? 2.630   10.703  -10.389 1.00 18.84 ? 128 GLN A CB  1 
ATOM   949  C  CG  . GLN A 1 128 ? 2.803   11.725  -9.266  1.00 33.32 ? 128 GLN A CG  1 
ATOM   950  C  CD  . GLN A 1 128 ? 1.670   12.708  -9.359  1.00 64.44 ? 128 GLN A CD  1 
ATOM   951  O  OE1 . GLN A 1 128 ? 0.968   12.691  -10.369 1.00 80.00 ? 128 GLN A OE1 1 
ATOM   952  N  NE2 . GLN A 1 128 ? 1.503   13.576  -8.366  1.00 48.46 ? 128 GLN A NE2 1 
ATOM   953  N  N   . ALA A 1 129 ? 4.005   8.682   -12.640 1.00 19.83 ? 129 ALA A N   1 
ATOM   954  C  CA  . ALA A 1 129 ? 3.843   7.600   -13.594 1.00 9.64  ? 129 ALA A CA  1 
ATOM   955  C  C   . ALA A 1 129 ? 4.575   6.356   -13.121 1.00 22.76 ? 129 ALA A C   1 
ATOM   956  O  O   . ALA A 1 129 ? 4.087   5.176   -13.103 1.00 13.38 ? 129 ALA A O   1 
ATOM   957  C  CB  . ALA A 1 129 ? 4.495   7.978   -14.905 1.00 15.99 ? 129 ALA A CB  1 
ATOM   958  N  N   . ALA A 1 130 ? 5.816   6.639   -12.743 1.00 20.12 ? 130 ALA A N   1 
ATOM   959  C  CA  . ALA A 1 130 ? 6.638   5.544   -12.292 1.00 21.43 ? 130 ALA A CA  1 
ATOM   960  C  C   . ALA A 1 130 ? 6.101   4.872   -11.046 1.00 17.53 ? 130 ALA A C   1 
ATOM   961  O  O   . ALA A 1 130 ? 6.117   3.644   -10.949 1.00 13.85 ? 130 ALA A O   1 
ATOM   962  C  CB  . ALA A 1 130 ? 8.084   5.900   -12.146 1.00 13.97 ? 130 ALA A CB  1 
ATOM   963  N  N   . MET A 1 131 ? 5.593   5.645   -10.089 1.00 16.15 ? 131 MET A N   1 
ATOM   964  C  CA  . MET A 1 131 ? 5.097   5.025   -8.877  1.00 23.52 ? 131 MET A CA  1 
ATOM   965  C  C   . MET A 1 131 ? 3.952   4.089   -9.220  1.00 14.03 ? 131 MET A C   1 
ATOM   966  O  O   . MET A 1 131 ? 3.932   2.941   -8.800  1.00 22.73 ? 131 MET A O   1 
ATOM   967  C  CB  . MET A 1 131 ? 4.793   6.064   -7.780  1.00 26.77 ? 131 MET A CB  1 
ATOM   968  C  CG  . MET A 1 131 ? 4.270   5.491   -6.469  1.00 20.29 ? 131 MET A CG  1 
ATOM   969  S  SD  . MET A 1 131 ? 5.542   4.511   -5.634  1.00 22.38 ? 131 MET A SD  1 
ATOM   970  C  CE  . MET A 1 131 ? 4.933   4.539   -3.920  1.00 40.05 ? 131 MET A CE  1 
ATOM   971  N  N   . LYS A 1 132 ? 3.101   4.591   -10.085 1.00 10.87 ? 132 LYS A N   1 
ATOM   972  C  CA  . LYS A 1 132 ? 1.905   3.820   -10.448 1.00 27.78 ? 132 LYS A CA  1 
ATOM   973  C  C   . LYS A 1 132 ? 2.304   2.482   -11.058 1.00 15.36 ? 132 LYS A C   1 
ATOM   974  O  O   . LYS A 1 132 ? 1.807   1.427   -10.657 1.00 27.66 ? 132 LYS A O   1 
ATOM   975  C  CB  . LYS A 1 132 ? 1.071   4.593   -11.458 1.00 18.91 ? 132 LYS A CB  1 
ATOM   976  C  CG  . LYS A 1 132 ? 0.362   5.773   -10.815 1.00 39.17 ? 132 LYS A CG  1 
ATOM   977  C  CD  . LYS A 1 132 ? -0.912  6.171   -11.544 1.00 41.15 ? 132 LYS A CD  1 
ATOM   978  C  CE  . LYS A 1 132 ? -0.776  7.506   -12.267 1.00 80.00 ? 132 LYS A CE  1 
ATOM   979  N  N   . LYS A 1 133 ? 3.201   2.541   -12.021 1.00 12.40 ? 133 LYS A N   1 
ATOM   980  C  CA  . LYS A 1 133 ? 3.654   1.328   -12.716 1.00 18.60 ? 133 LYS A CA  1 
ATOM   981  C  C   . LYS A 1 133 ? 4.294   0.350   -11.724 1.00 16.22 ? 133 LYS A C   1 
ATOM   982  O  O   . LYS A 1 133 ? 4.085   -0.874  -11.812 1.00 12.07 ? 133 LYS A O   1 
ATOM   983  C  CB  . LYS A 1 133 ? 4.652   1.684   -13.814 1.00 17.39 ? 133 LYS A CB  1 
ATOM   984  C  CG  . LYS A 1 133 ? 3.970   1.952   -15.159 1.00 17.22 ? 133 LYS A CG  1 
ATOM   985  C  CD  . LYS A 1 133 ? 4.586   1.161   -16.312 1.00 34.36 ? 133 LYS A CD  1 
ATOM   986  C  CE  . LYS A 1 133 ? 5.901   1.764   -16.804 1.00 68.58 ? 133 LYS A CE  1 
ATOM   987  N  N   . ALA A 1 134 ? 4.904   0.859   -10.621 1.00 10.89 ? 134 ALA A N   1 
ATOM   988  C  CA  . ALA A 1 134 ? 5.481   0.012   -9.576  1.00 15.25 ? 134 ALA A CA  1 
ATOM   989  C  C   . ALA A 1 134 ? 4.441   -0.676  -8.711  1.00 16.61 ? 134 ALA A C   1 
ATOM   990  O  O   . ALA A 1 134 ? 4.610   -1.834  -8.331  1.00 9.21  ? 134 ALA A O   1 
ATOM   991  C  CB  . ALA A 1 134 ? 6.445   0.785   -8.702  1.00 10.86 ? 134 ALA A CB  1 
ATOM   992  N  N   . LEU A 1 135 ? 3.358   0.044   -8.415  1.00 9.60  ? 135 LEU A N   1 
ATOM   993  C  CA  . LEU A 1 135 ? 2.280   -0.488  -7.598  1.00 11.85 ? 135 LEU A CA  1 
ATOM   994  C  C   . LEU A 1 135 ? 1.421   -1.435  -8.429  1.00 47.27 ? 135 LEU A C   1 
ATOM   995  O  O   . LEU A 1 135 ? 0.833   -2.399  -7.937  1.00 23.45 ? 135 LEU A O   1 
ATOM   996  C  CB  . LEU A 1 135 ? 1.419   0.659   -7.039  1.00 4.31  ? 135 LEU A CB  1 
ATOM   997  C  CG  . LEU A 1 135 ? 2.311   1.486   -6.084  1.00 13.05 ? 135 LEU A CG  1 
ATOM   998  C  CD1 . LEU A 1 135 ? 1.556   2.683   -5.490  1.00 13.38 ? 135 LEU A CD1 1 
ATOM   999  C  CD2 . LEU A 1 135 ? 2.920   0.558   -5.014  1.00 17.40 ? 135 LEU A CD2 1 
ATOM   1000 N  N   . GLU A 1 136 ? 1.405   -1.175  -9.729  1.00 16.38 ? 136 GLU A N   1 
ATOM   1001 C  CA  . GLU A 1 136 ? 0.683   -1.992  -10.678 1.00 11.18 ? 136 GLU A CA  1 
ATOM   1002 C  C   . GLU A 1 136 ? 1.423   -3.326  -10.805 1.00 20.95 ? 136 GLU A C   1 
ATOM   1003 O  O   . GLU A 1 136 ? 0.829   -4.368  -10.915 1.00 26.22 ? 136 GLU A O   1 
ATOM   1004 C  CB  . GLU A 1 136 ? 0.719   -1.392  -12.064 1.00 11.70 ? 136 GLU A CB  1 
ATOM   1005 C  CG  . GLU A 1 136 ? -0.619  -1.463  -12.780 1.00 60.96 ? 136 GLU A CG  1 
ATOM   1006 C  CD  . GLU A 1 136 ? -0.486  -1.808  -14.239 1.00 80.00 ? 136 GLU A CD  1 
ATOM   1007 O  OE1 . GLU A 1 136 ? 0.457   -2.560  -14.599 1.00 58.01 ? 136 GLU A OE1 1 
ATOM   1008 O  OE2 . GLU A 1 136 ? -1.319  -1.312  -15.044 1.00 80.00 ? 136 GLU A OE2 1 
ATOM   1009 N  N   . LEU A 1 137 ? 2.726   -3.314  -10.784 1.00 14.01 ? 137 LEU A N   1 
ATOM   1010 C  CA  . LEU A 1 137 ? 3.487   -4.569  -10.895 1.00 24.70 ? 137 LEU A CA  1 
ATOM   1011 C  C   . LEU A 1 137 ? 3.312   -5.355  -9.618  1.00 49.30 ? 137 LEU A C   1 
ATOM   1012 O  O   . LEU A 1 137 ? 3.240   -6.574  -9.591  1.00 17.95 ? 137 LEU A O   1 
ATOM   1013 C  CB  . LEU A 1 137 ? 4.971   -4.267  -11.165 1.00 4.27  ? 137 LEU A CB  1 
ATOM   1014 C  CG  . LEU A 1 137 ? 5.928   -5.362  -10.805 1.00 18.08 ? 137 LEU A CG  1 
ATOM   1015 C  CD1 . LEU A 1 137 ? 6.164   -6.209  -12.047 1.00 15.80 ? 137 LEU A CD1 1 
ATOM   1016 C  CD2 . LEU A 1 137 ? 7.228   -4.684  -10.385 1.00 26.18 ? 137 LEU A CD2 1 
ATOM   1017 N  N   . PHE A 1 138 ? 3.175   -4.620  -8.534  1.00 25.89 ? 138 PHE A N   1 
ATOM   1018 C  CA  . PHE A 1 138 ? 3.021   -5.297  -7.239  1.00 38.41 ? 138 PHE A CA  1 
ATOM   1019 C  C   . PHE A 1 138 ? 1.641   -5.975  -7.175  1.00 25.48 ? 138 PHE A C   1 
ATOM   1020 O  O   . PHE A 1 138 ? 1.513   -7.127  -6.740  1.00 29.40 ? 138 PHE A O   1 
ATOM   1021 C  CB  . PHE A 1 138 ? 3.198   -4.276  -6.109  1.00 22.03 ? 138 PHE A CB  1 
ATOM   1022 C  CG  . PHE A 1 138 ? 2.419   -4.614  -4.837  1.00 16.20 ? 138 PHE A CG  1 
ATOM   1023 C  CD1 . PHE A 1 138 ? 2.928   -5.548  -3.925  1.00 17.42 ? 138 PHE A CD1 1 
ATOM   1024 C  CD2 . PHE A 1 138 ? 1.200   -3.983  -4.585  1.00 15.76 ? 138 PHE A CD2 1 
ATOM   1025 C  CE1 . PHE A 1 138 ? 2.214   -5.844  -2.758  1.00 21.28 ? 138 PHE A CE1 1 
ATOM   1026 C  CE2 . PHE A 1 138 ? 0.485   -4.280  -3.422  1.00 9.88  ? 138 PHE A CE2 1 
ATOM   1027 C  CZ  . PHE A 1 138 ? 0.993   -5.210  -2.506  1.00 11.46 ? 138 PHE A CZ  1 
ATOM   1028 N  N   . ARG A 1 139 ? 0.632   -5.241  -7.621  1.00 16.11 ? 139 ARG A N   1 
ATOM   1029 C  CA  . ARG A 1 139 ? -0.765  -5.728  -7.658  1.00 13.00 ? 139 ARG A CA  1 
ATOM   1030 C  C   . ARG A 1 139 ? -0.850  -7.026  -8.473  1.00 22.16 ? 139 ARG A C   1 
ATOM   1031 O  O   . ARG A 1 139 ? -1.495  -7.998  -8.070  1.00 17.04 ? 139 ARG A O   1 
ATOM   1032 C  CB  . ARG A 1 139 ? -1.659  -4.697  -8.354  1.00 12.91 ? 139 ARG A CB  1 
ATOM   1033 C  CG  . ARG A 1 139 ? -2.868  -4.212  -7.534  1.00 80.00 ? 139 ARG A CG  1 
ATOM   1034 C  CD  . ARG A 1 139 ? -3.682  -3.154  -8.302  1.00 45.88 ? 139 ARG A CD  1 
ATOM   1035 N  NE  . ARG A 1 139 ? -2.817  -2.123  -8.892  1.00 28.71 ? 139 ARG A NE  1 
ATOM   1036 C  CZ  . ARG A 1 139 ? -3.123  -1.296  -9.908  1.00 33.02 ? 139 ARG A CZ  1 
ATOM   1037 N  NH1 . ARG A 1 139 ? -4.314  -1.322  -10.515 1.00 80.00 ? 139 ARG A NH1 1 
ATOM   1038 N  N   . ASN A 1 140 ? -0.188  -7.003  -9.619  1.00 17.49 ? 140 ASN A N   1 
ATOM   1039 C  CA  . ASN A 1 140 ? -0.186  -8.142  -10.554 1.00 12.71 ? 140 ASN A CA  1 
ATOM   1040 C  C   . ASN A 1 140 ? 0.478   -9.362  -9.925  1.00 12.63 ? 140 ASN A C   1 
ATOM   1041 O  O   . ASN A 1 140 ? -0.057  -10.479 -9.994  1.00 30.33 ? 140 ASN A O   1 
ATOM   1042 C  CB  . ASN A 1 140 ? 0.552   -7.769  -11.830 1.00 21.98 ? 140 ASN A CB  1 
ATOM   1043 C  CG  . ASN A 1 140 ? -0.276  -6.832  -12.688 1.00 55.16 ? 140 ASN A CG  1 
ATOM   1044 O  OD1 . ASN A 1 140 ? -1.367  -6.442  -12.270 1.00 24.82 ? 140 ASN A OD1 1 
ATOM   1045 N  ND2 . ASN A 1 140 ? 0.176   -6.448  -13.860 1.00 47.77 ? 140 ASN A ND2 1 
ATOM   1046 N  N   . ASP A 1 141 ? 1.650   -9.181  -9.493  1.00 10.64 ? 141 ASP A N   1 
ATOM   1047 C  CA  . ASP A 1 141 ? 2.433   -10.244 -8.855  1.00 7.02  ? 141 ASP A CA  1 
ATOM   1048 C  C   . ASP A 1 141 ? 1.667   -10.744 -7.645  1.00 12.60 ? 141 ASP A C   1 
ATOM   1049 O  O   . ASP A 1 141 ? 1.637   -11.932 -7.347  1.00 20.04 ? 141 ASP A O   1 
ATOM   1050 C  CB  . ASP A 1 141 ? 3.846   -9.756  -8.478  1.00 32.71 ? 141 ASP A CB  1 
ATOM   1051 C  CG  . ASP A 1 141 ? 4.770   -9.639  -9.642  1.00 38.78 ? 141 ASP A CG  1 
ATOM   1052 O  OD1 . ASP A 1 141 ? 4.302   -10.024 -10.730 1.00 18.61 ? 141 ASP A OD1 1 
ATOM   1053 O  OD2 . ASP A 1 141 ? 5.944   -9.168  -9.497  1.00 27.96 ? 141 ASP A OD2 1 
ATOM   1054 N  N   . MET A 1 142 ? 0.993   -9.853  -6.922  1.00 10.14 ? 142 MET A N   1 
ATOM   1055 C  CA  . MET A 1 142 ? 0.225   -10.361 -5.791  1.00 12.78 ? 142 MET A CA  1 
ATOM   1056 C  C   . MET A 1 142 ? -0.882  -11.313 -6.328  1.00 21.91 ? 142 MET A C   1 
ATOM   1057 O  O   . MET A 1 142 ? -1.053  -12.484 -5.950  1.00 18.92 ? 142 MET A O   1 
ATOM   1058 C  CB  . MET A 1 142 ? -0.403  -9.171  -4.994  1.00 9.48  ? 142 MET A CB  1 
ATOM   1059 C  CG  . MET A 1 142 ? 0.529   -8.529  -3.952  1.00 28.39 ? 142 MET A CG  1 
ATOM   1060 S  SD  . MET A 1 142 ? 0.655   -9.524  -2.436  1.00 24.26 ? 142 MET A SD  1 
ATOM   1061 C  CE  . MET A 1 142 ? -0.835  -9.042  -1.489  1.00 7.79  ? 142 MET A CE  1 
ATOM   1062 N  N   . ALA A 1 143 ? -1.654  -10.810 -7.278  1.00 21.49 ? 143 ALA A N   1 
ATOM   1063 C  CA  . ALA A 1 143 ? -2.707  -11.572 -7.872  1.00 14.37 ? 143 ALA A CA  1 
ATOM   1064 C  C   . ALA A 1 143 ? -2.236  -12.925 -8.401  1.00 40.08 ? 143 ALA A C   1 
ATOM   1065 O  O   . ALA A 1 143 ? -2.880  -13.975 -8.305  1.00 23.03 ? 143 ALA A O   1 
ATOM   1066 C  CB  . ALA A 1 143 ? -3.454  -10.673 -8.861  1.00 19.40 ? 143 ALA A CB  1 
ATOM   1067 N  N   . SER A 1 144 ? -1.063  -12.928 -8.959  1.00 18.96 ? 144 SER A N   1 
ATOM   1068 C  CA  . SER A 1 144 ? -0.588  -14.184 -9.458  1.00 19.99 ? 144 SER A CA  1 
ATOM   1069 C  C   . SER A 1 144 ? -0.303  -15.164 -8.332  1.00 53.21 ? 144 SER A C   1 
ATOM   1070 O  O   . SER A 1 144 ? -0.655  -16.359 -8.383  1.00 30.27 ? 144 SER A O   1 
ATOM   1071 C  CB  . SER A 1 144 ? 0.628   -13.935 -10.343 1.00 13.06 ? 144 SER A CB  1 
ATOM   1072 O  OG  . SER A 1 144 ? 0.356   -12.814 -11.169 1.00 80.00 ? 144 SER A OG  1 
ATOM   1073 N  N   . LYS A 1 145 ? 0.356   -14.644 -7.297  1.00 12.73 ? 145 LYS A N   1 
ATOM   1074 C  CA  . LYS A 1 145 ? 0.693   -15.497 -6.159  1.00 22.16 ? 145 LYS A CA  1 
ATOM   1075 C  C   . LYS A 1 145 ? -0.498  -16.059 -5.459  1.00 23.26 ? 145 LYS A C   1 
ATOM   1076 O  O   . LYS A 1 145 ? -0.428  -17.168 -4.895  1.00 22.68 ? 145 LYS A O   1 
ATOM   1077 C  CB  . LYS A 1 145 ? 1.643   -14.944 -5.118  1.00 24.37 ? 145 LYS A CB  1 
ATOM   1078 C  CG  . LYS A 1 145 ? 3.010   -15.574 -5.295  1.00 23.77 ? 145 LYS A CG  1 
ATOM   1079 N  N   . TYR A 1 146 ? -1.552  -15.239 -5.487  1.00 13.32 ? 146 TYR A N   1 
ATOM   1080 C  CA  . TYR A 1 146 ? -2.819  -15.585 -4.868  1.00 27.07 ? 146 TYR A CA  1 
ATOM   1081 C  C   . TYR A 1 146 ? -3.302  -16.957 -5.414  1.00 21.62 ? 146 TYR A C   1 
ATOM   1082 O  O   . TYR A 1 146 ? -3.778  -17.815 -4.706  1.00 19.94 ? 146 TYR A O   1 
ATOM   1083 C  CB  . TYR A 1 146 ? -3.825  -14.464 -5.202  1.00 6.90  ? 146 TYR A CB  1 
ATOM   1084 C  CG  . TYR A 1 146 ? -3.963  -13.347 -4.206  1.00 18.90 ? 146 TYR A CG  1 
ATOM   1085 C  CD1 . TYR A 1 146 ? -3.032  -13.051 -3.200  1.00 19.94 ? 146 TYR A CD1 1 
ATOM   1086 C  CD2 . TYR A 1 146 ? -5.085  -12.537 -4.356  1.00 31.41 ? 146 TYR A CD2 1 
ATOM   1087 C  CE1 . TYR A 1 146 ? -3.218  -11.984 -2.319  1.00 18.97 ? 146 TYR A CE1 1 
ATOM   1088 C  CE2 . TYR A 1 146 ? -5.284  -11.451 -3.511  1.00 10.45 ? 146 TYR A CE2 1 
ATOM   1089 C  CZ  . TYR A 1 146 ? -4.358  -11.197 -2.499  1.00 18.55 ? 146 TYR A CZ  1 
ATOM   1090 O  OH  . TYR A 1 146 ? -4.672  -10.161 -1.692  1.00 19.31 ? 146 TYR A OH  1 
ATOM   1091 N  N   . LYS A 1 147 ? -3.143  -17.173 -6.709  1.00 15.49 ? 147 LYS A N   1 
ATOM   1092 C  CA  . LYS A 1 147 ? -3.542  -18.391 -7.357  1.00 33.29 ? 147 LYS A CA  1 
ATOM   1093 C  C   . LYS A 1 147 ? -2.870  -19.623 -6.791  1.00 27.12 ? 147 LYS A C   1 
ATOM   1094 O  O   . LYS A 1 147 ? -3.473  -20.680 -6.751  1.00 23.63 ? 147 LYS A O   1 
ATOM   1095 C  CB  . LYS A 1 147 ? -3.436  -18.290 -8.872  1.00 38.22 ? 147 LYS A CB  1 
ATOM   1096 N  N   . GLU A 1 148 ? -1.625  -19.499 -6.333  1.00 18.17 ? 148 GLU A N   1 
ATOM   1097 C  CA  . GLU A 1 148 ? -0.938  -20.648 -5.787  1.00 10.33 ? 148 GLU A CA  1 
ATOM   1098 C  C   . GLU A 1 148 ? -1.403  -21.024 -4.413  1.00 15.24 ? 148 GLU A C   1 
ATOM   1099 O  O   . GLU A 1 148 ? -0.780  -21.890 -3.773  1.00 20.52 ? 148 GLU A O   1 
ATOM   1100 C  CB  . GLU A 1 148 ? 0.559   -20.351 -5.654  1.00 11.32 ? 148 GLU A CB  1 
ATOM   1101 C  CG  . GLU A 1 148 ? 1.110   -19.854 -6.998  1.00 20.63 ? 148 GLU A CG  1 
ATOM   1102 C  CD  . GLU A 1 148 ? 2.602   -19.783 -7.097  1.00 39.29 ? 148 GLU A CD  1 
ATOM   1103 O  OE1 . GLU A 1 148 ? 3.318   -20.274 -6.182  1.00 63.43 ? 148 GLU A OE1 1 
ATOM   1104 O  OE2 . GLU A 1 148 ? 3.050   -19.330 -8.184  1.00 46.15 ? 148 GLU A OE2 1 
ATOM   1105 N  N   . PHE A 1 149 ? -2.447  -20.347 -3.968  1.00 20.90 ? 149 PHE A N   1 
ATOM   1106 C  CA  . PHE A 1 149 ? -2.964  -20.606 -2.648  1.00 20.99 ? 149 PHE A CA  1 
ATOM   1107 C  C   . PHE A 1 149 ? -4.438  -20.916 -2.757  1.00 34.45 ? 149 PHE A C   1 
ATOM   1108 O  O   . PHE A 1 149 ? -5.187  -21.023 -1.775  1.00 16.05 ? 149 PHE A O   1 
ATOM   1109 C  CB  . PHE A 1 149 ? -2.765  -19.379 -1.700  1.00 25.52 ? 149 PHE A CB  1 
ATOM   1110 C  CG  . PHE A 1 149 ? -1.349  -18.920 -1.534  1.00 30.73 ? 149 PHE A CG  1 
ATOM   1111 C  CD1 . PHE A 1 149 ? -0.384  -19.785 -1.019  1.00 20.20 ? 149 PHE A CD1 1 
ATOM   1112 C  CD2 . PHE A 1 149 ? -0.968  -17.619 -1.843  1.00 15.01 ? 149 PHE A CD2 1 
ATOM   1113 C  CE1 . PHE A 1 149 ? 0.937   -19.384 -0.860  1.00 29.58 ? 149 PHE A CE1 1 
ATOM   1114 C  CE2 . PHE A 1 149 ? 0.357   -17.199 -1.693  1.00 18.73 ? 149 PHE A CE2 1 
ATOM   1115 C  CZ  . PHE A 1 149 ? 1.310   -18.085 -1.197  1.00 14.92 ? 149 PHE A CZ  1 
ATOM   1116 N  N   . GLY A 1 150 ? -4.835  -21.015 -4.005  1.00 17.89 ? 150 GLY A N   1 
ATOM   1117 C  CA  . GLY A 1 150 ? -6.207  -21.324 -4.304  1.00 13.22 ? 150 GLY A CA  1 
ATOM   1118 C  C   . GLY A 1 150 ? -7.167  -20.184 -4.133  1.00 22.83 ? 150 GLY A C   1 
ATOM   1119 O  O   . GLY A 1 150 ? -8.358  -20.420 -4.113  1.00 20.53 ? 150 GLY A O   1 
ATOM   1120 N  N   . PHE A 1 151 ? -6.664  -18.965 -4.028  1.00 19.27 ? 151 PHE A N   1 
ATOM   1121 C  CA  . PHE A 1 151 ? -7.547  -17.821 -3.843  1.00 8.02  ? 151 PHE A CA  1 
ATOM   1122 C  C   . PHE A 1 151 ? -7.665  -17.058 -5.148  1.00 21.70 ? 151 PHE A C   1 
ATOM   1123 O  O   . PHE A 1 151 ? -6.709  -16.893 -5.893  1.00 21.55 ? 151 PHE A O   1 
ATOM   1124 C  CB  . PHE A 1 151 ? -7.025  -16.966 -2.660  1.00 28.56 ? 151 PHE A CB  1 
ATOM   1125 C  CG  . PHE A 1 151 ? -7.707  -15.631 -2.460  1.00 24.54 ? 151 PHE A CG  1 
ATOM   1126 C  CD1 . PHE A 1 151 ? -9.043  -15.590 -2.069  1.00 27.22 ? 151 PHE A CD1 1 
ATOM   1127 C  CD2 . PHE A 1 151 ? -7.018  -14.428 -2.615  1.00 35.58 ? 151 PHE A CD2 1 
ATOM   1128 C  CE1 . PHE A 1 151 ? -9.697  -14.377 -1.872  1.00 40.63 ? 151 PHE A CE1 1 
ATOM   1129 C  CE2 . PHE A 1 151 ? -7.656  -13.205 -2.426  1.00 37.44 ? 151 PHE A CE2 1 
ATOM   1130 C  CZ  . PHE A 1 151 ? -8.994  -13.185 -2.041  1.00 32.79 ? 151 PHE A CZ  1 
ATOM   1131 N  N   . GLN A 1 152 ? -8.838  -16.581 -5.438  1.00 31.79 ? 152 GLN A N   1 
ATOM   1132 C  CA  . GLN A 1 152 ? -9.046  -15.884 -6.687  1.00 30.53 ? 152 GLN A CA  1 
ATOM   1133 C  C   . GLN A 1 152 ? -8.671  -14.401 -6.801  1.00 49.00 ? 152 GLN A C   1 
ATOM   1134 O  O   . GLN A 1 152 ? -7.799  -14.072 -7.613  1.00 64.40 ? 152 GLN A O   1 
ATOM   1135 N  N   . GLY A 1 153 ? -9.328  -13.495 -6.023  1.00 50.41 ? 153 GLY A N   1 
ATOM   1136 C  CA  . GLY A 1 153 ? -9.051  -12.040 -6.068  1.00 58.96 ? 153 GLY A CA  1 
ATOM   1137 C  C   . GLY A 1 153 ? -10.250 -11.172 -6.444  1.00 28.50 ? 153 GLY A C   1 
ATOM   1138 O  O   . GLY A 1 153 ? -11.304 -11.797 -6.330  1.00 56.97 ? 153 GLY A O   1 
ATOM   1139 O  OXT . GLY A 1 153 ? -10.151 -9.944  -6.760  0.71 56.05 ? 153 GLY A OXT 1 
HETATM 1140 C  CHA . HEM B 2 .   ? -2.217  -7.135  7.748   1.00 16.40 ? 155 HEM A CHA 1 
HETATM 1141 C  CHB . HEM B 2 .   ? 0.589   -5.414  4.313   1.00 9.03  ? 155 HEM A CHB 1 
HETATM 1142 C  CHC . HEM B 2 .   ? -3.223  -4.150  1.642   1.00 10.52 ? 155 HEM A CHC 1 
HETATM 1143 C  CHD . HEM B 2 .   ? -6.036  -6.057  5.063   1.00 11.32 ? 155 HEM A CHD 1 
HETATM 1144 C  C1A . HEM B 2 .   ? -1.144  -6.611  7.052   1.00 24.07 ? 155 HEM A C1A 1 
HETATM 1145 C  C2A . HEM B 2 .   ? 0.199   -7.021  7.329   1.00 6.19  ? 155 HEM A C2A 1 
HETATM 1146 C  C3A . HEM B 2 .   ? 1.045   -6.409  6.480   1.00 7.35  ? 155 HEM A C3A 1 
HETATM 1147 C  C4A . HEM B 2 .   ? 0.137   -5.750  5.556   1.00 17.24 ? 155 HEM A C4A 1 
HETATM 1148 C  CMA . HEM B 2 .   ? 2.607   -6.221  6.446   1.00 5.85  ? 155 HEM A CMA 1 
HETATM 1149 C  CAA . HEM B 2 .   ? 0.461   -7.920  8.545   1.00 17.84 ? 155 HEM A CAA 1 
HETATM 1150 C  CBA . HEM B 2 .   ? 1.285   -9.169  8.202   1.00 24.18 ? 155 HEM A CBA 1 
HETATM 1151 C  CGA . HEM B 2 .   ? 0.483   -10.173 7.422   1.00 18.18 ? 155 HEM A CGA 1 
HETATM 1152 O  O1A . HEM B 2 .   ? -0.595  -10.591 7.932   1.00 24.81 ? 155 HEM A O1A 1 
HETATM 1153 O  O2A . HEM B 2 .   ? 0.964   -10.533 6.337   1.00 36.93 ? 155 HEM A O2A 1 
HETATM 1154 C  C1B . HEM B 2 .   ? -0.172  -4.800  3.338   1.00 20.51 ? 155 HEM A C1B 1 
HETATM 1155 C  C2B . HEM B 2 .   ? 0.282   -4.248  2.039   1.00 10.88 ? 155 HEM A C2B 1 
HETATM 1156 C  C3B . HEM B 2 .   ? -0.811  -3.905  1.338   1.00 9.85  ? 155 HEM A C3B 1 
HETATM 1157 C  C4B . HEM B 2 .   ? -1.933  -4.494  2.025   1.00 16.97 ? 155 HEM A C4B 1 
HETATM 1158 C  CMB . HEM B 2 .   ? 1.735   -3.857  1.612   1.00 15.99 ? 155 HEM A CMB 1 
HETATM 1159 C  CAB . HEM B 2 .   ? -0.828  -2.860  0.186   1.00 12.34 ? 155 HEM A CAB 1 
HETATM 1160 C  CBB . HEM B 2 .   ? -0.636  -3.244  -0.994  1.00 67.42 ? 155 HEM A CBB 1 
HETATM 1161 C  C1C . HEM B 2 .   ? -4.378  -4.645  2.238   1.00 17.32 ? 155 HEM A C1C 1 
HETATM 1162 C  C2C . HEM B 2 .   ? -5.724  -4.199  1.947   1.00 14.79 ? 155 HEM A C2C 1 
HETATM 1163 C  C3C . HEM B 2 .   ? -6.503  -4.802  2.873   1.00 10.38 ? 155 HEM A C3C 1 
HETATM 1164 C  C4C . HEM B 2 .   ? -5.667  -5.454  3.874   1.00 22.38 ? 155 HEM A C4C 1 
HETATM 1165 C  CMC . HEM B 2 .   ? -6.225  -3.339  0.774   1.00 4.88  ? 155 HEM A CMC 1 
HETATM 1166 C  CAC . HEM B 2 .   ? -8.023  -4.817  2.835   1.00 8.84  ? 155 HEM A CAC 1 
HETATM 1167 C  CBC . HEM B 2 .   ? -8.676  -4.134  3.745   1.00 55.79 ? 155 HEM A CBC 1 
HETATM 1168 C  C1D . HEM B 2 .   ? -5.220  -6.666  6.004   1.00 13.91 ? 155 HEM A C1D 1 
HETATM 1169 C  C2D . HEM B 2 .   ? -5.743  -7.379  7.185   1.00 12.96 ? 155 HEM A C2D 1 
HETATM 1170 C  C3D . HEM B 2 .   ? -4.702  -7.668  7.944   1.00 14.31 ? 155 HEM A C3D 1 
HETATM 1171 C  C4D . HEM B 2 .   ? -3.477  -7.306  7.203   1.00 14.70 ? 155 HEM A C4D 1 
HETATM 1172 C  CMD . HEM B 2 .   ? -7.225  -7.768  7.443   1.00 16.29 ? 155 HEM A CMD 1 
HETATM 1173 C  CAD . HEM B 2 .   ? -4.833  -8.243  9.364   1.00 18.88 ? 155 HEM A CAD 1 
HETATM 1174 C  CBD . HEM B 2 .   ? -4.540  -7.212  10.462  1.00 16.66 ? 155 HEM A CBD 1 
HETATM 1175 C  CGD . HEM B 2 .   ? -4.668  -7.850  11.812  1.00 17.45 ? 155 HEM A CGD 1 
HETATM 1176 O  O1D . HEM B 2 .   ? -5.368  -7.253  12.610  1.00 22.04 ? 155 HEM A O1D 1 
HETATM 1177 O  O2D . HEM B 2 .   ? -4.320  -9.036  11.976  1.00 54.73 ? 155 HEM A O2D 1 
HETATM 1178 N  NA  . HEM B 2 .   ? -1.136  -6.258  5.739   1.00 14.76 ? 155 HEM A NA  1 
HETATM 1179 N  NB  . HEM B 2 .   ? -1.513  -4.964  3.303   1.00 6.47  ? 155 HEM A NB  1 
HETATM 1180 N  NC  . HEM B 2 .   ? -4.377  -5.335  3.480   1.00 5.70  ? 155 HEM A NC  1 
HETATM 1181 N  ND  . HEM B 2 .   ? -3.830  -6.710  6.017   1.00 17.34 ? 155 HEM A ND  1 
HETATM 1182 FE FE  . HEM B 2 .   ? -2.742  -5.823  4.685   1.00 15.53 ? 155 HEM A FE  1 
HETATM 1183 O  O   . HOH C 3 .   ? 10.664  2.142   4.201   1.00 17.84 ? 201 HOH A O   1 
HETATM 1184 O  O   . HOH C 3 .   ? -7.853  -11.529 8.970   1.00 30.62 ? 202 HOH A O   1 
HETATM 1185 O  O   . HOH C 3 .   ? 16.650  2.279   6.285   1.00 30.96 ? 203 HOH A O   1 
HETATM 1186 O  O   . HOH C 3 .   ? -8.275  -6.663  11.894  1.00 27.24 ? 204 HOH A O   1 
HETATM 1187 O  O   . HOH C 3 .   ? 8.046   7.979   -15.490 1.00 22.77 ? 205 HOH A O   1 
HETATM 1188 O  O   . HOH C 3 .   ? 6.499   5.505   -16.336 1.00 25.22 ? 206 HOH A O   1 
HETATM 1189 O  O   . HOH C 3 .   ? 20.160  4.579   -8.218  1.00 21.56 ? 209 HOH A O   1 
HETATM 1190 O  O   . HOH C 3 .   ? 9.198   -4.037  -6.137  1.00 16.05 ? 213 HOH A O   1 
HETATM 1191 O  O   . HOH C 3 .   ? 10.844  -0.644  4.652   1.00 20.19 ? 214 HOH A O   1 
HETATM 1192 O  O   . HOH C 3 .   ? -12.427 -1.747  16.840  1.00 47.45 ? 216 HOH A O   1 
HETATM 1193 O  O   . HOH C 3 .   ? 14.333  4.326   -1.053  1.00 34.53 ? 218 HOH A O   1 
HETATM 1194 O  O   . HOH C 3 .   ? -0.877  1.733   -9.401  1.00 41.91 ? 221 HOH A O   1 
HETATM 1195 O  O   . HOH C 3 .   ? 15.400  8.933   -13.425 1.00 29.18 ? 224 HOH A O   1 
HETATM 1196 O  O   . HOH C 3 .   ? 14.427  -4.827  0.286   1.00 31.69 ? 225 HOH A O   1 
HETATM 1197 O  O   . HOH C 3 .   ? 2.814   -15.160 5.640   1.00 27.27 ? 226 HOH A O   1 
HETATM 1198 O  O   . HOH C 3 .   ? 5.413   18.023  -13.071 1.00 42.83 ? 227 HOH A O   1 
HETATM 1199 O  O   . HOH C 3 .   ? 3.461   -1.547  -14.571 1.00 40.67 ? 228 HOH A O   1 
HETATM 1200 O  O   . HOH C 3 .   ? 9.056   14.567  -11.055 1.00 35.87 ? 229 HOH A O   1 
HETATM 1201 O  O   . HOH C 3 .   ? 6.645   -3.713  -7.276  1.00 25.82 ? 230 HOH A O   1 
HETATM 1202 O  O   . HOH C 3 .   ? 15.256  -0.147  5.640   1.00 33.39 ? 231 HOH A O   1 
HETATM 1203 O  O   . HOH C 3 .   ? 0.173   -16.591 6.438   1.00 39.05 ? 232 HOH A O   1 
HETATM 1204 O  O   . HOH C 3 .   ? 16.642  -8.666  -12.582 1.00 29.77 ? 234 HOH A O   1 
HETATM 1205 O  O   . HOH C 3 .   ? 13.936  10.756  -16.025 1.00 39.66 ? 237 HOH A O   1 
HETATM 1206 O  O   . HOH C 3 .   ? 5.332   19.077  -10.393 1.00 56.34 ? 238 HOH A O   1 
HETATM 1207 O  O   . HOH C 3 .   ? -1.234  15.638  -7.935  1.00 55.46 ? 240 HOH A O   1 
HETATM 1208 O  O   . HOH C 3 .   ? 16.449  4.081   4.092   1.00 33.71 ? 245 HOH A O   1 
HETATM 1209 O  O   . HOH C 3 .   ? 17.815  0.688   2.034   1.00 42.79 ? 249 HOH A O   1 
HETATM 1210 O  O   . HOH C 3 .   ? 18.006  11.131  -14.337 1.00 50.69 ? 250 HOH A O   1 
HETATM 1211 O  O   . HOH C 3 .   ? 10.800  14.028  9.977   1.00 34.49 ? 251 HOH A O   1 
HETATM 1212 O  O   . HOH C 3 .   ? 2.156   20.064  -6.783  1.00 44.22 ? 259 HOH A O   1 
HETATM 1213 O  O   . HOH C 3 .   ? 15.867  11.168  -2.669  1.00 54.95 ? 261 HOH A O   1 
HETATM 1214 O  O   . HOH C 3 .   ? 14.831  -3.052  2.527   1.00 56.41 ? 263 HOH A O   1 
HETATM 1215 O  O   . HOH C 3 .   ? 15.084  11.926  3.028   1.00 34.08 ? 267 HOH A O   1 
HETATM 1216 O  O   . HOH C 3 .   ? 14.066  16.102  0.928   1.00 61.09 ? 269 HOH A O   1 
HETATM 1217 O  O   . HOH C 3 .   ? 10.426  -11.025 -8.568  1.00 41.02 ? 271 HOH A O   1 
HETATM 1218 O  O   . HOH C 3 .   ? 0.119   15.243  9.169   1.00 80.00 ? 282 HOH A O   1 
HETATM 1219 O  O   . HOH C 3 .   ? -9.540  -9.004  10.463  1.00 47.47 ? 283 HOH A O   1 
HETATM 1220 O  O   . HOH C 3 .   ? 16.844  12.321  0.449   1.00 80.00 ? 285 HOH A O   1 
HETATM 1221 O  O   . HOH C 3 .   ? -3.255  8.977   -11.314 1.00 59.64 ? 287 HOH A O   1 
HETATM 1222 O  O   . HOH C 3 .   ? -16.215 -7.855  5.033   1.00 52.62 ? 289 HOH A O   1 
HETATM 1223 O  O   . HOH C 3 .   ? 19.395  -1.857  -5.492  1.00 62.38 ? 291 HOH A O   1 
HETATM 1224 O  O   . HOH C 3 .   ? 4.941   -3.872  -15.197 1.00 47.77 ? 297 HOH A O   1 
HETATM 1225 O  O   . HOH C 3 .   ? 17.006  2.523   -17.464 1.00 73.05 ? 299 HOH A O   1 
HETATM 1226 O  O   . HOH C 3 .   ? -3.596  -17.397 12.769  1.00 43.61 ? 301 HOH A O   1 
HETATM 1227 O  O   . HOH C 3 .   ? 5.953   -19.318 -6.792  1.00 77.49 ? 302 HOH A O   1 
HETATM 1228 O  O   . HOH C 3 .   ? 0.350   -3.911  12.874  1.00 47.28 ? 307 HOH A O   1 
HETATM 1229 O  O   . HOH C 3 .   ? 31.040  40.276  22.105  1.00 47.08 ? 312 HOH A O   1 
HETATM 1230 O  O   . HOH C 3 .   ? -1.032  10.867  -10.092 1.00 47.04 ? 315 HOH A O   1 
HETATM 1231 O  O   . HOH C 3 .   ? -21.264 3.424   19.245  1.00 78.53 ? 316 HOH A O   1 
HETATM 1232 O  O   . HOH C 3 .   ? 18.310  -3.615  -12.315 1.00 51.77 ? 318 HOH A O   1 
HETATM 1233 O  O   . HOH C 3 .   ? 21.890  -4.813  -10.529 1.00 72.46 ? 323 HOH A O   1 
HETATM 1234 O  O   . HOH C 3 .   ? -3.210  6.183   -8.914  1.00 42.45 ? 325 HOH A O   1 
HETATM 1235 O  O   . HOH C 3 .   ? 16.882  0.877   -1.840  1.00 52.81 ? 326 HOH A O   1 
HETATM 1236 O  O   . HOH C 3 .   ? -3.357  -4.053  5.402   1.00 35.00 ? 328 HOH A O   1 
HETATM 1237 O  O   . HOH C 3 .   ? -4.796  6.697   13.596  1.00 35.54 ? 329 HOH A O   1 
HETATM 1238 O  O   . HOH C 3 .   ? 15.158  -4.798  -11.059 1.00 42.06 ? 330 HOH A O   1 
HETATM 1239 O  O   . HOH C 3 .   ? -16.840 7.520   4.680   1.00 41.06 ? 331 HOH A O   1 
HETATM 1240 O  O   . HOH C 3 .   ? 1.529   -22.405 -2.465  1.00 42.68 ? 332 HOH A O   1 
HETATM 1241 O  O   . HOH C 3 .   ? 15.151  8.620   3.998   1.00 36.53 ? 333 HOH A O   1 
HETATM 1242 O  O   . HOH C 3 .   ? 11.114  14.607  -8.971  1.00 40.95 ? 334 HOH A O   1 
HETATM 1243 O  O   . HOH C 3 .   ? 4.032   3.122   14.224  1.00 31.92 ? 335 HOH A O   1 
HETATM 1244 O  O   . HOH C 3 .   ? -7.059  2.069   19.480  1.00 48.57 ? 336 HOH A O   1 
HETATM 1245 O  O   . HOH C 3 .   ? 5.655   -4.676  7.784   1.00 40.87 ? 337 HOH A O   1 
# 
